data_2LRC
#
_entry.id   2LRC
#
_entity_poly.entity_id   1
_entity_poly.type   'polypeptide(L)'
_entity_poly.pdbx_seq_one_letter_code
;MKTRYSAEAPARDELDRLAGPTLVEFGTDWCGHCQAAQPLLAEVFSDYPEVGHLKVEDGPGRRLGRSFQVKLWPTFVFLR
DGREVARVVRPGSASVLEEAFESLVGEGHHHHHH
;
_entity_poly.pdbx_strand_id   A
#
# COMPACT_ATOMS: atom_id res chain seq x y z
N MET A 1 -5.70 -1.49 -12.42
CA MET A 1 -6.74 -1.03 -11.51
C MET A 1 -7.58 0.11 -12.13
N LYS A 2 -8.89 0.09 -11.90
CA LYS A 2 -9.85 1.02 -12.55
C LYS A 2 -9.90 2.44 -11.96
N THR A 3 -9.49 2.62 -10.69
CA THR A 3 -9.46 3.92 -9.97
C THR A 3 -8.04 4.34 -9.60
N ARG A 4 -7.90 5.66 -9.47
CA ARG A 4 -6.65 6.39 -9.25
C ARG A 4 -6.38 6.63 -7.76
N TYR A 5 -5.32 7.37 -7.44
CA TYR A 5 -4.98 7.78 -6.07
C TYR A 5 -6.01 8.73 -5.43
N SER A 6 -6.05 8.76 -4.09
CA SER A 6 -6.94 9.61 -3.29
C SER A 6 -6.19 10.49 -2.29
N ALA A 7 -6.47 11.79 -2.31
CA ALA A 7 -5.96 12.78 -1.35
C ALA A 7 -6.76 12.76 -0.03
N GLU A 8 -8.00 12.28 -0.07
CA GLU A 8 -9.02 12.33 0.98
C GLU A 8 -8.81 11.25 2.07
N ALA A 9 -7.58 10.78 2.22
CA ALA A 9 -7.20 9.70 3.13
C ALA A 9 -7.42 10.04 4.63
N PRO A 10 -7.58 9.02 5.50
CA PRO A 10 -7.69 9.20 6.96
C PRO A 10 -6.38 9.67 7.59
N ALA A 11 -6.50 10.21 8.80
CA ALA A 11 -5.37 10.43 9.70
C ALA A 11 -4.92 9.09 10.34
N ARG A 12 -3.67 9.01 10.82
CA ARG A 12 -3.08 7.76 11.32
C ARG A 12 -3.83 7.17 12.53
N ASP A 13 -4.47 8.01 13.35
CA ASP A 13 -5.29 7.58 14.49
C ASP A 13 -6.71 7.14 14.06
N GLU A 14 -7.27 7.69 12.98
CA GLU A 14 -8.57 7.27 12.45
C GLU A 14 -8.44 5.92 11.71
N LEU A 15 -7.33 5.74 10.98
CA LEU A 15 -6.91 4.49 10.36
C LEU A 15 -6.75 3.35 11.39
N ASP A 16 -6.29 3.66 12.59
CA ASP A 16 -6.00 2.68 13.65
C ASP A 16 -7.28 1.99 14.18
N ARG A 17 -8.45 2.56 13.87
CA ARG A 17 -9.77 2.02 14.23
C ARG A 17 -10.31 1.00 13.21
N LEU A 18 -9.72 0.90 11.99
CA LEU A 18 -10.10 -0.14 11.02
C LEU A 18 -9.72 -1.54 11.51
N ALA A 19 -10.31 -2.59 10.91
CA ALA A 19 -9.95 -3.99 11.20
C ALA A 19 -10.13 -4.88 9.96
N GLY A 20 -9.03 -5.51 9.54
CA GLY A 20 -8.93 -6.44 8.41
C GLY A 20 -7.59 -6.32 7.65
N PRO A 21 -7.24 -7.29 6.78
CA PRO A 21 -6.00 -7.25 6.01
C PRO A 21 -6.09 -6.12 4.96
N THR A 22 -5.33 -5.05 5.19
CA THR A 22 -5.43 -3.78 4.45
C THR A 22 -4.04 -3.27 4.12
N LEU A 23 -3.71 -3.20 2.84
CA LEU A 23 -2.49 -2.59 2.35
C LEU A 23 -2.71 -1.08 2.17
N VAL A 24 -1.87 -0.25 2.79
CA VAL A 24 -1.90 1.22 2.64
C VAL A 24 -0.69 1.65 1.83
N GLU A 25 -0.94 2.20 0.65
CA GLU A 25 0.04 2.59 -0.36
C GLU A 25 0.21 4.11 -0.44
N PHE A 26 1.47 4.57 -0.33
CA PHE A 26 1.84 5.99 -0.44
C PHE A 26 2.48 6.26 -1.82
N GLY A 27 2.09 7.37 -2.42
CA GLY A 27 2.56 7.78 -3.75
C GLY A 27 1.62 8.81 -4.37
N THR A 28 1.52 8.81 -5.71
CA THR A 28 0.53 9.55 -6.52
C THR A 28 0.18 8.75 -7.77
N ASP A 29 -0.76 9.22 -8.59
CA ASP A 29 -1.06 8.56 -9.87
C ASP A 29 -0.09 8.97 -11.00
N TRP A 30 0.84 9.89 -10.72
CA TRP A 30 1.62 10.62 -11.72
C TRP A 30 3.15 10.61 -11.52
N CYS A 31 3.68 10.20 -10.36
CA CYS A 31 5.13 10.04 -10.16
C CYS A 31 5.68 8.84 -10.95
N GLY A 32 6.91 8.96 -11.47
CA GLY A 32 7.63 7.91 -12.19
C GLY A 32 7.96 6.69 -11.32
N HIS A 33 8.03 6.83 -9.99
CA HIS A 33 8.06 5.70 -9.08
C HIS A 33 6.77 4.88 -9.18
N CYS A 34 5.63 5.58 -9.11
CA CYS A 34 4.31 4.97 -9.18
C CYS A 34 4.02 4.33 -10.52
N GLN A 35 4.52 4.87 -11.63
CA GLN A 35 4.25 4.28 -12.95
C GLN A 35 4.87 2.87 -13.09
N ALA A 36 5.87 2.57 -12.26
CA ALA A 36 6.52 1.27 -12.12
C ALA A 36 5.86 0.39 -11.05
N ALA A 37 5.46 0.96 -9.90
CA ALA A 37 4.91 0.20 -8.78
C ALA A 37 3.40 -0.11 -8.93
N GLN A 38 2.64 0.77 -9.59
CA GLN A 38 1.21 0.57 -9.85
C GLN A 38 0.91 -0.70 -10.66
N PRO A 39 1.52 -0.95 -11.84
CA PRO A 39 1.35 -2.20 -12.57
C PRO A 39 1.98 -3.39 -11.84
N LEU A 40 2.90 -3.15 -10.89
CA LEU A 40 3.46 -4.20 -10.04
C LEU A 40 2.36 -4.74 -9.13
N LEU A 41 1.72 -3.83 -8.35
CA LEU A 41 0.59 -4.15 -7.47
C LEU A 41 -0.50 -4.80 -8.30
N ALA A 42 -0.88 -4.22 -9.43
CA ALA A 42 -1.92 -4.77 -10.32
C ALA A 42 -1.67 -6.25 -10.72
N GLU A 43 -0.42 -6.63 -10.96
CA GLU A 43 -0.04 -8.02 -11.27
C GLU A 43 -0.18 -8.95 -10.06
N VAL A 44 0.35 -8.56 -8.88
CA VAL A 44 0.25 -9.38 -7.66
C VAL A 44 -1.20 -9.48 -7.15
N PHE A 45 -1.91 -8.35 -7.04
CA PHE A 45 -3.26 -8.24 -6.44
C PHE A 45 -4.33 -9.07 -7.16
N SER A 46 -4.12 -9.39 -8.44
CA SER A 46 -5.03 -10.25 -9.22
C SER A 46 -5.19 -11.66 -8.64
N ASP A 47 -4.28 -12.11 -7.77
CA ASP A 47 -4.35 -13.39 -7.05
C ASP A 47 -4.80 -13.25 -5.58
N TYR A 48 -4.94 -12.03 -5.07
CA TYR A 48 -5.30 -11.71 -3.67
C TYR A 48 -6.44 -10.65 -3.50
N PRO A 49 -7.56 -10.72 -4.26
CA PRO A 49 -8.60 -9.69 -4.27
C PRO A 49 -9.32 -9.50 -2.92
N GLU A 50 -9.17 -10.42 -1.95
CA GLU A 50 -9.70 -10.27 -0.59
C GLU A 50 -8.90 -9.27 0.28
N VAL A 51 -7.69 -8.86 -0.12
CA VAL A 51 -6.91 -7.81 0.58
C VAL A 51 -7.50 -6.42 0.23
N GLY A 52 -7.52 -5.49 1.18
CA GLY A 52 -7.92 -4.09 0.94
C GLY A 52 -6.75 -3.25 0.41
N HIS A 53 -6.99 -2.24 -0.42
CA HIS A 53 -5.93 -1.31 -0.87
C HIS A 53 -6.37 0.15 -0.75
N LEU A 54 -5.53 0.99 -0.12
CA LEU A 54 -5.77 2.41 0.09
C LEU A 54 -4.64 3.22 -0.56
N LYS A 55 -4.94 3.89 -1.68
CA LYS A 55 -3.98 4.70 -2.45
C LYS A 55 -3.90 6.14 -1.91
N VAL A 56 -2.94 6.44 -1.04
CA VAL A 56 -2.81 7.77 -0.37
C VAL A 56 -1.92 8.70 -1.18
N GLU A 57 -2.55 9.78 -1.67
CA GLU A 57 -1.93 10.77 -2.53
C GLU A 57 -1.09 11.77 -1.71
N ASP A 58 0.20 11.47 -1.58
CA ASP A 58 1.11 12.11 -0.61
C ASP A 58 1.52 13.56 -0.97
N GLY A 59 1.18 14.01 -2.17
CA GLY A 59 1.38 15.40 -2.63
C GLY A 59 0.29 16.34 -2.07
N PRO A 60 -0.95 16.26 -2.57
CA PRO A 60 -2.06 17.14 -2.18
C PRO A 60 -2.79 16.71 -0.90
N GLY A 61 -2.70 15.42 -0.51
CA GLY A 61 -3.42 14.84 0.61
C GLY A 61 -2.64 14.79 1.93
N ARG A 62 -3.17 14.02 2.88
CA ARG A 62 -2.52 13.78 4.19
C ARG A 62 -1.15 13.11 4.02
N ARG A 63 -0.14 13.59 4.75
CA ARG A 63 1.24 13.11 4.74
C ARG A 63 1.43 11.81 5.56
N LEU A 64 0.61 10.79 5.29
CA LEU A 64 0.48 9.59 6.12
C LEU A 64 1.80 8.81 6.26
N GLY A 65 2.62 8.75 5.20
CA GLY A 65 3.92 8.07 5.19
C GLY A 65 4.96 8.63 6.17
N ARG A 66 4.80 9.88 6.62
CA ARG A 66 5.56 10.47 7.73
C ARG A 66 5.30 9.68 9.03
N SER A 67 4.05 9.42 9.36
CA SER A 67 3.62 8.78 10.61
C SER A 67 3.75 7.24 10.57
N PHE A 68 4.02 6.67 9.38
CA PHE A 68 4.57 5.32 9.24
C PHE A 68 6.11 5.29 9.25
N GLN A 69 6.78 6.44 9.19
CA GLN A 69 8.24 6.60 9.15
C GLN A 69 8.82 5.86 7.92
N VAL A 70 8.23 6.11 6.76
CA VAL A 70 8.59 5.54 5.45
C VAL A 70 10.04 5.87 5.06
N LYS A 71 10.76 4.87 4.52
CA LYS A 71 12.18 4.97 4.13
C LYS A 71 12.37 5.54 2.71
N LEU A 72 11.88 4.83 1.68
CA LEU A 72 11.79 5.34 0.30
C LEU A 72 10.32 5.61 -0.04
N TRP A 73 10.07 6.68 -0.78
CA TRP A 73 8.72 7.22 -1.02
C TRP A 73 7.69 6.20 -1.59
N PRO A 74 8.02 5.37 -2.61
CA PRO A 74 7.12 4.31 -3.07
C PRO A 74 7.17 3.13 -2.08
N THR A 75 6.29 3.17 -1.08
CA THR A 75 6.16 2.19 -0.02
C THR A 75 4.68 1.91 0.22
N PHE A 76 4.41 0.67 0.59
CA PHE A 76 3.08 0.22 0.99
C PHE A 76 3.19 -0.68 2.22
N VAL A 77 2.43 -0.34 3.27
CA VAL A 77 2.45 -0.97 4.60
C VAL A 77 1.25 -1.90 4.71
N PHE A 78 1.53 -3.20 4.92
CA PHE A 78 0.51 -4.23 5.09
C PHE A 78 0.03 -4.16 6.54
N LEU A 79 -1.24 -3.82 6.72
CA LEU A 79 -1.92 -3.82 8.01
C LEU A 79 -2.77 -5.08 8.16
N ARG A 80 -3.11 -5.34 9.41
CA ARG A 80 -4.09 -6.31 9.89
C ARG A 80 -4.53 -5.85 11.28
N ASP A 81 -5.84 -5.90 11.57
CA ASP A 81 -6.46 -5.26 12.77
C ASP A 81 -6.31 -3.71 12.78
N GLY A 82 -5.93 -3.11 11.64
CA GLY A 82 -5.62 -1.68 11.50
C GLY A 82 -4.21 -1.30 11.99
N ARG A 83 -3.30 -2.27 12.15
CA ARG A 83 -1.93 -2.08 12.61
C ARG A 83 -0.95 -2.85 11.73
N GLU A 84 0.27 -2.34 11.59
CA GLU A 84 1.30 -2.91 10.72
C GLU A 84 1.69 -4.35 11.09
N VAL A 85 1.62 -5.24 10.10
CA VAL A 85 2.18 -6.61 10.12
C VAL A 85 3.45 -6.75 9.29
N ALA A 86 3.65 -5.84 8.32
CA ALA A 86 4.78 -5.79 7.39
C ALA A 86 4.71 -4.51 6.55
N ARG A 87 5.71 -4.31 5.68
CA ARG A 87 5.67 -3.37 4.57
C ARG A 87 6.61 -3.80 3.44
N VAL A 88 6.34 -3.33 2.23
CA VAL A 88 7.25 -3.47 1.08
C VAL A 88 7.70 -2.07 0.66
N VAL A 89 9.02 -1.87 0.60
CA VAL A 89 9.67 -0.63 0.15
C VAL A 89 10.41 -0.95 -1.16
N ARG A 90 10.14 -0.19 -2.24
CA ARG A 90 10.77 -0.34 -3.57
C ARG A 90 10.64 -1.79 -4.13
N PRO A 91 9.49 -2.18 -4.74
CA PRO A 91 9.22 -3.57 -5.12
C PRO A 91 10.18 -4.12 -6.17
N GLY A 92 10.40 -3.41 -7.29
CA GLY A 92 11.35 -3.77 -8.35
C GLY A 92 10.84 -4.88 -9.26
N SER A 93 10.43 -6.02 -8.71
CA SER A 93 9.96 -7.22 -9.42
C SER A 93 8.83 -7.93 -8.65
N ALA A 94 7.85 -8.49 -9.36
CA ALA A 94 6.70 -9.19 -8.78
C ALA A 94 7.10 -10.34 -7.85
N SER A 95 8.26 -10.96 -8.05
CA SER A 95 8.83 -11.95 -7.14
C SER A 95 9.03 -11.43 -5.70
N VAL A 96 9.27 -10.13 -5.50
CA VAL A 96 9.38 -9.49 -4.17
C VAL A 96 7.99 -9.13 -3.64
N LEU A 97 7.12 -8.60 -4.49
CA LEU A 97 5.79 -8.14 -4.08
C LEU A 97 4.85 -9.31 -3.77
N GLU A 98 4.77 -10.31 -4.66
CA GLU A 98 4.00 -11.53 -4.46
C GLU A 98 4.43 -12.28 -3.19
N GLU A 99 5.74 -12.41 -2.95
CA GLU A 99 6.31 -13.07 -1.76
C GLU A 99 5.81 -12.43 -0.45
N ALA A 100 5.65 -11.11 -0.43
CA ALA A 100 5.06 -10.43 0.71
C ALA A 100 3.53 -10.64 0.76
N PHE A 101 2.82 -10.58 -0.37
CA PHE A 101 1.37 -10.68 -0.39
C PHE A 101 0.90 -12.02 0.18
N GLU A 102 1.48 -13.14 -0.29
CA GLU A 102 1.18 -14.47 0.27
C GLU A 102 1.53 -14.57 1.75
N SER A 103 2.60 -13.92 2.20
CA SER A 103 3.01 -13.95 3.61
C SER A 103 2.02 -13.21 4.54
N LEU A 104 1.37 -12.13 4.04
CA LEU A 104 0.48 -11.30 4.86
C LEU A 104 -1.00 -11.65 4.65
N VAL A 105 -1.37 -12.25 3.52
CA VAL A 105 -2.72 -12.82 3.29
C VAL A 105 -2.93 -14.11 4.09
N GLY A 106 -1.84 -14.81 4.45
CA GLY A 106 -1.83 -16.06 5.21
C GLY A 106 -1.67 -17.34 4.36
N GLU A 107 -1.26 -17.20 3.10
CA GLU A 107 -0.98 -18.29 2.14
C GLU A 107 0.52 -18.60 2.05
N GLY A 108 1.34 -18.09 2.97
CA GLY A 108 2.81 -18.04 2.89
C GLY A 108 3.46 -19.42 2.74
N MET A 1 -9.58 -2.16 -8.36
CA MET A 1 -8.21 -1.67 -8.49
C MET A 1 -8.05 -0.56 -9.55
N LYS A 2 -8.97 -0.46 -10.52
CA LYS A 2 -8.91 0.43 -11.69
C LYS A 2 -8.99 1.95 -11.36
N THR A 3 -9.50 2.30 -10.17
CA THR A 3 -9.68 3.68 -9.67
C THR A 3 -8.37 4.43 -9.47
N ARG A 4 -8.45 5.75 -9.45
CA ARG A 4 -7.33 6.68 -9.22
C ARG A 4 -7.02 6.80 -7.71
N TYR A 5 -5.90 7.42 -7.37
CA TYR A 5 -5.53 7.74 -5.99
C TYR A 5 -6.50 8.68 -5.26
N SER A 6 -6.56 8.57 -3.93
CA SER A 6 -7.47 9.33 -3.07
C SER A 6 -6.73 10.33 -2.16
N ALA A 7 -6.95 11.63 -2.37
CA ALA A 7 -6.44 12.70 -1.51
C ALA A 7 -7.24 12.84 -0.19
N GLU A 8 -8.48 12.37 -0.16
CA GLU A 8 -9.39 12.35 0.98
C GLU A 8 -9.19 11.14 1.92
N ALA A 9 -8.01 10.52 1.90
CA ALA A 9 -7.66 9.38 2.76
C ALA A 9 -7.71 9.73 4.26
N PRO A 10 -7.93 8.74 5.14
CA PRO A 10 -8.01 8.91 6.59
C PRO A 10 -6.68 9.34 7.21
N ALA A 11 -6.76 9.91 8.41
CA ALA A 11 -5.62 10.02 9.34
C ALA A 11 -5.31 8.66 9.99
N ARG A 12 -4.10 8.48 10.52
CA ARG A 12 -3.68 7.16 11.07
C ARG A 12 -4.50 6.72 12.30
N ASP A 13 -5.06 7.67 13.05
CA ASP A 13 -6.00 7.42 14.15
C ASP A 13 -7.41 6.96 13.68
N GLU A 14 -7.81 7.34 12.46
CA GLU A 14 -9.06 6.91 11.82
C GLU A 14 -8.86 5.58 11.07
N LEU A 15 -7.67 5.35 10.52
CA LEU A 15 -7.20 4.12 9.91
C LEU A 15 -7.16 2.97 10.92
N ASP A 16 -6.80 3.24 12.18
CA ASP A 16 -6.77 2.29 13.29
C ASP A 16 -8.15 1.67 13.62
N ARG A 17 -9.24 2.26 13.11
CA ARG A 17 -10.59 1.69 13.17
C ARG A 17 -10.80 0.50 12.21
N LEU A 18 -9.93 0.32 11.21
CA LEU A 18 -10.01 -0.86 10.31
C LEU A 18 -9.61 -2.16 11.04
N ALA A 19 -10.02 -3.32 10.51
CA ALA A 19 -9.77 -4.64 11.12
C ALA A 19 -9.32 -5.74 10.13
N GLY A 20 -9.66 -5.63 8.84
CA GLY A 20 -9.35 -6.66 7.84
C GLY A 20 -7.90 -6.58 7.32
N PRO A 21 -7.45 -7.56 6.52
CA PRO A 21 -6.17 -7.49 5.81
C PRO A 21 -6.26 -6.38 4.75
N THR A 22 -5.54 -5.29 4.96
CA THR A 22 -5.59 -4.07 4.11
C THR A 22 -4.19 -3.56 3.87
N LEU A 23 -3.79 -3.47 2.61
CA LEU A 23 -2.58 -2.76 2.20
C LEU A 23 -2.89 -1.25 2.06
N VAL A 24 -2.03 -0.40 2.59
CA VAL A 24 -2.11 1.07 2.47
C VAL A 24 -0.92 1.59 1.69
N GLU A 25 -1.17 2.15 0.50
CA GLU A 25 -0.18 2.60 -0.49
C GLU A 25 -0.13 4.12 -0.57
N PHE A 26 1.09 4.69 -0.52
CA PHE A 26 1.35 6.12 -0.72
C PHE A 26 1.94 6.35 -2.12
N GLY A 27 1.35 7.28 -2.87
CA GLY A 27 1.77 7.60 -4.24
C GLY A 27 0.95 8.70 -4.91
N THR A 28 1.04 8.79 -6.24
CA THR A 28 0.27 9.71 -7.11
C THR A 28 0.00 9.04 -8.45
N ASP A 29 -0.84 9.69 -9.27
CA ASP A 29 -1.16 9.22 -10.63
C ASP A 29 0.00 9.50 -11.62
N TRP A 30 1.02 10.26 -11.20
CA TRP A 30 1.96 10.94 -12.09
C TRP A 30 3.46 10.73 -11.76
N CYS A 31 3.84 10.24 -10.58
CA CYS A 31 5.23 9.88 -10.28
C CYS A 31 5.71 8.71 -11.16
N GLY A 32 6.97 8.76 -11.62
CA GLY A 32 7.60 7.69 -12.41
C GLY A 32 7.89 6.44 -11.59
N HIS A 33 7.96 6.51 -10.26
CA HIS A 33 7.93 5.31 -9.42
C HIS A 33 6.54 4.65 -9.49
N CYS A 34 5.48 5.46 -9.35
CA CYS A 34 4.10 5.02 -9.41
C CYS A 34 3.72 4.39 -10.75
N GLN A 35 4.25 4.87 -11.87
CA GLN A 35 3.93 4.29 -13.17
C GLN A 35 4.44 2.84 -13.30
N ALA A 36 5.45 2.49 -12.52
CA ALA A 36 6.04 1.16 -12.44
C ALA A 36 5.40 0.30 -11.33
N ALA A 37 5.08 0.90 -10.17
CA ALA A 37 4.56 0.18 -9.01
C ALA A 37 3.04 -0.08 -9.12
N GLN A 38 2.28 0.78 -9.78
CA GLN A 38 0.84 0.59 -9.97
C GLN A 38 0.49 -0.72 -10.71
N PRO A 39 1.04 -1.01 -11.92
CA PRO A 39 0.80 -2.28 -12.59
C PRO A 39 1.45 -3.46 -11.85
N LEU A 40 2.42 -3.19 -10.96
CA LEU A 40 3.03 -4.22 -10.10
C LEU A 40 1.98 -4.73 -9.12
N LEU A 41 1.41 -3.81 -8.32
CA LEU A 41 0.40 -4.10 -7.32
C LEU A 41 -0.81 -4.75 -7.99
N ALA A 42 -1.23 -4.23 -9.15
CA ALA A 42 -2.33 -4.80 -9.92
C ALA A 42 -2.11 -6.27 -10.33
N GLU A 43 -0.87 -6.64 -10.68
CA GLU A 43 -0.52 -8.02 -11.05
C GLU A 43 -0.51 -8.95 -9.82
N VAL A 44 0.11 -8.54 -8.71
CA VAL A 44 0.09 -9.34 -7.46
C VAL A 44 -1.32 -9.48 -6.87
N PHE A 45 -2.06 -8.37 -6.70
CA PHE A 45 -3.42 -8.34 -6.11
C PHE A 45 -4.42 -9.25 -6.84
N SER A 46 -4.22 -9.54 -8.13
CA SER A 46 -5.08 -10.45 -8.91
C SER A 46 -5.06 -11.90 -8.39
N ASP A 47 -4.04 -12.29 -7.60
CA ASP A 47 -3.98 -13.59 -6.91
C ASP A 47 -4.40 -13.52 -5.43
N TYR A 48 -4.62 -12.31 -4.88
CA TYR A 48 -5.02 -12.06 -3.48
C TYR A 48 -6.22 -11.10 -3.33
N PRO A 49 -7.34 -11.30 -4.07
CA PRO A 49 -8.48 -10.38 -4.09
C PRO A 49 -9.19 -10.20 -2.73
N GLU A 50 -8.95 -11.09 -1.75
CA GLU A 50 -9.48 -10.93 -0.39
C GLU A 50 -8.75 -9.87 0.45
N VAL A 51 -7.58 -9.37 -0.01
CA VAL A 51 -6.87 -8.22 0.59
C VAL A 51 -7.46 -6.92 0.03
N GLY A 52 -7.63 -5.90 0.87
CA GLY A 52 -8.07 -4.55 0.45
C GLY A 52 -6.89 -3.63 0.13
N HIS A 53 -7.10 -2.59 -0.67
CA HIS A 53 -6.07 -1.58 -1.00
C HIS A 53 -6.56 -0.15 -0.73
N LEU A 54 -5.78 0.66 -0.01
CA LEU A 54 -6.03 2.08 0.22
C LEU A 54 -4.98 2.91 -0.51
N LYS A 55 -5.36 3.48 -1.66
CA LYS A 55 -4.52 4.38 -2.46
C LYS A 55 -4.50 5.80 -1.88
N VAL A 56 -3.52 6.13 -1.05
CA VAL A 56 -3.31 7.47 -0.48
C VAL A 56 -2.58 8.34 -1.49
N GLU A 57 -3.22 9.44 -1.89
CA GLU A 57 -2.56 10.49 -2.66
C GLU A 57 -1.68 11.35 -1.75
N ASP A 58 -0.37 11.32 -1.99
CA ASP A 58 0.65 11.95 -1.14
C ASP A 58 1.34 13.13 -1.88
N GLY A 59 1.46 14.28 -1.20
CA GLY A 59 1.98 15.54 -1.78
C GLY A 59 3.16 16.13 -0.98
N PRO A 60 3.56 17.38 -1.24
CA PRO A 60 4.62 18.06 -0.50
C PRO A 60 4.32 18.15 1.00
N GLY A 61 5.33 17.86 1.85
CA GLY A 61 5.19 17.74 3.31
C GLY A 61 4.59 16.40 3.79
N ARG A 62 3.98 15.65 2.87
CA ARG A 62 3.38 14.31 3.00
C ARG A 62 2.06 14.29 3.79
N ARG A 63 1.21 13.30 3.47
CA ARG A 63 -0.01 12.95 4.20
C ARG A 63 0.28 11.76 5.14
N LEU A 64 -0.30 10.58 4.88
CA LEU A 64 -0.30 9.43 5.80
C LEU A 64 1.08 8.78 5.94
N GLY A 65 1.93 8.78 4.91
CA GLY A 65 3.25 8.12 4.92
C GLY A 65 4.25 8.72 5.92
N ARG A 66 4.06 9.99 6.33
CA ARG A 66 4.82 10.63 7.41
C ARG A 66 4.42 10.08 8.78
N SER A 67 3.13 9.78 9.00
CA SER A 67 2.64 9.16 10.22
C SER A 67 3.06 7.68 10.31
N PHE A 68 3.31 7.02 9.18
CA PHE A 68 3.96 5.70 9.07
C PHE A 68 5.51 5.77 9.12
N GLN A 69 6.10 6.97 9.10
CA GLN A 69 7.55 7.21 9.18
C GLN A 69 8.30 6.62 7.97
N VAL A 70 7.71 6.66 6.78
CA VAL A 70 8.19 5.99 5.56
C VAL A 70 9.60 6.47 5.15
N LYS A 71 10.49 5.52 4.86
CA LYS A 71 11.92 5.77 4.60
C LYS A 71 12.22 6.40 3.22
N LEU A 72 11.63 5.82 2.16
CA LEU A 72 11.72 6.33 0.78
C LEU A 72 10.45 7.16 0.48
N TRP A 73 9.75 6.93 -0.64
CA TRP A 73 8.40 7.44 -0.90
C TRP A 73 7.46 6.41 -1.55
N PRO A 74 7.83 5.69 -2.63
CA PRO A 74 6.99 4.62 -3.18
C PRO A 74 7.04 3.43 -2.23
N THR A 75 6.00 3.31 -1.40
CA THR A 75 5.95 2.41 -0.25
C THR A 75 4.49 2.09 0.05
N PHE A 76 4.26 0.85 0.50
CA PHE A 76 2.96 0.37 0.89
C PHE A 76 3.08 -0.52 2.15
N VAL A 77 2.25 -0.21 3.15
CA VAL A 77 2.26 -0.79 4.50
C VAL A 77 1.07 -1.75 4.64
N PHE A 78 1.38 -3.01 4.96
CA PHE A 78 0.38 -4.07 5.13
C PHE A 78 -0.18 -4.01 6.55
N LEU A 79 -1.48 -3.76 6.68
CA LEU A 79 -2.22 -3.72 7.94
C LEU A 79 -3.12 -4.95 8.08
N ARG A 80 -3.43 -5.27 9.34
CA ARG A 80 -4.33 -6.33 9.79
C ARG A 80 -4.67 -6.10 11.26
N ASP A 81 -5.95 -6.19 11.62
CA ASP A 81 -6.48 -5.85 12.97
C ASP A 81 -6.27 -4.37 13.34
N GLY A 82 -6.07 -3.51 12.33
CA GLY A 82 -5.81 -2.07 12.45
C GLY A 82 -4.33 -1.70 12.70
N ARG A 83 -3.49 -2.70 13.00
CA ARG A 83 -2.05 -2.55 13.20
C ARG A 83 -1.29 -2.88 11.92
N GLU A 84 -0.12 -2.29 11.73
CA GLU A 84 0.87 -2.73 10.74
C GLU A 84 1.38 -4.14 11.07
N VAL A 85 1.34 -5.04 10.09
CA VAL A 85 1.98 -6.38 10.14
C VAL A 85 3.30 -6.43 9.35
N ALA A 86 3.46 -5.56 8.36
CA ALA A 86 4.65 -5.45 7.51
C ALA A 86 4.58 -4.20 6.62
N ARG A 87 5.59 -4.01 5.78
CA ARG A 87 5.56 -3.07 4.65
C ARG A 87 6.55 -3.48 3.57
N VAL A 88 6.31 -3.01 2.35
CA VAL A 88 7.24 -3.15 1.21
C VAL A 88 7.60 -1.75 0.72
N VAL A 89 8.91 -1.50 0.62
CA VAL A 89 9.52 -0.26 0.11
C VAL A 89 10.21 -0.60 -1.22
N ARG A 90 9.97 0.21 -2.27
CA ARG A 90 10.66 0.12 -3.57
C ARG A 90 10.52 -1.28 -4.23
N PRO A 91 9.36 -1.63 -4.84
CA PRO A 91 9.15 -2.94 -5.46
C PRO A 91 10.12 -3.15 -6.64
N GLY A 92 10.90 -4.23 -6.60
CA GLY A 92 11.89 -4.56 -7.65
C GLY A 92 11.30 -5.36 -8.82
N SER A 93 10.32 -6.22 -8.54
CA SER A 93 9.60 -7.08 -9.49
C SER A 93 8.45 -7.81 -8.75
N ALA A 94 7.51 -8.40 -9.49
CA ALA A 94 6.40 -9.18 -8.93
C ALA A 94 6.89 -10.30 -8.03
N SER A 95 8.05 -10.90 -8.29
CA SER A 95 8.65 -11.92 -7.41
C SER A 95 8.96 -11.40 -5.99
N VAL A 96 9.21 -10.10 -5.81
CA VAL A 96 9.43 -9.45 -4.51
C VAL A 96 8.09 -9.03 -3.88
N LEU A 97 7.17 -8.48 -4.68
CA LEU A 97 5.88 -8.01 -4.19
C LEU A 97 4.96 -9.18 -3.81
N GLU A 98 4.80 -10.18 -4.68
CA GLU A 98 4.07 -11.41 -4.40
C GLU A 98 4.59 -12.13 -3.14
N GLU A 99 5.92 -12.23 -2.96
CA GLU A 99 6.55 -12.85 -1.78
C GLU A 99 6.10 -12.22 -0.46
N ALA A 100 5.95 -10.89 -0.43
CA ALA A 100 5.38 -10.20 0.73
C ALA A 100 3.87 -10.40 0.83
N PHE A 101 3.13 -10.40 -0.28
CA PHE A 101 1.67 -10.56 -0.26
C PHE A 101 1.28 -11.91 0.33
N GLU A 102 1.86 -13.02 -0.16
CA GLU A 102 1.61 -14.34 0.40
C GLU A 102 2.01 -14.44 1.88
N SER A 103 3.08 -13.76 2.26
CA SER A 103 3.56 -13.72 3.64
C SER A 103 2.62 -12.98 4.61
N LEU A 104 1.81 -12.03 4.12
CA LEU A 104 0.86 -11.25 4.93
C LEU A 104 -0.60 -11.69 4.73
N VAL A 105 -0.93 -12.36 3.63
CA VAL A 105 -2.23 -13.01 3.43
C VAL A 105 -2.36 -14.30 4.26
N GLY A 106 -1.21 -14.92 4.60
CA GLY A 106 -1.12 -16.18 5.36
C GLY A 106 -0.88 -17.44 4.50
N GLU A 107 -0.52 -17.27 3.22
CA GLU A 107 -0.24 -18.36 2.27
C GLU A 107 1.27 -18.70 2.19
N GLY A 108 2.16 -17.84 2.69
CA GLY A 108 3.61 -18.00 2.61
C GLY A 108 4.15 -19.12 3.52
N MET A 1 -10.32 -2.50 -8.92
CA MET A 1 -9.26 -1.90 -8.11
C MET A 1 -8.34 -0.96 -8.91
N LYS A 2 -8.54 -0.85 -10.23
CA LYS A 2 -7.68 -0.12 -11.19
C LYS A 2 -7.77 1.43 -11.10
N THR A 3 -8.63 1.96 -10.22
CA THR A 3 -8.88 3.40 -9.95
C THR A 3 -7.61 4.13 -9.52
N ARG A 4 -7.51 5.43 -9.84
CA ARG A 4 -6.36 6.28 -9.52
C ARG A 4 -6.22 6.57 -8.02
N TYR A 5 -5.09 7.19 -7.63
CA TYR A 5 -4.83 7.61 -6.24
C TYR A 5 -5.85 8.59 -5.65
N SER A 6 -5.98 8.60 -4.31
CA SER A 6 -6.95 9.42 -3.57
C SER A 6 -6.29 10.34 -2.53
N ALA A 7 -6.67 11.64 -2.54
CA ALA A 7 -6.19 12.62 -1.56
C ALA A 7 -6.99 12.62 -0.25
N GLU A 8 -8.26 12.20 -0.30
CA GLU A 8 -9.21 12.17 0.84
C GLU A 8 -8.98 10.94 1.76
N ALA A 9 -7.73 10.60 2.04
CA ALA A 9 -7.35 9.50 2.93
C ALA A 9 -7.74 9.78 4.40
N PRO A 10 -7.90 8.73 5.23
CA PRO A 10 -8.13 8.84 6.66
C PRO A 10 -6.89 9.36 7.40
N ALA A 11 -7.11 9.84 8.63
CA ALA A 11 -6.04 10.02 9.62
C ALA A 11 -5.67 8.69 10.29
N ARG A 12 -4.44 8.55 10.80
CA ARG A 12 -3.95 7.29 11.39
C ARG A 12 -4.79 6.85 12.61
N ASP A 13 -5.38 7.78 13.36
CA ASP A 13 -6.33 7.46 14.45
C ASP A 13 -7.62 6.79 13.93
N GLU A 14 -8.17 7.29 12.81
CA GLU A 14 -9.35 6.70 12.16
C GLU A 14 -9.02 5.38 11.46
N LEU A 15 -7.81 5.26 10.92
CA LEU A 15 -7.26 4.02 10.35
C LEU A 15 -7.13 2.93 11.41
N ASP A 16 -6.79 3.27 12.66
CA ASP A 16 -6.70 2.34 13.79
C ASP A 16 -8.06 1.73 14.21
N ARG A 17 -9.18 2.24 13.66
CA ARG A 17 -10.49 1.59 13.78
C ARG A 17 -10.65 0.36 12.87
N LEU A 18 -9.81 0.19 11.82
CA LEU A 18 -9.89 -0.97 10.91
C LEU A 18 -9.37 -2.25 11.58
N ALA A 19 -9.80 -3.42 11.08
CA ALA A 19 -9.36 -4.74 11.56
C ALA A 19 -8.93 -5.73 10.46
N GLY A 20 -9.36 -5.54 9.20
CA GLY A 20 -9.09 -6.47 8.10
C GLY A 20 -7.69 -6.33 7.48
N PRO A 21 -7.30 -7.25 6.57
CA PRO A 21 -6.05 -7.17 5.84
C PRO A 21 -6.14 -6.04 4.81
N THR A 22 -5.39 -4.96 5.06
CA THR A 22 -5.41 -3.72 4.25
C THR A 22 -3.98 -3.29 3.97
N LEU A 23 -3.60 -3.25 2.70
CA LEU A 23 -2.38 -2.60 2.26
C LEU A 23 -2.62 -1.10 2.11
N VAL A 24 -1.76 -0.27 2.69
CA VAL A 24 -1.78 1.20 2.51
C VAL A 24 -0.57 1.60 1.65
N GLU A 25 -0.84 2.18 0.47
CA GLU A 25 0.15 2.57 -0.53
C GLU A 25 0.22 4.09 -0.66
N PHE A 26 1.45 4.60 -0.77
CA PHE A 26 1.77 6.02 -0.90
C PHE A 26 2.40 6.30 -2.27
N GLY A 27 1.94 7.35 -2.95
CA GLY A 27 2.41 7.73 -4.29
C GLY A 27 1.49 8.72 -5.01
N THR A 28 1.55 8.79 -6.36
CA THR A 28 0.66 9.59 -7.21
C THR A 28 0.39 8.87 -8.53
N ASP A 29 -0.54 9.39 -9.33
CA ASP A 29 -0.89 8.79 -10.63
C ASP A 29 0.18 9.08 -11.73
N TRP A 30 1.15 9.94 -11.43
CA TRP A 30 1.99 10.64 -12.41
C TRP A 30 3.51 10.56 -12.17
N CYS A 31 3.99 10.13 -10.99
CA CYS A 31 5.42 9.91 -10.76
C CYS A 31 5.94 8.66 -11.49
N GLY A 32 7.17 8.72 -12.03
CA GLY A 32 7.86 7.62 -12.69
C GLY A 32 8.17 6.43 -11.77
N HIS A 33 8.25 6.65 -10.46
CA HIS A 33 8.27 5.56 -9.48
C HIS A 33 6.95 4.77 -9.51
N CYS A 34 5.82 5.50 -9.47
CA CYS A 34 4.48 4.93 -9.51
C CYS A 34 4.16 4.21 -10.83
N GLN A 35 4.67 4.70 -11.97
CA GLN A 35 4.37 4.06 -13.26
C GLN A 35 4.94 2.63 -13.35
N ALA A 36 5.98 2.35 -12.55
CA ALA A 36 6.60 1.04 -12.40
C ALA A 36 5.92 0.17 -11.33
N ALA A 37 5.48 0.76 -10.21
CA ALA A 37 4.91 0.03 -9.08
C ALA A 37 3.39 -0.21 -9.23
N GLN A 38 2.66 0.66 -9.92
CA GLN A 38 1.22 0.50 -10.14
C GLN A 38 0.85 -0.78 -10.91
N PRO A 39 1.45 -1.08 -12.09
CA PRO A 39 1.19 -2.34 -12.78
C PRO A 39 1.77 -3.55 -12.01
N LEU A 40 2.68 -3.32 -11.06
CA LEU A 40 3.21 -4.37 -10.18
C LEU A 40 2.12 -4.82 -9.21
N LEU A 41 1.58 -3.87 -8.43
CA LEU A 41 0.54 -4.12 -7.43
C LEU A 41 -0.68 -4.71 -8.11
N ALA A 42 -1.06 -4.18 -9.27
CA ALA A 42 -2.18 -4.69 -10.08
C ALA A 42 -2.03 -6.18 -10.45
N GLU A 43 -0.81 -6.62 -10.75
CA GLU A 43 -0.52 -8.03 -11.09
C GLU A 43 -0.58 -8.93 -9.86
N VAL A 44 0.05 -8.53 -8.74
CA VAL A 44 0.00 -9.32 -7.49
C VAL A 44 -1.42 -9.38 -6.91
N PHE A 45 -2.11 -8.23 -6.75
CA PHE A 45 -3.45 -8.14 -6.16
C PHE A 45 -4.50 -9.01 -6.87
N SER A 46 -4.33 -9.28 -8.15
CA SER A 46 -5.24 -10.16 -8.93
C SER A 46 -5.30 -11.61 -8.40
N ASP A 47 -4.32 -12.05 -7.61
CA ASP A 47 -4.32 -13.36 -6.92
C ASP A 47 -4.74 -13.26 -5.44
N TYR A 48 -4.86 -12.04 -4.89
CA TYR A 48 -5.21 -11.78 -3.48
C TYR A 48 -6.40 -10.78 -3.31
N PRO A 49 -7.53 -10.95 -4.02
CA PRO A 49 -8.64 -9.98 -4.02
C PRO A 49 -9.31 -9.79 -2.64
N GLU A 50 -9.07 -10.68 -1.67
CA GLU A 50 -9.54 -10.52 -0.29
C GLU A 50 -8.76 -9.47 0.53
N VAL A 51 -7.58 -9.04 0.07
CA VAL A 51 -6.81 -7.93 0.64
C VAL A 51 -7.37 -6.61 0.08
N GLY A 52 -7.53 -5.59 0.93
CA GLY A 52 -7.94 -4.22 0.54
C GLY A 52 -6.72 -3.35 0.19
N HIS A 53 -6.90 -2.35 -0.67
CA HIS A 53 -5.85 -1.38 -1.00
C HIS A 53 -6.31 0.08 -0.74
N LEU A 54 -5.51 0.85 0.00
CA LEU A 54 -5.71 2.28 0.22
C LEU A 54 -4.61 3.08 -0.48
N LYS A 55 -4.93 3.68 -1.62
CA LYS A 55 -4.02 4.51 -2.40
C LYS A 55 -4.01 5.96 -1.92
N VAL A 56 -3.04 6.31 -1.08
CA VAL A 56 -2.83 7.66 -0.54
C VAL A 56 -2.01 8.48 -1.53
N GLU A 57 -2.67 9.52 -2.04
CA GLU A 57 -2.00 10.54 -2.84
C GLU A 57 -1.04 11.36 -1.95
N ASP A 58 0.25 11.34 -2.25
CA ASP A 58 1.26 12.10 -1.50
C ASP A 58 1.17 13.62 -1.74
N GLY A 59 1.50 14.40 -0.71
CA GLY A 59 1.48 15.89 -0.74
C GLY A 59 2.50 16.52 0.20
N PRO A 60 2.80 17.84 0.03
CA PRO A 60 3.84 18.53 0.78
C PRO A 60 3.44 18.85 2.23
N GLY A 61 2.14 19.07 2.51
CA GLY A 61 1.60 19.34 3.84
C GLY A 61 0.89 18.12 4.43
N ARG A 62 1.43 17.55 5.50
CA ARG A 62 0.88 16.39 6.24
C ARG A 62 0.57 15.20 5.30
N ARG A 63 -0.63 14.59 5.41
CA ARG A 63 -1.10 13.35 4.76
C ARG A 63 -0.48 12.11 5.42
N LEU A 64 -1.17 10.99 5.27
CA LEU A 64 -0.99 9.76 6.04
C LEU A 64 0.45 9.18 5.98
N GLY A 65 1.17 9.36 4.87
CA GLY A 65 2.57 8.87 4.72
C GLY A 65 3.57 9.47 5.71
N ARG A 66 3.29 10.68 6.22
CA ARG A 66 4.05 11.32 7.32
C ARG A 66 3.92 10.51 8.62
N SER A 67 2.71 10.08 8.96
CA SER A 67 2.41 9.30 10.16
C SER A 67 2.90 7.85 10.06
N PHE A 68 3.08 7.33 8.84
CA PHE A 68 3.62 6.01 8.55
C PHE A 68 5.16 5.95 8.51
N GLN A 69 5.83 7.11 8.50
CA GLN A 69 7.28 7.25 8.39
C GLN A 69 7.77 6.61 7.06
N VAL A 70 7.10 6.93 5.96
CA VAL A 70 7.32 6.33 4.62
C VAL A 70 8.80 6.41 4.22
N LYS A 71 9.36 5.25 3.84
CA LYS A 71 10.81 5.00 3.94
C LYS A 71 11.61 5.50 2.73
N LEU A 72 11.17 5.15 1.51
CA LEU A 72 11.59 5.77 0.26
C LEU A 72 10.49 6.75 -0.18
N TRP A 73 9.78 6.42 -1.25
CA TRP A 73 8.55 7.07 -1.68
C TRP A 73 7.59 6.08 -2.36
N PRO A 74 8.00 5.24 -3.34
CA PRO A 74 7.21 4.08 -3.73
C PRO A 74 7.28 3.05 -2.61
N THR A 75 6.22 3.00 -1.79
CA THR A 75 6.21 2.28 -0.51
C THR A 75 4.76 1.96 -0.18
N PHE A 76 4.56 0.77 0.35
CA PHE A 76 3.25 0.28 0.76
C PHE A 76 3.40 -0.61 2.00
N VAL A 77 2.56 -0.31 3.00
CA VAL A 77 2.61 -0.85 4.35
C VAL A 77 1.40 -1.74 4.60
N PHE A 78 1.66 -3.01 4.93
CA PHE A 78 0.64 -4.03 5.12
C PHE A 78 0.12 -3.96 6.55
N LEU A 79 -1.17 -3.64 6.71
CA LEU A 79 -1.87 -3.62 7.99
C LEU A 79 -2.83 -4.82 8.11
N ARG A 80 -3.08 -5.24 9.35
CA ARG A 80 -4.03 -6.28 9.75
C ARG A 80 -4.24 -6.19 11.27
N ASP A 81 -5.49 -6.28 11.73
CA ASP A 81 -5.92 -5.90 13.10
C ASP A 81 -5.70 -4.39 13.39
N GLY A 82 -5.58 -3.57 12.32
CA GLY A 82 -5.27 -2.13 12.39
C GLY A 82 -3.79 -1.82 12.63
N ARG A 83 -2.99 -2.83 12.98
CA ARG A 83 -1.56 -2.79 13.26
C ARG A 83 -0.77 -3.14 11.99
N GLU A 84 0.40 -2.54 11.84
CA GLU A 84 1.34 -2.90 10.78
C GLU A 84 1.87 -4.32 11.02
N VAL A 85 1.69 -5.19 10.02
CA VAL A 85 2.24 -6.56 10.01
C VAL A 85 3.55 -6.65 9.19
N ALA A 86 3.75 -5.73 8.25
CA ALA A 86 4.89 -5.65 7.34
C ALA A 86 4.85 -4.36 6.52
N ARG A 87 5.86 -4.17 5.67
CA ARG A 87 5.83 -3.24 4.54
C ARG A 87 6.81 -3.65 3.44
N VAL A 88 6.54 -3.19 2.22
CA VAL A 88 7.43 -3.38 1.07
C VAL A 88 7.82 -1.98 0.56
N VAL A 89 9.13 -1.79 0.32
CA VAL A 89 9.75 -0.54 -0.14
C VAL A 89 10.48 -0.82 -1.46
N ARG A 90 10.17 -0.06 -2.52
CA ARG A 90 10.79 -0.16 -3.85
C ARG A 90 10.66 -1.58 -4.46
N PRO A 91 9.50 -1.97 -5.03
CA PRO A 91 9.28 -3.31 -5.58
C PRO A 91 10.23 -3.59 -6.75
N GLY A 92 10.99 -4.70 -6.69
CA GLY A 92 11.97 -5.08 -7.71
C GLY A 92 11.38 -5.88 -8.87
N SER A 93 10.36 -6.69 -8.59
CA SER A 93 9.60 -7.53 -9.54
C SER A 93 8.43 -8.20 -8.81
N ALA A 94 7.45 -8.72 -9.57
CA ALA A 94 6.28 -9.41 -9.01
C ALA A 94 6.68 -10.57 -8.09
N SER A 95 7.78 -11.26 -8.36
CA SER A 95 8.34 -12.29 -7.46
C SER A 95 8.63 -11.78 -6.04
N VAL A 96 9.02 -10.51 -5.88
CA VAL A 96 9.30 -9.86 -4.59
C VAL A 96 8.01 -9.35 -3.93
N LEU A 97 7.10 -8.79 -4.73
CA LEU A 97 5.84 -8.25 -4.24
C LEU A 97 4.87 -9.37 -3.83
N GLU A 98 4.67 -10.37 -4.69
CA GLU A 98 3.89 -11.59 -4.39
C GLU A 98 4.39 -12.34 -3.16
N GLU A 99 5.73 -12.46 -2.98
CA GLU A 99 6.37 -13.08 -1.81
C GLU A 99 5.97 -12.41 -0.49
N ALA A 100 5.80 -11.10 -0.49
CA ALA A 100 5.26 -10.40 0.67
C ALA A 100 3.74 -10.61 0.78
N PHE A 101 2.98 -10.48 -0.31
CA PHE A 101 1.52 -10.63 -0.28
C PHE A 101 1.09 -11.98 0.30
N GLU A 102 1.66 -13.09 -0.18
CA GLU A 102 1.38 -14.42 0.35
C GLU A 102 1.77 -14.56 1.83
N SER A 103 2.82 -13.88 2.27
CA SER A 103 3.24 -13.91 3.67
C SER A 103 2.25 -13.18 4.61
N LEU A 104 1.60 -12.12 4.12
CA LEU A 104 0.69 -11.29 4.93
C LEU A 104 -0.79 -11.69 4.78
N VAL A 105 -1.16 -12.30 3.66
CA VAL A 105 -2.49 -12.89 3.45
C VAL A 105 -2.67 -14.19 4.24
N GLY A 106 -1.56 -14.91 4.53
CA GLY A 106 -1.53 -16.18 5.27
C GLY A 106 -1.47 -17.43 4.39
N GLU A 107 -1.24 -17.27 3.08
CA GLU A 107 -1.08 -18.40 2.14
C GLU A 107 0.35 -18.93 2.09
N GLY A 108 1.35 -18.17 2.56
CA GLY A 108 2.76 -18.53 2.63
C GLY A 108 3.11 -19.55 3.72
N MET A 1 -2.87 -1.10 -13.49
CA MET A 1 -2.82 -0.09 -12.42
C MET A 1 -4.08 -0.07 -11.53
N LYS A 2 -5.17 -0.72 -11.97
CA LYS A 2 -6.48 -0.77 -11.29
C LYS A 2 -7.01 0.63 -10.87
N THR A 3 -7.51 0.78 -9.62
CA THR A 3 -8.16 1.99 -9.10
C THR A 3 -7.15 3.08 -8.71
N ARG A 4 -7.58 4.34 -8.87
CA ARG A 4 -6.73 5.53 -8.80
C ARG A 4 -6.50 6.00 -7.36
N TYR A 5 -5.54 6.92 -7.17
CA TYR A 5 -5.22 7.53 -5.88
C TYR A 5 -6.32 8.44 -5.32
N SER A 6 -6.32 8.66 -4.00
CA SER A 6 -7.31 9.52 -3.31
C SER A 6 -6.67 10.43 -2.25
N ALA A 7 -7.07 11.70 -2.25
CA ALA A 7 -6.80 12.64 -1.17
C ALA A 7 -7.79 12.47 0.01
N GLU A 8 -8.90 11.75 -0.17
CA GLU A 8 -9.97 11.57 0.83
C GLU A 8 -9.67 10.43 1.82
N ALA A 9 -8.38 10.10 2.00
CA ALA A 9 -7.92 9.06 2.93
C ALA A 9 -8.27 9.38 4.40
N PRO A 10 -8.41 8.34 5.25
CA PRO A 10 -8.68 8.48 6.68
C PRO A 10 -7.53 9.11 7.45
N ALA A 11 -7.83 9.62 8.65
CA ALA A 11 -6.83 9.98 9.66
C ALA A 11 -6.22 8.73 10.31
N ARG A 12 -5.00 8.82 10.83
CA ARG A 12 -4.30 7.65 11.40
C ARG A 12 -5.00 7.05 12.62
N ASP A 13 -5.78 7.83 13.36
CA ASP A 13 -6.63 7.37 14.47
C ASP A 13 -7.88 6.59 13.99
N GLU A 14 -8.40 6.89 12.79
CA GLU A 14 -9.48 6.15 12.14
C GLU A 14 -8.94 4.86 11.49
N LEU A 15 -7.72 4.93 10.93
CA LEU A 15 -6.98 3.81 10.37
C LEU A 15 -6.70 2.71 11.42
N ASP A 16 -6.41 3.12 12.65
CA ASP A 16 -6.05 2.23 13.78
C ASP A 16 -7.19 1.28 14.19
N ARG A 17 -8.43 1.64 13.82
CA ARG A 17 -9.66 0.94 14.17
C ARG A 17 -10.08 -0.08 13.09
N LEU A 18 -9.39 -0.13 11.93
CA LEU A 18 -9.59 -1.20 10.93
C LEU A 18 -9.24 -2.60 11.49
N ALA A 19 -9.67 -3.68 10.83
CA ALA A 19 -9.44 -5.06 11.31
C ALA A 19 -8.95 -6.06 10.23
N GLY A 20 -9.48 -6.00 9.00
CA GLY A 20 -9.12 -6.92 7.93
C GLY A 20 -7.76 -6.60 7.30
N PRO A 21 -7.21 -7.51 6.46
CA PRO A 21 -5.95 -7.30 5.76
C PRO A 21 -6.11 -6.13 4.79
N THR A 22 -5.45 -5.01 5.12
CA THR A 22 -5.55 -3.75 4.36
C THR A 22 -4.14 -3.25 4.06
N LEU A 23 -3.79 -3.17 2.79
CA LEU A 23 -2.56 -2.52 2.35
C LEU A 23 -2.79 -1.02 2.21
N VAL A 24 -1.89 -0.20 2.78
CA VAL A 24 -1.93 1.26 2.71
C VAL A 24 -0.73 1.75 1.89
N GLU A 25 -1.01 2.31 0.71
CA GLU A 25 -0.05 2.74 -0.30
C GLU A 25 0.03 4.27 -0.38
N PHE A 26 1.27 4.79 -0.43
CA PHE A 26 1.58 6.22 -0.53
C PHE A 26 2.18 6.52 -1.92
N GLY A 27 1.77 7.66 -2.49
CA GLY A 27 2.21 8.12 -3.82
C GLY A 27 1.15 8.99 -4.50
N THR A 28 1.17 9.07 -5.84
CA THR A 28 0.15 9.74 -6.66
C THR A 28 -0.15 8.91 -7.91
N ASP A 29 -1.12 9.33 -8.72
CA ASP A 29 -1.45 8.63 -9.97
C ASP A 29 -0.51 9.01 -11.12
N TRP A 30 0.39 9.98 -10.90
CA TRP A 30 1.12 10.69 -11.95
C TRP A 30 2.66 10.72 -11.81
N CYS A 31 3.23 10.37 -10.65
CA CYS A 31 4.70 10.31 -10.50
C CYS A 31 5.28 9.07 -11.18
N GLY A 32 6.50 9.18 -11.73
CA GLY A 32 7.24 8.10 -12.40
C GLY A 32 7.60 6.93 -11.48
N HIS A 33 7.74 7.16 -10.19
CA HIS A 33 7.82 6.11 -9.16
C HIS A 33 6.55 5.24 -9.19
N CYS A 34 5.38 5.90 -9.19
CA CYS A 34 4.09 5.23 -9.19
C CYS A 34 3.79 4.52 -10.51
N GLN A 35 4.24 5.04 -11.65
CA GLN A 35 3.93 4.42 -12.95
C GLN A 35 4.56 3.02 -13.08
N ALA A 36 5.60 2.75 -12.29
CA ALA A 36 6.28 1.46 -12.17
C ALA A 36 5.64 0.55 -11.11
N ALA A 37 5.22 1.10 -9.97
CA ALA A 37 4.68 0.32 -8.85
C ALA A 37 3.17 0.04 -8.97
N GLN A 38 2.41 0.92 -9.61
CA GLN A 38 0.96 0.75 -9.81
C GLN A 38 0.63 -0.51 -10.62
N PRO A 39 1.19 -0.77 -11.82
CA PRO A 39 0.95 -2.01 -12.56
C PRO A 39 1.57 -3.23 -11.86
N LEU A 40 2.51 -3.01 -10.93
CA LEU A 40 3.08 -4.07 -10.08
C LEU A 40 2.01 -4.57 -9.12
N LEU A 41 1.44 -3.67 -8.31
CA LEU A 41 0.39 -3.97 -7.35
C LEU A 41 -0.81 -4.58 -8.07
N ALA A 42 -1.18 -4.05 -9.24
CA ALA A 42 -2.25 -4.60 -10.07
C ALA A 42 -2.03 -6.08 -10.45
N GLU A 43 -0.79 -6.47 -10.74
CA GLU A 43 -0.46 -7.86 -11.08
C GLU A 43 -0.55 -8.78 -9.86
N VAL A 44 -0.01 -8.38 -8.70
CA VAL A 44 -0.08 -9.17 -7.46
C VAL A 44 -1.51 -9.26 -6.91
N PHE A 45 -2.19 -8.12 -6.72
CA PHE A 45 -3.54 -8.03 -6.12
C PHE A 45 -4.61 -8.87 -6.84
N SER A 46 -4.43 -9.14 -8.13
CA SER A 46 -5.34 -10.00 -8.91
C SER A 46 -5.42 -11.45 -8.39
N ASP A 47 -4.43 -11.92 -7.60
CA ASP A 47 -4.45 -13.23 -6.93
C ASP A 47 -4.88 -13.14 -5.44
N TYR A 48 -5.01 -11.92 -4.89
CA TYR A 48 -5.37 -11.66 -3.48
C TYR A 48 -6.53 -10.63 -3.32
N PRO A 49 -7.68 -10.77 -4.03
CA PRO A 49 -8.78 -9.81 -4.00
C PRO A 49 -9.43 -9.66 -2.61
N GLU A 50 -9.20 -10.61 -1.69
CA GLU A 50 -9.65 -10.51 -0.29
C GLU A 50 -8.88 -9.45 0.54
N VAL A 51 -7.73 -8.97 0.06
CA VAL A 51 -6.98 -7.84 0.66
C VAL A 51 -7.56 -6.51 0.12
N GLY A 52 -7.66 -5.48 0.98
CA GLY A 52 -8.07 -4.12 0.59
C GLY A 52 -6.88 -3.23 0.26
N HIS A 53 -7.05 -2.19 -0.57
CA HIS A 53 -5.97 -1.26 -0.94
C HIS A 53 -6.40 0.21 -0.77
N LEU A 54 -5.78 0.93 0.16
CA LEU A 54 -5.99 2.38 0.33
C LEU A 54 -4.84 3.13 -0.38
N LYS A 55 -5.14 3.86 -1.44
CA LYS A 55 -4.17 4.68 -2.17
C LYS A 55 -4.18 6.13 -1.64
N VAL A 56 -3.22 6.48 -0.79
CA VAL A 56 -3.12 7.78 -0.13
C VAL A 56 -2.30 8.74 -0.99
N GLU A 57 -2.97 9.82 -1.41
CA GLU A 57 -2.35 10.85 -2.24
C GLU A 57 -1.32 11.68 -1.45
N ASP A 58 -0.05 11.49 -1.77
CA ASP A 58 1.13 12.21 -1.26
C ASP A 58 1.46 13.41 -2.18
N GLY A 59 2.73 13.82 -2.29
CA GLY A 59 3.21 14.95 -3.09
C GLY A 59 3.67 16.10 -2.18
N PRO A 60 3.27 17.36 -2.44
CA PRO A 60 3.60 18.49 -1.57
C PRO A 60 3.11 18.31 -0.12
N GLY A 61 1.97 17.64 0.07
CA GLY A 61 1.51 17.17 1.38
C GLY A 61 1.90 15.70 1.61
N ARG A 62 2.71 15.44 2.63
CA ARG A 62 3.27 14.11 2.98
C ARG A 62 2.32 13.31 3.91
N ARG A 63 1.00 13.54 3.82
CA ARG A 63 0.00 13.07 4.77
C ARG A 63 -0.06 11.55 4.85
N LEU A 64 -0.12 11.05 6.09
CA LEU A 64 -0.14 9.63 6.52
C LEU A 64 1.23 8.94 6.33
N GLY A 65 1.92 9.12 5.21
CA GLY A 65 3.27 8.56 4.99
C GLY A 65 4.31 9.13 5.96
N ARG A 66 4.12 10.36 6.44
CA ARG A 66 4.88 10.96 7.55
C ARG A 66 4.64 10.19 8.86
N SER A 67 3.38 9.82 9.14
CA SER A 67 2.97 9.10 10.36
C SER A 67 3.50 7.66 10.35
N PHE A 68 3.61 7.04 9.18
CA PHE A 68 4.25 5.73 8.97
C PHE A 68 5.79 5.79 8.90
N GLN A 69 6.38 6.99 8.88
CA GLN A 69 7.82 7.25 8.78
C GLN A 69 8.39 6.67 7.47
N VAL A 70 7.67 6.81 6.34
CA VAL A 70 7.98 6.17 5.05
C VAL A 70 9.41 6.50 4.57
N LYS A 71 10.20 5.46 4.32
CA LYS A 71 11.65 5.55 4.03
C LYS A 71 11.99 6.19 2.67
N LEU A 72 11.24 5.80 1.63
CA LEU A 72 11.37 6.30 0.26
C LEU A 72 10.10 7.10 -0.09
N TRP A 73 9.36 6.67 -1.10
CA TRP A 73 8.09 7.26 -1.50
C TRP A 73 7.13 6.25 -2.17
N PRO A 74 7.53 5.44 -3.18
CA PRO A 74 6.74 4.30 -3.60
C PRO A 74 6.87 3.20 -2.54
N THR A 75 5.92 3.20 -1.61
CA THR A 75 5.94 2.39 -0.38
C THR A 75 4.51 2.06 -0.01
N PHE A 76 4.33 0.86 0.51
CA PHE A 76 3.03 0.36 0.93
C PHE A 76 3.18 -0.51 2.19
N VAL A 77 2.41 -0.16 3.22
CA VAL A 77 2.46 -0.73 4.56
C VAL A 77 1.24 -1.64 4.75
N PHE A 78 1.49 -2.93 5.03
CA PHE A 78 0.46 -3.96 5.22
C PHE A 78 -0.06 -3.89 6.65
N LEU A 79 -1.35 -3.59 6.83
CA LEU A 79 -2.03 -3.58 8.12
C LEU A 79 -2.97 -4.80 8.22
N ARG A 80 -3.19 -5.22 9.47
CA ARG A 80 -4.14 -6.27 9.87
C ARG A 80 -4.34 -6.18 11.39
N ASP A 81 -5.59 -6.30 11.83
CA ASP A 81 -6.01 -6.10 13.23
C ASP A 81 -5.78 -4.65 13.72
N GLY A 82 -5.69 -3.70 12.78
CA GLY A 82 -5.44 -2.26 13.03
C GLY A 82 -3.96 -1.90 13.16
N ARG A 83 -3.06 -2.88 13.20
CA ARG A 83 -1.62 -2.73 13.41
C ARG A 83 -0.87 -3.06 12.10
N GLU A 84 0.27 -2.44 11.89
CA GLU A 84 1.22 -2.83 10.83
C GLU A 84 1.72 -4.26 11.09
N VAL A 85 1.53 -5.15 10.11
CA VAL A 85 2.09 -6.51 10.09
C VAL A 85 3.38 -6.62 9.28
N ALA A 86 3.57 -5.71 8.30
CA ALA A 86 4.73 -5.61 7.43
C ALA A 86 4.67 -4.33 6.58
N ARG A 87 5.68 -4.13 5.73
CA ARG A 87 5.66 -3.17 4.64
C ARG A 87 6.63 -3.57 3.53
N VAL A 88 6.36 -3.10 2.32
CA VAL A 88 7.22 -3.24 1.13
C VAL A 88 7.50 -1.84 0.56
N VAL A 89 8.73 -1.62 0.09
CA VAL A 89 9.20 -0.34 -0.47
C VAL A 89 10.06 -0.62 -1.70
N ARG A 90 9.84 0.16 -2.77
CA ARG A 90 10.56 0.09 -4.05
C ARG A 90 10.49 -1.34 -4.67
N PRO A 91 9.31 -1.82 -5.11
CA PRO A 91 9.11 -3.20 -5.58
C PRO A 91 9.99 -3.52 -6.80
N GLY A 92 10.82 -4.56 -6.69
CA GLY A 92 11.81 -4.91 -7.72
C GLY A 92 11.24 -5.70 -8.89
N SER A 93 10.21 -6.51 -8.61
CA SER A 93 9.45 -7.34 -9.55
C SER A 93 8.26 -7.99 -8.83
N ALA A 94 7.28 -8.50 -9.59
CA ALA A 94 6.09 -9.15 -9.05
C ALA A 94 6.45 -10.33 -8.13
N SER A 95 7.54 -11.06 -8.38
CA SER A 95 8.03 -12.10 -7.48
C SER A 95 8.28 -11.60 -6.04
N VAL A 96 8.81 -10.39 -5.88
CA VAL A 96 9.13 -9.76 -4.58
C VAL A 96 7.86 -9.23 -3.90
N LEU A 97 6.96 -8.62 -4.69
CA LEU A 97 5.69 -8.09 -4.20
C LEU A 97 4.73 -9.22 -3.80
N GLU A 98 4.51 -10.21 -4.68
CA GLU A 98 3.72 -11.41 -4.40
C GLU A 98 4.24 -12.17 -3.17
N GLU A 99 5.56 -12.33 -3.01
CA GLU A 99 6.18 -12.98 -1.85
C GLU A 99 5.78 -12.33 -0.51
N ALA A 100 5.65 -11.00 -0.48
CA ALA A 100 5.12 -10.31 0.69
C ALA A 100 3.59 -10.47 0.81
N PHE A 101 2.85 -10.44 -0.30
CA PHE A 101 1.40 -10.56 -0.26
C PHE A 101 0.96 -11.91 0.32
N GLU A 102 1.51 -13.01 -0.18
CA GLU A 102 1.23 -14.35 0.35
C GLU A 102 1.66 -14.50 1.82
N SER A 103 2.71 -13.79 2.22
CA SER A 103 3.20 -13.79 3.60
C SER A 103 2.30 -13.03 4.58
N LEU A 104 1.52 -12.03 4.11
CA LEU A 104 0.63 -11.20 4.95
C LEU A 104 -0.85 -11.56 4.80
N VAL A 105 -1.25 -12.12 3.66
CA VAL A 105 -2.58 -12.68 3.45
C VAL A 105 -2.78 -13.98 4.25
N GLY A 106 -1.66 -14.69 4.55
CA GLY A 106 -1.64 -15.96 5.29
C GLY A 106 -1.60 -17.21 4.40
N GLU A 107 -1.19 -17.07 3.13
CA GLU A 107 -1.08 -18.18 2.16
C GLU A 107 0.27 -18.90 2.22
N GLY A 108 1.32 -18.27 2.75
CA GLY A 108 2.65 -18.88 2.96
C GLY A 108 3.38 -18.34 4.18
N MET A 1 -4.93 -2.77 -11.19
CA MET A 1 -6.16 -2.18 -10.67
C MET A 1 -6.46 -0.85 -11.35
N LYS A 2 -7.68 -0.68 -11.88
CA LYS A 2 -8.03 0.46 -12.76
C LYS A 2 -8.34 1.77 -12.02
N THR A 3 -8.76 1.72 -10.75
CA THR A 3 -9.17 2.88 -9.93
C THR A 3 -7.96 3.72 -9.52
N ARG A 4 -8.02 5.03 -9.75
CA ARG A 4 -6.95 5.99 -9.46
C ARG A 4 -6.78 6.28 -7.95
N TYR A 5 -5.63 6.84 -7.58
CA TYR A 5 -5.33 7.31 -6.21
C TYR A 5 -6.35 8.28 -5.62
N SER A 6 -6.46 8.30 -4.29
CA SER A 6 -7.47 9.06 -3.57
C SER A 6 -6.89 10.07 -2.56
N ALA A 7 -7.33 11.34 -2.62
CA ALA A 7 -6.84 12.41 -1.76
C ALA A 7 -7.55 12.49 -0.39
N GLU A 8 -8.84 12.15 -0.33
CA GLU A 8 -9.72 12.26 0.85
C GLU A 8 -9.51 11.15 1.91
N ALA A 9 -8.26 10.74 2.11
CA ALA A 9 -7.89 9.61 2.96
C ALA A 9 -8.13 9.84 4.48
N PRO A 10 -8.33 8.74 5.24
CA PRO A 10 -8.48 8.75 6.70
C PRO A 10 -7.15 8.99 7.44
N ALA A 11 -7.26 9.33 8.73
CA ALA A 11 -6.14 9.55 9.65
C ALA A 11 -5.70 8.27 10.38
N ARG A 12 -4.49 8.25 10.97
CA ARG A 12 -3.98 7.07 11.71
C ARG A 12 -4.93 6.59 12.82
N ASP A 13 -5.61 7.50 13.50
CA ASP A 13 -6.62 7.19 14.53
C ASP A 13 -7.88 6.52 13.97
N GLU A 14 -8.15 6.68 12.67
CA GLU A 14 -9.24 6.04 11.94
C GLU A 14 -8.78 4.69 11.32
N LEU A 15 -7.53 4.57 10.89
CA LEU A 15 -6.90 3.30 10.49
C LEU A 15 -6.84 2.31 11.66
N ASP A 16 -6.64 2.79 12.88
CA ASP A 16 -6.57 1.96 14.11
C ASP A 16 -7.83 1.11 14.33
N ARG A 17 -8.96 1.52 13.76
CA ARG A 17 -10.26 0.86 13.84
C ARG A 17 -10.40 -0.30 12.83
N LEU A 18 -9.50 -0.43 11.84
CA LEU A 18 -9.55 -1.53 10.85
C LEU A 18 -9.23 -2.89 11.48
N ALA A 19 -9.61 -3.99 10.82
CA ALA A 19 -9.40 -5.35 11.33
C ALA A 19 -8.89 -6.36 10.28
N GLY A 20 -9.40 -6.34 9.04
CA GLY A 20 -8.97 -7.25 7.99
C GLY A 20 -7.63 -6.84 7.35
N PRO A 21 -7.01 -7.70 6.51
CA PRO A 21 -5.75 -7.40 5.85
C PRO A 21 -5.97 -6.22 4.89
N THR A 22 -5.34 -5.08 5.20
CA THR A 22 -5.48 -3.83 4.45
C THR A 22 -4.09 -3.27 4.14
N LEU A 23 -3.78 -3.12 2.87
CA LEU A 23 -2.56 -2.48 2.39
C LEU A 23 -2.77 -0.97 2.24
N VAL A 24 -1.89 -0.15 2.82
CA VAL A 24 -1.93 1.32 2.71
C VAL A 24 -0.76 1.79 1.86
N GLU A 25 -1.09 2.39 0.72
CA GLU A 25 -0.20 2.73 -0.39
C GLU A 25 -0.08 4.26 -0.54
N PHE A 26 1.15 4.78 -0.56
CA PHE A 26 1.47 6.20 -0.69
C PHE A 26 2.09 6.52 -2.07
N GLY A 27 1.57 7.55 -2.73
CA GLY A 27 1.99 7.92 -4.08
C GLY A 27 0.99 8.84 -4.79
N THR A 28 0.97 8.81 -6.13
CA THR A 28 -0.02 9.51 -6.97
C THR A 28 -0.33 8.64 -8.20
N ASP A 29 -1.27 9.07 -9.03
CA ASP A 29 -1.59 8.35 -10.28
C ASP A 29 -0.61 8.73 -11.44
N TRP A 30 0.31 9.67 -11.19
CA TRP A 30 1.08 10.37 -12.22
C TRP A 30 2.61 10.42 -12.03
N CYS A 31 3.15 10.16 -10.83
CA CYS A 31 4.60 10.12 -10.61
C CYS A 31 5.25 8.91 -11.28
N GLY A 32 6.47 9.08 -11.82
CA GLY A 32 7.27 8.01 -12.46
C GLY A 32 7.65 6.88 -11.50
N HIS A 33 7.73 7.14 -10.20
CA HIS A 33 7.81 6.08 -9.17
C HIS A 33 6.56 5.19 -9.20
N CYS A 34 5.39 5.82 -9.21
CA CYS A 34 4.10 5.15 -9.25
C CYS A 34 3.84 4.42 -10.56
N GLN A 35 4.31 4.92 -11.70
CA GLN A 35 4.05 4.26 -12.99
C GLN A 35 4.73 2.88 -13.08
N ALA A 36 5.74 2.66 -12.25
CA ALA A 36 6.46 1.40 -12.09
C ALA A 36 5.81 0.48 -11.05
N ALA A 37 5.32 1.03 -9.93
CA ALA A 37 4.72 0.26 -8.82
C ALA A 37 3.23 -0.05 -9.02
N GLN A 38 2.48 0.80 -9.73
CA GLN A 38 1.05 0.58 -10.01
C GLN A 38 0.79 -0.72 -10.81
N PRO A 39 1.44 -0.98 -11.96
CA PRO A 39 1.27 -2.24 -12.68
C PRO A 39 1.91 -3.42 -11.92
N LEU A 40 2.77 -3.15 -10.92
CA LEU A 40 3.33 -4.17 -10.04
C LEU A 40 2.26 -4.71 -9.11
N LEU A 41 1.60 -3.81 -8.34
CA LEU A 41 0.45 -4.14 -7.49
C LEU A 41 -0.63 -4.80 -8.34
N ALA A 42 -0.94 -4.27 -9.53
CA ALA A 42 -1.90 -4.87 -10.47
C ALA A 42 -1.63 -6.36 -10.77
N GLU A 43 -0.36 -6.76 -10.92
CA GLU A 43 0.04 -8.15 -11.18
C GLU A 43 -0.11 -9.03 -9.94
N VAL A 44 0.34 -8.58 -8.76
CA VAL A 44 0.24 -9.35 -7.51
C VAL A 44 -1.21 -9.46 -7.00
N PHE A 45 -1.92 -8.34 -6.90
CA PHE A 45 -3.24 -8.20 -6.27
C PHE A 45 -4.32 -9.01 -6.99
N SER A 46 -4.14 -9.33 -8.27
CA SER A 46 -5.04 -10.18 -9.05
C SER A 46 -5.22 -11.59 -8.45
N ASP A 47 -4.29 -12.07 -7.61
CA ASP A 47 -4.39 -13.35 -6.89
C ASP A 47 -4.88 -13.19 -5.43
N TYR A 48 -4.97 -11.95 -4.93
CA TYR A 48 -5.35 -11.61 -3.54
C TYR A 48 -6.47 -10.54 -3.42
N PRO A 49 -7.57 -10.60 -4.21
CA PRO A 49 -8.62 -9.57 -4.19
C PRO A 49 -9.33 -9.42 -2.84
N GLU A 50 -9.21 -10.40 -1.93
CA GLU A 50 -9.69 -10.31 -0.55
C GLU A 50 -8.93 -9.32 0.35
N VAL A 51 -7.74 -8.86 -0.05
CA VAL A 51 -6.98 -7.79 0.64
C VAL A 51 -7.61 -6.42 0.32
N GLY A 52 -7.67 -5.50 1.29
CA GLY A 52 -8.11 -4.11 1.08
C GLY A 52 -6.94 -3.24 0.61
N HIS A 53 -7.19 -2.20 -0.20
CA HIS A 53 -6.13 -1.29 -0.67
C HIS A 53 -6.54 0.17 -0.51
N LEU A 54 -5.71 0.96 0.18
CA LEU A 54 -5.90 2.40 0.40
C LEU A 54 -4.78 3.17 -0.30
N LYS A 55 -5.06 3.62 -1.53
CA LYS A 55 -4.17 4.47 -2.32
C LYS A 55 -4.28 5.94 -1.89
N VAL A 56 -3.37 6.43 -1.07
CA VAL A 56 -3.35 7.82 -0.57
C VAL A 56 -2.52 8.71 -1.48
N GLU A 57 -3.19 9.71 -2.03
CA GLU A 57 -2.61 10.72 -2.90
C GLU A 57 -1.76 11.68 -2.08
N ASP A 58 -0.44 11.57 -2.19
CA ASP A 58 0.52 12.40 -1.44
C ASP A 58 0.76 13.78 -2.09
N GLY A 59 1.17 14.76 -1.28
CA GLY A 59 1.45 16.14 -1.69
C GLY A 59 2.58 16.81 -0.88
N PRO A 60 2.92 18.08 -1.20
CA PRO A 60 3.97 18.85 -0.52
C PRO A 60 3.80 18.87 1.00
N GLY A 61 4.92 18.74 1.72
CA GLY A 61 4.97 18.62 3.18
C GLY A 61 4.80 17.18 3.69
N ARG A 62 4.32 16.25 2.85
CA ARG A 62 4.19 14.80 3.05
C ARG A 62 2.99 14.47 3.94
N ARG A 63 2.05 13.65 3.44
CA ARG A 63 0.74 13.37 4.04
C ARG A 63 0.81 12.12 4.93
N LEU A 64 -0.12 11.16 4.82
CA LEU A 64 -0.22 9.97 5.69
C LEU A 64 1.11 9.18 5.79
N GLY A 65 1.89 9.08 4.72
CA GLY A 65 3.22 8.41 4.70
C GLY A 65 4.26 9.03 5.63
N ARG A 66 4.07 10.30 6.03
CA ARG A 66 4.85 10.95 7.09
C ARG A 66 4.56 10.32 8.46
N SER A 67 3.29 10.05 8.77
CA SER A 67 2.86 9.43 10.04
C SER A 67 3.02 7.90 10.05
N PHE A 68 3.37 7.30 8.91
CA PHE A 68 3.94 5.96 8.81
C PHE A 68 5.48 5.96 8.85
N GLN A 69 6.10 7.14 8.78
CA GLN A 69 7.56 7.32 8.75
C GLN A 69 8.17 6.50 7.59
N VAL A 70 7.63 6.68 6.39
CA VAL A 70 8.03 5.95 5.15
C VAL A 70 9.51 6.18 4.80
N LYS A 71 10.17 5.12 4.34
CA LYS A 71 11.60 5.08 3.98
C LYS A 71 11.93 5.85 2.67
N LEU A 72 11.15 5.63 1.61
CA LEU A 72 11.32 6.23 0.28
C LEU A 72 10.09 7.07 -0.06
N TRP A 73 9.35 6.70 -1.10
CA TRP A 73 8.07 7.30 -1.48
C TRP A 73 7.13 6.28 -2.13
N PRO A 74 7.54 5.47 -3.15
CA PRO A 74 6.78 4.30 -3.55
C PRO A 74 6.94 3.23 -2.49
N THR A 75 5.97 3.16 -1.57
CA THR A 75 6.01 2.34 -0.36
C THR A 75 4.57 2.08 0.06
N PHE A 76 4.33 0.84 0.48
CA PHE A 76 3.02 0.37 0.91
C PHE A 76 3.16 -0.52 2.14
N VAL A 77 2.36 -0.19 3.16
CA VAL A 77 2.40 -0.76 4.51
C VAL A 77 1.20 -1.68 4.72
N PHE A 78 1.47 -2.95 5.03
CA PHE A 78 0.46 -3.97 5.25
C PHE A 78 -0.01 -3.91 6.70
N LEU A 79 -1.27 -3.55 6.91
CA LEU A 79 -1.95 -3.54 8.21
C LEU A 79 -2.90 -4.75 8.33
N ARG A 80 -3.15 -5.18 9.56
CA ARG A 80 -4.09 -6.25 9.95
C ARG A 80 -4.34 -6.17 11.45
N ASP A 81 -5.57 -6.34 11.89
CA ASP A 81 -6.00 -6.22 13.30
C ASP A 81 -5.76 -4.80 13.89
N GLY A 82 -5.71 -3.78 13.01
CA GLY A 82 -5.42 -2.38 13.34
C GLY A 82 -3.94 -2.03 13.49
N ARG A 83 -3.03 -3.00 13.32
CA ARG A 83 -1.59 -2.89 13.52
C ARG A 83 -0.82 -3.20 12.23
N GLU A 84 0.33 -2.56 12.02
CA GLU A 84 1.25 -2.91 10.93
C GLU A 84 1.82 -4.32 11.13
N VAL A 85 1.62 -5.19 10.14
CA VAL A 85 2.17 -6.55 10.09
C VAL A 85 3.45 -6.64 9.25
N ALA A 86 3.63 -5.70 8.32
CA ALA A 86 4.76 -5.60 7.39
C ALA A 86 4.69 -4.29 6.60
N ARG A 87 5.70 -4.05 5.76
CA ARG A 87 5.63 -3.10 4.64
C ARG A 87 6.61 -3.49 3.53
N VAL A 88 6.33 -3.04 2.31
CA VAL A 88 7.21 -3.19 1.15
C VAL A 88 7.60 -1.80 0.65
N VAL A 89 8.91 -1.57 0.52
CA VAL A 89 9.52 -0.32 0.04
C VAL A 89 10.18 -0.63 -1.30
N ARG A 90 9.88 0.17 -2.35
CA ARG A 90 10.50 0.10 -3.68
C ARG A 90 10.43 -1.33 -4.30
N PRO A 91 9.27 -1.78 -4.84
CA PRO A 91 9.11 -3.14 -5.35
C PRO A 91 10.04 -3.38 -6.55
N GLY A 92 10.94 -4.36 -6.45
CA GLY A 92 11.96 -4.65 -7.47
C GLY A 92 11.44 -5.51 -8.63
N SER A 93 10.45 -6.35 -8.36
CA SER A 93 9.74 -7.22 -9.32
C SER A 93 8.59 -7.91 -8.60
N ALA A 94 7.63 -8.46 -9.36
CA ALA A 94 6.46 -9.17 -8.82
C ALA A 94 6.86 -10.31 -7.88
N SER A 95 8.00 -10.96 -8.11
CA SER A 95 8.55 -11.97 -7.20
C SER A 95 8.81 -11.46 -5.77
N VAL A 96 9.09 -10.16 -5.59
CA VAL A 96 9.29 -9.52 -4.28
C VAL A 96 7.96 -9.05 -3.70
N LEU A 97 7.06 -8.51 -4.53
CA LEU A 97 5.75 -8.03 -4.09
C LEU A 97 4.82 -9.19 -3.70
N GLU A 98 4.70 -10.21 -4.56
CA GLU A 98 3.95 -11.45 -4.29
C GLU A 98 4.45 -12.18 -3.04
N GLU A 99 5.78 -12.25 -2.82
CA GLU A 99 6.41 -12.87 -1.64
C GLU A 99 5.96 -12.23 -0.33
N ALA A 100 5.69 -10.91 -0.34
CA ALA A 100 5.09 -10.24 0.79
C ALA A 100 3.58 -10.49 0.87
N PHE A 101 2.83 -10.35 -0.23
CA PHE A 101 1.38 -10.52 -0.23
C PHE A 101 0.96 -11.89 0.34
N GLU A 102 1.56 -12.97 -0.13
CA GLU A 102 1.32 -14.33 0.39
C GLU A 102 1.62 -14.47 1.88
N SER A 103 2.62 -13.73 2.37
CA SER A 103 3.04 -13.79 3.77
C SER A 103 2.12 -12.98 4.70
N LEU A 104 1.39 -11.99 4.17
CA LEU A 104 0.48 -11.13 4.96
C LEU A 104 -1.00 -11.46 4.76
N VAL A 105 -1.35 -12.05 3.62
CA VAL A 105 -2.71 -12.55 3.35
C VAL A 105 -3.01 -13.82 4.15
N GLY A 106 -1.97 -14.61 4.47
CA GLY A 106 -2.06 -15.86 5.25
C GLY A 106 -1.91 -17.15 4.46
N GLU A 107 -1.60 -17.09 3.17
CA GLU A 107 -1.55 -18.26 2.27
C GLU A 107 -0.17 -18.94 2.23
N GLY A 108 0.91 -18.18 2.46
CA GLY A 108 2.30 -18.64 2.38
C GLY A 108 3.02 -18.59 3.73
N MET A 1 -3.58 4.56 -16.19
CA MET A 1 -4.00 3.42 -15.38
C MET A 1 -5.52 3.41 -15.17
N LYS A 2 -6.12 2.21 -15.07
CA LYS A 2 -7.57 2.04 -14.85
C LYS A 2 -7.99 2.38 -13.41
N THR A 3 -7.19 1.98 -12.41
CA THR A 3 -7.30 2.35 -10.99
C THR A 3 -6.48 3.61 -10.70
N ARG A 4 -6.79 4.28 -9.58
CA ARG A 4 -6.33 5.63 -9.27
C ARG A 4 -6.19 5.89 -7.77
N TYR A 5 -5.48 6.97 -7.43
CA TYR A 5 -5.21 7.41 -6.05
C TYR A 5 -6.27 8.37 -5.49
N SER A 6 -6.26 8.61 -4.18
CA SER A 6 -7.10 9.62 -3.52
C SER A 6 -6.39 10.41 -2.41
N ALA A 7 -6.61 11.72 -2.36
CA ALA A 7 -6.14 12.58 -1.27
C ALA A 7 -7.04 12.54 -0.03
N GLU A 8 -8.26 11.99 -0.14
CA GLU A 8 -9.29 11.99 0.91
C GLU A 8 -9.13 10.82 1.89
N ALA A 9 -7.88 10.46 2.24
CA ALA A 9 -7.56 9.36 3.13
C ALA A 9 -7.95 9.64 4.61
N PRO A 10 -8.19 8.57 5.41
CA PRO A 10 -8.41 8.66 6.85
C PRO A 10 -7.15 9.07 7.61
N ALA A 11 -7.31 9.43 8.89
CA ALA A 11 -6.20 9.67 9.81
C ALA A 11 -5.64 8.36 10.40
N ARG A 12 -4.35 8.34 10.75
CA ARG A 12 -3.65 7.16 11.29
C ARG A 12 -4.31 6.61 12.56
N ASP A 13 -4.90 7.48 13.37
CA ASP A 13 -5.65 7.14 14.59
C ASP A 13 -6.89 6.27 14.31
N GLU A 14 -7.65 6.60 13.25
CA GLU A 14 -8.79 5.79 12.80
C GLU A 14 -8.34 4.50 12.09
N LEU A 15 -7.20 4.58 11.38
CA LEU A 15 -6.52 3.46 10.75
C LEU A 15 -5.98 2.43 11.77
N ASP A 16 -5.89 2.79 13.06
CA ASP A 16 -5.47 1.88 14.13
C ASP A 16 -6.61 0.95 14.60
N ARG A 17 -7.86 1.32 14.26
CA ARG A 17 -9.09 0.69 14.73
C ARG A 17 -9.73 -0.26 13.70
N LEU A 18 -9.18 -0.34 12.49
CA LEU A 18 -9.63 -1.27 11.44
C LEU A 18 -9.49 -2.74 11.84
N ALA A 19 -10.06 -3.63 11.04
CA ALA A 19 -9.87 -5.08 11.14
C ALA A 19 -9.94 -5.75 9.75
N GLY A 20 -9.08 -6.76 9.56
CA GLY A 20 -8.84 -7.47 8.30
C GLY A 20 -7.54 -7.01 7.61
N PRO A 21 -6.96 -7.81 6.70
CA PRO A 21 -5.72 -7.47 6.01
C PRO A 21 -5.97 -6.29 5.06
N THR A 22 -5.24 -5.18 5.26
CA THR A 22 -5.41 -3.91 4.55
C THR A 22 -4.04 -3.32 4.22
N LEU A 23 -3.79 -3.05 2.95
CA LEU A 23 -2.57 -2.41 2.46
C LEU A 23 -2.81 -0.91 2.30
N VAL A 24 -1.93 -0.07 2.88
CA VAL A 24 -1.93 1.39 2.71
C VAL A 24 -0.75 1.80 1.84
N GLU A 25 -1.04 2.36 0.67
CA GLU A 25 -0.12 2.69 -0.42
C GLU A 25 0.07 4.21 -0.54
N PHE A 26 1.33 4.67 -0.53
CA PHE A 26 1.71 6.08 -0.58
C PHE A 26 2.38 6.42 -1.93
N GLY A 27 1.83 7.43 -2.62
CA GLY A 27 2.26 7.82 -3.96
C GLY A 27 1.31 8.81 -4.61
N THR A 28 1.19 8.77 -5.94
CA THR A 28 0.21 9.54 -6.74
C THR A 28 -0.18 8.73 -7.98
N ASP A 29 -1.11 9.23 -8.80
CA ASP A 29 -1.49 8.58 -10.05
C ASP A 29 -0.57 8.99 -11.23
N TRP A 30 0.51 9.74 -10.96
CA TRP A 30 1.31 10.42 -11.98
C TRP A 30 2.84 10.37 -11.78
N CYS A 31 3.38 10.02 -10.60
CA CYS A 31 4.83 9.83 -10.41
C CYS A 31 5.35 8.65 -11.25
N GLY A 32 6.55 8.79 -11.84
CA GLY A 32 7.24 7.74 -12.60
C GLY A 32 7.61 6.52 -11.75
N HIS A 33 7.68 6.64 -10.42
CA HIS A 33 7.70 5.47 -9.54
C HIS A 33 6.35 4.73 -9.56
N CYS A 34 5.27 5.47 -9.35
CA CYS A 34 3.91 4.93 -9.32
C CYS A 34 3.51 4.29 -10.63
N GLN A 35 3.91 4.83 -11.78
CA GLN A 35 3.57 4.24 -13.07
C GLN A 35 4.12 2.82 -13.24
N ALA A 36 5.19 2.50 -12.50
CA ALA A 36 5.80 1.16 -12.42
C ALA A 36 5.25 0.32 -11.27
N ALA A 37 4.92 0.91 -10.11
CA ALA A 37 4.41 0.19 -8.94
C ALA A 37 2.90 -0.14 -9.05
N GLN A 38 2.12 0.69 -9.76
CA GLN A 38 0.69 0.48 -9.98
C GLN A 38 0.39 -0.84 -10.72
N PRO A 39 0.99 -1.13 -11.90
CA PRO A 39 0.81 -2.41 -12.57
C PRO A 39 1.51 -3.57 -11.81
N LEU A 40 2.45 -3.26 -10.91
CA LEU A 40 3.06 -4.26 -10.03
C LEU A 40 2.01 -4.79 -9.06
N LEU A 41 1.37 -3.88 -8.31
CA LEU A 41 0.30 -4.19 -7.38
C LEU A 41 -0.82 -4.89 -8.14
N ALA A 42 -1.25 -4.34 -9.28
CA ALA A 42 -2.30 -4.94 -10.10
C ALA A 42 -2.04 -6.41 -10.47
N GLU A 43 -0.79 -6.79 -10.73
CA GLU A 43 -0.41 -8.17 -11.04
C GLU A 43 -0.46 -9.08 -9.80
N VAL A 44 0.08 -8.64 -8.65
CA VAL A 44 0.03 -9.42 -7.39
C VAL A 44 -1.41 -9.54 -6.85
N PHE A 45 -2.13 -8.43 -6.75
CA PHE A 45 -3.47 -8.32 -6.15
C PHE A 45 -4.53 -9.19 -6.84
N SER A 46 -4.33 -9.53 -8.11
CA SER A 46 -5.25 -10.42 -8.86
C SER A 46 -5.37 -11.82 -8.24
N ASP A 47 -4.45 -12.24 -7.36
CA ASP A 47 -4.50 -13.51 -6.61
C ASP A 47 -4.94 -13.35 -5.13
N TYR A 48 -5.06 -12.10 -4.64
CA TYR A 48 -5.40 -11.76 -3.24
C TYR A 48 -6.57 -10.74 -3.08
N PRO A 49 -7.71 -10.87 -3.80
CA PRO A 49 -8.78 -9.88 -3.82
C PRO A 49 -9.47 -9.64 -2.46
N GLU A 50 -9.28 -10.53 -1.47
CA GLU A 50 -9.77 -10.33 -0.10
C GLU A 50 -9.00 -9.29 0.71
N VAL A 51 -7.80 -8.89 0.29
CA VAL A 51 -7.01 -7.82 0.93
C VAL A 51 -7.63 -6.44 0.56
N GLY A 52 -7.63 -5.47 1.50
CA GLY A 52 -8.03 -4.08 1.23
C GLY A 52 -6.87 -3.25 0.67
N HIS A 53 -7.17 -2.18 -0.07
CA HIS A 53 -6.12 -1.31 -0.63
C HIS A 53 -6.51 0.18 -0.61
N LEU A 54 -5.80 0.97 0.20
CA LEU A 54 -5.98 2.41 0.31
C LEU A 54 -4.84 3.13 -0.43
N LYS A 55 -5.17 3.81 -1.54
CA LYS A 55 -4.20 4.58 -2.32
C LYS A 55 -4.17 6.05 -1.85
N VAL A 56 -3.18 6.39 -1.05
CA VAL A 56 -2.99 7.71 -0.42
C VAL A 56 -2.18 8.60 -1.35
N GLU A 57 -2.86 9.62 -1.87
CA GLU A 57 -2.28 10.64 -2.72
C GLU A 57 -1.43 11.60 -1.86
N ASP A 58 -0.13 11.36 -1.80
CA ASP A 58 0.80 12.13 -0.97
C ASP A 58 1.00 13.57 -1.49
N GLY A 59 1.08 13.71 -2.80
CA GLY A 59 1.23 14.97 -3.52
C GLY A 59 2.62 15.54 -3.21
N PRO A 60 2.72 16.74 -2.61
CA PRO A 60 3.99 17.31 -2.21
C PRO A 60 4.49 16.86 -0.81
N GLY A 61 3.69 16.10 -0.04
CA GLY A 61 4.03 15.67 1.33
C GLY A 61 2.91 15.90 2.34
N ARG A 62 1.67 15.57 1.98
CA ARG A 62 0.46 15.76 2.80
C ARG A 62 0.34 14.73 3.95
N ARG A 63 -0.81 14.71 4.64
CA ARG A 63 -1.09 13.87 5.81
C ARG A 63 -0.97 12.36 5.52
N LEU A 64 -0.59 11.59 6.54
CA LEU A 64 -0.67 10.13 6.72
C LEU A 64 0.69 9.44 6.52
N GLY A 65 1.37 9.60 5.38
CA GLY A 65 2.66 8.92 5.10
C GLY A 65 3.80 9.36 6.04
N ARG A 66 3.70 10.58 6.57
CA ARG A 66 4.54 11.11 7.64
C ARG A 66 4.27 10.38 8.97
N SER A 67 3.01 10.08 9.29
CA SER A 67 2.57 9.38 10.52
C SER A 67 2.78 7.85 10.45
N PHE A 68 3.00 7.31 9.24
CA PHE A 68 3.56 5.99 9.01
C PHE A 68 5.10 5.98 9.00
N GLN A 69 5.74 7.15 8.95
CA GLN A 69 7.20 7.31 8.86
C GLN A 69 7.73 6.50 7.65
N VAL A 70 7.16 6.76 6.47
CA VAL A 70 7.51 6.12 5.19
C VAL A 70 8.99 6.34 4.83
N LYS A 71 9.68 5.28 4.36
CA LYS A 71 11.15 5.22 4.28
C LYS A 71 11.72 5.86 3.01
N LEU A 72 11.20 5.45 1.84
CA LEU A 72 11.51 6.02 0.53
C LEU A 72 10.40 7.02 0.18
N TRP A 73 9.68 6.79 -0.91
CA TRP A 73 8.41 7.43 -1.22
C TRP A 73 7.40 6.42 -1.84
N PRO A 74 7.74 5.63 -2.89
CA PRO A 74 6.92 4.52 -3.31
C PRO A 74 7.03 3.39 -2.27
N THR A 75 6.02 3.29 -1.42
CA THR A 75 6.02 2.44 -0.22
C THR A 75 4.58 2.12 0.14
N PHE A 76 4.35 0.88 0.56
CA PHE A 76 3.04 0.42 0.98
C PHE A 76 3.16 -0.48 2.22
N VAL A 77 2.32 -0.18 3.22
CA VAL A 77 2.35 -0.74 4.57
C VAL A 77 1.17 -1.68 4.77
N PHE A 78 1.47 -2.94 5.10
CA PHE A 78 0.46 -3.98 5.33
C PHE A 78 0.03 -3.96 6.80
N LEU A 79 -1.25 -3.67 7.02
CA LEU A 79 -1.92 -3.72 8.31
C LEU A 79 -2.81 -4.98 8.40
N ARG A 80 -3.10 -5.41 9.62
CA ARG A 80 -4.03 -6.48 9.96
C ARG A 80 -4.38 -6.39 11.44
N ASP A 81 -5.68 -6.40 11.77
CA ASP A 81 -6.22 -6.15 13.12
C ASP A 81 -5.85 -4.75 13.67
N GLY A 82 -5.66 -3.78 12.75
CA GLY A 82 -5.26 -2.40 13.03
C GLY A 82 -3.75 -2.19 13.25
N ARG A 83 -2.98 -3.27 13.38
CA ARG A 83 -1.54 -3.26 13.61
C ARG A 83 -0.79 -3.46 12.30
N GLU A 84 0.31 -2.73 12.10
CA GLU A 84 1.24 -2.99 11.00
C GLU A 84 1.88 -4.38 11.18
N VAL A 85 1.69 -5.26 10.21
CA VAL A 85 2.28 -6.61 10.16
C VAL A 85 3.55 -6.67 9.30
N ALA A 86 3.70 -5.71 8.38
CA ALA A 86 4.80 -5.59 7.42
C ALA A 86 4.69 -4.27 6.64
N ARG A 87 5.70 -4.01 5.81
CA ARG A 87 5.63 -3.04 4.72
C ARG A 87 6.62 -3.40 3.62
N VAL A 88 6.32 -2.99 2.39
CA VAL A 88 7.21 -3.18 1.22
C VAL A 88 7.63 -1.80 0.71
N VAL A 89 8.95 -1.64 0.52
CA VAL A 89 9.59 -0.42 -0.01
C VAL A 89 10.31 -0.81 -1.31
N ARG A 90 10.07 -0.08 -2.40
CA ARG A 90 10.74 -0.23 -3.69
C ARG A 90 10.59 -1.66 -4.28
N PRO A 91 9.43 -2.04 -4.85
CA PRO A 91 9.11 -3.41 -5.26
C PRO A 91 10.06 -3.96 -6.34
N GLY A 92 10.20 -3.26 -7.48
CA GLY A 92 11.07 -3.63 -8.60
C GLY A 92 10.51 -4.77 -9.48
N SER A 93 10.08 -5.87 -8.86
CA SER A 93 9.61 -7.09 -9.55
C SER A 93 8.51 -7.80 -8.72
N ALA A 94 7.53 -8.40 -9.40
CA ALA A 94 6.41 -9.11 -8.77
C ALA A 94 6.87 -10.23 -7.82
N SER A 95 8.03 -10.82 -8.05
CA SER A 95 8.67 -11.78 -7.14
C SER A 95 8.91 -11.23 -5.73
N VAL A 96 9.13 -9.92 -5.55
CA VAL A 96 9.28 -9.26 -4.24
C VAL A 96 7.91 -8.93 -3.66
N LEU A 97 6.99 -8.43 -4.49
CA LEU A 97 5.67 -7.99 -4.04
C LEU A 97 4.77 -9.17 -3.66
N GLU A 98 4.65 -10.18 -4.53
CA GLU A 98 3.92 -11.42 -4.27
C GLU A 98 4.44 -12.15 -3.01
N GLU A 99 5.77 -12.20 -2.81
CA GLU A 99 6.40 -12.82 -1.64
C GLU A 99 5.94 -12.20 -0.31
N ALA A 100 5.71 -10.88 -0.31
CA ALA A 100 5.12 -10.21 0.84
C ALA A 100 3.61 -10.49 0.93
N PHE A 101 2.85 -10.35 -0.17
CA PHE A 101 1.40 -10.52 -0.14
C PHE A 101 0.99 -11.88 0.43
N GLU A 102 1.58 -12.97 -0.06
CA GLU A 102 1.34 -14.33 0.45
C GLU A 102 1.71 -14.48 1.93
N SER A 103 2.76 -13.78 2.39
CA SER A 103 3.20 -13.85 3.77
C SER A 103 2.17 -13.19 4.73
N LEU A 104 1.51 -12.10 4.28
CA LEU A 104 0.59 -11.33 5.13
C LEU A 104 -0.86 -11.80 5.02
N VAL A 105 -1.25 -12.28 3.84
CA VAL A 105 -2.58 -12.88 3.60
C VAL A 105 -2.74 -14.21 4.35
N GLY A 106 -1.62 -14.88 4.63
CA GLY A 106 -1.52 -16.14 5.39
C GLY A 106 -1.30 -17.39 4.53
N GLU A 107 -1.29 -17.26 3.20
CA GLU A 107 -1.06 -18.35 2.26
C GLU A 107 0.39 -18.87 2.28
N GLY A 108 1.34 -18.05 2.75
CA GLY A 108 2.73 -18.42 3.03
C GLY A 108 2.90 -19.29 4.27
N MET A 1 -7.29 0.40 -14.01
CA MET A 1 -7.87 1.73 -13.82
C MET A 1 -7.99 2.09 -12.32
N LYS A 2 -8.25 1.09 -11.48
CA LYS A 2 -8.39 1.23 -10.01
C LYS A 2 -7.06 1.52 -9.27
N THR A 3 -5.96 1.64 -10.01
CA THR A 3 -4.61 2.05 -9.57
C THR A 3 -4.53 3.55 -9.22
N ARG A 4 -5.48 4.37 -9.67
CA ARG A 4 -5.55 5.81 -9.40
C ARG A 4 -5.61 6.11 -7.88
N TYR A 5 -5.02 7.24 -7.48
CA TYR A 5 -4.78 7.60 -6.08
C TYR A 5 -5.87 8.49 -5.45
N SER A 6 -5.84 8.60 -4.12
CA SER A 6 -6.80 9.38 -3.33
C SER A 6 -6.11 10.39 -2.38
N ALA A 7 -6.48 11.66 -2.49
CA ALA A 7 -6.12 12.72 -1.53
C ALA A 7 -7.04 12.70 -0.29
N GLU A 8 -8.28 12.21 -0.46
CA GLU A 8 -9.30 12.01 0.56
C GLU A 8 -9.03 10.78 1.45
N ALA A 9 -7.77 10.52 1.76
CA ALA A 9 -7.34 9.47 2.69
C ALA A 9 -7.80 9.76 4.14
N PRO A 10 -7.93 8.72 4.98
CA PRO A 10 -8.32 8.84 6.38
C PRO A 10 -7.25 9.55 7.23
N ALA A 11 -7.67 10.05 8.39
CA ALA A 11 -6.76 10.45 9.47
C ALA A 11 -6.14 9.22 10.15
N ARG A 12 -5.01 9.38 10.85
CA ARG A 12 -4.37 8.25 11.56
C ARG A 12 -5.29 7.62 12.61
N ASP A 13 -6.10 8.43 13.29
CA ASP A 13 -7.13 7.99 14.25
C ASP A 13 -8.33 7.26 13.61
N GLU A 14 -8.57 7.49 12.32
CA GLU A 14 -9.63 6.83 11.55
C GLU A 14 -9.11 5.55 10.86
N LEU A 15 -7.82 5.51 10.54
CA LEU A 15 -7.10 4.34 10.01
C LEU A 15 -6.72 3.33 11.12
N ASP A 16 -6.54 3.78 12.36
CA ASP A 16 -6.36 2.92 13.55
C ASP A 16 -7.57 1.98 13.80
N ARG A 17 -8.72 2.32 13.22
CA ARG A 17 -9.98 1.55 13.27
C ARG A 17 -9.97 0.32 12.35
N LEU A 18 -8.95 0.19 11.48
CA LEU A 18 -8.80 -0.95 10.58
C LEU A 18 -8.79 -2.32 11.31
N ALA A 19 -9.08 -3.39 10.58
CA ALA A 19 -9.21 -4.76 11.11
C ALA A 19 -8.78 -5.85 10.12
N GLY A 20 -9.28 -5.81 8.89
CA GLY A 20 -8.92 -6.78 7.84
C GLY A 20 -7.54 -6.49 7.22
N PRO A 21 -6.99 -7.42 6.42
CA PRO A 21 -5.71 -7.23 5.74
C PRO A 21 -5.85 -6.09 4.73
N THR A 22 -5.14 -4.98 5.00
CA THR A 22 -5.22 -3.75 4.22
C THR A 22 -3.83 -3.23 3.93
N LEU A 23 -3.51 -3.02 2.66
CA LEU A 23 -2.26 -2.43 2.22
C LEU A 23 -2.42 -0.91 2.06
N VAL A 24 -1.53 -0.12 2.69
CA VAL A 24 -1.52 1.34 2.60
C VAL A 24 -0.32 1.79 1.75
N GLU A 25 -0.61 2.36 0.59
CA GLU A 25 0.32 2.70 -0.50
C GLU A 25 0.51 4.21 -0.61
N PHE A 26 1.76 4.67 -0.68
CA PHE A 26 2.16 6.09 -0.75
C PHE A 26 2.78 6.45 -2.11
N GLY A 27 2.29 7.53 -2.73
CA GLY A 27 2.69 7.96 -4.07
C GLY A 27 1.69 8.92 -4.71
N THR A 28 1.55 8.88 -6.03
CA THR A 28 0.55 9.64 -6.83
C THR A 28 0.13 8.80 -8.04
N ASP A 29 -0.89 9.24 -8.79
CA ASP A 29 -1.31 8.53 -9.99
C ASP A 29 -0.43 8.84 -11.22
N TRP A 30 0.57 9.72 -11.05
CA TRP A 30 1.34 10.33 -12.13
C TRP A 30 2.89 10.25 -12.02
N CYS A 31 3.48 9.95 -10.85
CA CYS A 31 4.94 9.77 -10.74
C CYS A 31 5.43 8.56 -11.55
N GLY A 32 6.62 8.66 -12.16
CA GLY A 32 7.28 7.56 -12.88
C GLY A 32 7.71 6.40 -11.97
N HIS A 33 7.86 6.60 -10.67
CA HIS A 33 7.94 5.49 -9.71
C HIS A 33 6.62 4.71 -9.68
N CYS A 34 5.51 5.44 -9.51
CA CYS A 34 4.16 4.89 -9.45
C CYS A 34 3.75 4.19 -10.73
N GLN A 35 4.15 4.68 -11.91
CA GLN A 35 3.72 4.06 -13.17
C GLN A 35 4.28 2.63 -13.33
N ALA A 36 5.40 2.36 -12.66
CA ALA A 36 6.04 1.05 -12.59
C ALA A 36 5.46 0.16 -11.46
N ALA A 37 5.17 0.73 -10.29
CA ALA A 37 4.66 -0.01 -9.13
C ALA A 37 3.14 -0.26 -9.18
N GLN A 38 2.36 0.62 -9.80
CA GLN A 38 0.91 0.49 -9.93
C GLN A 38 0.48 -0.81 -10.63
N PRO A 39 0.96 -1.15 -11.85
CA PRO A 39 0.66 -2.44 -12.47
C PRO A 39 1.29 -3.62 -11.72
N LEU A 40 2.33 -3.39 -10.91
CA LEU A 40 2.98 -4.40 -10.08
C LEU A 40 1.98 -4.88 -9.01
N LEU A 41 1.48 -3.93 -8.21
CA LEU A 41 0.48 -4.19 -7.19
C LEU A 41 -0.76 -4.78 -7.83
N ALA A 42 -1.26 -4.19 -8.92
CA ALA A 42 -2.45 -4.66 -9.62
C ALA A 42 -2.35 -6.12 -10.09
N GLU A 43 -1.16 -6.57 -10.51
CA GLU A 43 -0.91 -7.96 -10.87
C GLU A 43 -0.87 -8.87 -9.63
N VAL A 44 -0.20 -8.45 -8.56
CA VAL A 44 -0.12 -9.22 -7.30
C VAL A 44 -1.51 -9.39 -6.69
N PHE A 45 -2.23 -8.28 -6.50
CA PHE A 45 -3.61 -8.21 -6.03
C PHE A 45 -4.58 -9.03 -6.89
N SER A 46 -4.19 -9.44 -8.11
CA SER A 46 -5.03 -10.30 -8.94
C SER A 46 -5.21 -11.71 -8.33
N ASP A 47 -4.27 -12.17 -7.48
CA ASP A 47 -4.37 -13.43 -6.73
C ASP A 47 -4.82 -13.25 -5.26
N TYR A 48 -4.86 -12.00 -4.77
CA TYR A 48 -5.25 -11.64 -3.40
C TYR A 48 -6.37 -10.57 -3.31
N PRO A 49 -7.49 -10.69 -4.07
CA PRO A 49 -8.55 -9.67 -4.09
C PRO A 49 -9.26 -9.48 -2.74
N GLU A 50 -9.12 -10.42 -1.81
CA GLU A 50 -9.61 -10.29 -0.43
C GLU A 50 -8.83 -9.27 0.42
N VAL A 51 -7.63 -8.84 -0.01
CA VAL A 51 -6.84 -7.76 0.63
C VAL A 51 -7.38 -6.40 0.12
N GLY A 52 -7.45 -5.39 1.00
CA GLY A 52 -7.83 -4.01 0.64
C GLY A 52 -6.61 -3.16 0.24
N HIS A 53 -6.81 -2.10 -0.54
CA HIS A 53 -5.73 -1.22 -0.99
C HIS A 53 -6.10 0.27 -0.85
N LEU A 54 -5.35 1.02 -0.03
CA LEU A 54 -5.52 2.46 0.18
C LEU A 54 -4.36 3.22 -0.50
N LYS A 55 -4.65 3.89 -1.62
CA LYS A 55 -3.67 4.69 -2.37
C LYS A 55 -3.64 6.13 -1.85
N VAL A 56 -2.68 6.48 -1.02
CA VAL A 56 -2.52 7.79 -0.34
C VAL A 56 -1.70 8.73 -1.23
N GLU A 57 -2.35 9.81 -1.64
CA GLU A 57 -1.76 10.80 -2.54
C GLU A 57 -0.82 11.77 -1.81
N ASP A 58 0.37 11.99 -2.38
CA ASP A 58 1.33 13.00 -1.94
C ASP A 58 0.82 14.45 -2.18
N GLY A 59 1.25 15.38 -1.30
CA GLY A 59 0.67 16.72 -1.15
C GLY A 59 -0.31 16.69 0.04
N PRO A 60 -1.62 16.94 -0.17
CA PRO A 60 -2.62 16.75 0.87
C PRO A 60 -2.76 15.24 1.18
N GLY A 61 -2.23 14.85 2.35
CA GLY A 61 -2.05 13.44 2.76
C GLY A 61 -0.64 13.07 3.23
N ARG A 62 0.36 13.94 3.04
CA ARG A 62 1.75 13.72 3.51
C ARG A 62 1.88 13.42 5.01
N ARG A 63 0.97 13.96 5.84
CA ARG A 63 0.94 13.69 7.30
C ARG A 63 0.80 12.19 7.62
N LEU A 64 0.05 11.43 6.81
CA LEU A 64 -0.09 9.98 6.99
C LEU A 64 1.25 9.28 6.73
N GLY A 65 1.90 9.51 5.58
CA GLY A 65 3.21 8.92 5.24
C GLY A 65 4.34 9.31 6.20
N ARG A 66 4.26 10.51 6.79
CA ARG A 66 5.13 10.98 7.88
C ARG A 66 4.92 10.15 9.17
N SER A 67 3.68 9.92 9.60
CA SER A 67 3.35 9.10 10.77
C SER A 67 3.48 7.58 10.53
N PHE A 68 3.64 7.16 9.27
CA PHE A 68 4.12 5.84 8.88
C PHE A 68 5.65 5.77 8.81
N GLN A 69 6.36 6.90 8.83
CA GLN A 69 7.82 6.99 8.73
C GLN A 69 8.29 6.27 7.44
N VAL A 70 7.68 6.62 6.30
CA VAL A 70 7.96 6.03 4.98
C VAL A 70 9.43 6.22 4.58
N LYS A 71 10.08 5.15 4.13
CA LYS A 71 11.55 5.05 4.00
C LYS A 71 12.09 5.70 2.72
N LEU A 72 11.50 5.37 1.57
CA LEU A 72 11.80 5.96 0.26
C LEU A 72 10.65 6.92 -0.08
N TRP A 73 9.91 6.64 -1.15
CA TRP A 73 8.64 7.28 -1.48
C TRP A 73 7.65 6.27 -2.09
N PRO A 74 8.01 5.48 -3.13
CA PRO A 74 7.19 4.35 -3.54
C PRO A 74 7.33 3.23 -2.51
N THR A 75 6.34 3.13 -1.62
CA THR A 75 6.39 2.31 -0.41
C THR A 75 4.96 2.00 -0.02
N PHE A 76 4.72 0.76 0.41
CA PHE A 76 3.41 0.28 0.82
C PHE A 76 3.52 -0.61 2.05
N VAL A 77 2.72 -0.25 3.06
CA VAL A 77 2.74 -0.80 4.42
C VAL A 77 1.52 -1.69 4.63
N PHE A 78 1.75 -2.97 4.95
CA PHE A 78 0.71 -3.97 5.16
C PHE A 78 0.22 -3.90 6.61
N LEU A 79 -1.06 -3.57 6.77
CA LEU A 79 -1.75 -3.55 8.06
C LEU A 79 -2.73 -4.73 8.18
N ARG A 80 -2.98 -5.15 9.42
CA ARG A 80 -3.95 -6.18 9.81
C ARG A 80 -4.21 -6.06 11.32
N ASP A 81 -5.48 -6.14 11.72
CA ASP A 81 -5.96 -5.81 13.08
C ASP A 81 -5.65 -4.34 13.48
N GLY A 82 -5.52 -3.45 12.48
CA GLY A 82 -5.13 -2.04 12.65
C GLY A 82 -3.64 -1.80 12.92
N ARG A 83 -2.84 -2.85 13.06
CA ARG A 83 -1.40 -2.83 13.34
C ARG A 83 -0.62 -3.13 12.06
N GLU A 84 0.52 -2.49 11.86
CA GLU A 84 1.47 -2.84 10.80
C GLU A 84 2.02 -4.25 11.04
N VAL A 85 1.79 -5.14 10.08
CA VAL A 85 2.32 -6.53 10.07
C VAL A 85 3.60 -6.65 9.23
N ALA A 86 3.81 -5.73 8.28
CA ALA A 86 4.95 -5.67 7.36
C ALA A 86 4.92 -4.38 6.53
N ARG A 87 5.94 -4.19 5.69
CA ARG A 87 5.91 -3.24 4.59
C ARG A 87 6.89 -3.66 3.48
N VAL A 88 6.64 -3.20 2.26
CA VAL A 88 7.53 -3.39 1.10
C VAL A 88 7.93 -2.01 0.57
N VAL A 89 9.23 -1.79 0.43
CA VAL A 89 9.85 -0.56 -0.08
C VAL A 89 10.50 -0.88 -1.44
N ARG A 90 10.17 -0.10 -2.48
CA ARG A 90 10.75 -0.17 -3.83
C ARG A 90 10.62 -1.59 -4.47
N PRO A 91 9.45 -1.96 -5.06
CA PRO A 91 9.23 -3.29 -5.64
C PRO A 91 10.19 -3.56 -6.82
N GLY A 92 10.90 -4.69 -6.77
CA GLY A 92 11.85 -5.11 -7.82
C GLY A 92 11.21 -5.90 -8.96
N SER A 93 10.17 -6.68 -8.64
CA SER A 93 9.37 -7.53 -9.55
C SER A 93 8.22 -8.19 -8.77
N ALA A 94 7.20 -8.68 -9.48
CA ALA A 94 6.07 -9.42 -8.91
C ALA A 94 6.52 -10.63 -8.08
N SER A 95 7.66 -11.25 -8.38
CA SER A 95 8.23 -12.32 -7.56
C SER A 95 8.62 -11.87 -6.13
N VAL A 96 8.93 -10.60 -5.91
CA VAL A 96 9.27 -10.01 -4.60
C VAL A 96 8.02 -9.42 -3.93
N LEU A 97 7.13 -8.80 -4.72
CA LEU A 97 5.88 -8.24 -4.21
C LEU A 97 4.88 -9.34 -3.81
N GLU A 98 4.66 -10.35 -4.66
CA GLU A 98 3.78 -11.49 -4.33
C GLU A 98 4.31 -12.28 -3.12
N GLU A 99 5.64 -12.42 -2.95
CA GLU A 99 6.28 -13.10 -1.82
C GLU A 99 5.94 -12.44 -0.47
N ALA A 100 5.75 -11.13 -0.46
CA ALA A 100 5.24 -10.43 0.71
C ALA A 100 3.72 -10.61 0.83
N PHE A 101 2.96 -10.47 -0.25
CA PHE A 101 1.51 -10.61 -0.21
C PHE A 101 1.06 -11.95 0.36
N GLU A 102 1.60 -13.07 -0.15
CA GLU A 102 1.33 -14.40 0.39
C GLU A 102 1.64 -14.53 1.89
N SER A 103 2.66 -13.82 2.36
CA SER A 103 3.06 -13.84 3.76
C SER A 103 2.08 -13.05 4.67
N LEU A 104 1.45 -11.99 4.14
CA LEU A 104 0.57 -11.11 4.92
C LEU A 104 -0.92 -11.41 4.73
N VAL A 105 -1.30 -12.01 3.60
CA VAL A 105 -2.65 -12.53 3.35
C VAL A 105 -2.93 -13.79 4.20
N GLY A 106 -1.86 -14.51 4.56
CA GLY A 106 -1.92 -15.73 5.40
C GLY A 106 -2.01 -17.04 4.62
N GLU A 107 -1.76 -17.01 3.30
CA GLU A 107 -1.68 -18.22 2.47
C GLU A 107 -0.34 -18.94 2.68
N GLY A 108 0.73 -18.18 2.93
CA GLY A 108 2.06 -18.70 3.23
C GLY A 108 2.78 -19.33 2.05
N MET A 1 -10.46 2.31 -17.61
CA MET A 1 -11.72 2.35 -16.84
C MET A 1 -11.55 1.92 -15.37
N LYS A 2 -10.32 1.56 -14.98
CA LYS A 2 -9.95 1.03 -13.66
C LYS A 2 -9.82 2.14 -12.58
N THR A 3 -9.77 1.74 -11.30
CA THR A 3 -9.61 2.64 -10.14
C THR A 3 -8.21 3.25 -10.10
N ARG A 4 -8.05 4.33 -9.33
CA ARG A 4 -6.83 5.14 -9.24
C ARG A 4 -6.68 5.75 -7.83
N TYR A 5 -5.70 6.63 -7.63
CA TYR A 5 -5.41 7.22 -6.31
C TYR A 5 -6.52 8.11 -5.74
N SER A 6 -6.60 8.11 -4.41
CA SER A 6 -7.72 8.71 -3.65
C SER A 6 -7.25 9.81 -2.69
N ALA A 7 -7.82 11.00 -2.81
CA ALA A 7 -7.61 12.10 -1.85
C ALA A 7 -8.33 11.86 -0.51
N GLU A 8 -9.50 11.21 -0.54
CA GLU A 8 -10.41 10.95 0.60
C GLU A 8 -9.92 9.84 1.59
N ALA A 9 -8.62 9.67 1.74
CA ALA A 9 -8.01 8.70 2.65
C ALA A 9 -8.36 8.96 4.14
N PRO A 10 -8.32 7.90 4.98
CA PRO A 10 -8.59 8.01 6.41
C PRO A 10 -7.49 8.77 7.17
N ALA A 11 -7.83 9.25 8.37
CA ALA A 11 -6.86 9.72 9.35
C ALA A 11 -6.26 8.54 10.12
N ARG A 12 -4.98 8.66 10.52
CA ARG A 12 -4.22 7.58 11.18
C ARG A 12 -4.88 7.11 12.49
N ASP A 13 -5.64 7.97 13.17
CA ASP A 13 -6.39 7.63 14.38
C ASP A 13 -7.58 6.68 14.11
N GLU A 14 -8.34 6.91 13.05
CA GLU A 14 -9.45 6.03 12.65
C GLU A 14 -8.95 4.74 11.98
N LEU A 15 -7.86 4.86 11.23
CA LEU A 15 -7.12 3.73 10.63
C LEU A 15 -6.46 2.82 11.68
N ASP A 16 -6.34 3.24 12.96
CA ASP A 16 -5.86 2.36 14.04
C ASP A 16 -6.91 1.32 14.46
N ARG A 17 -8.19 1.62 14.18
CA ARG A 17 -9.35 0.88 14.66
C ARG A 17 -9.90 -0.15 13.65
N LEU A 18 -9.33 -0.20 12.44
CA LEU A 18 -9.63 -1.22 11.43
C LEU A 18 -9.29 -2.65 11.90
N ALA A 19 -9.74 -3.67 11.17
CA ALA A 19 -9.49 -5.08 11.51
C ALA A 19 -9.01 -5.98 10.34
N GLY A 20 -9.50 -5.77 9.12
CA GLY A 20 -9.20 -6.63 7.97
C GLY A 20 -7.79 -6.41 7.38
N PRO A 21 -7.28 -7.36 6.57
CA PRO A 21 -5.99 -7.21 5.90
C PRO A 21 -6.08 -6.07 4.86
N THR A 22 -5.43 -4.95 5.17
CA THR A 22 -5.50 -3.69 4.42
C THR A 22 -4.10 -3.21 4.09
N LEU A 23 -3.77 -3.12 2.81
CA LEU A 23 -2.53 -2.49 2.34
C LEU A 23 -2.73 -0.98 2.18
N VAL A 24 -1.89 -0.18 2.84
CA VAL A 24 -1.93 1.29 2.78
C VAL A 24 -0.76 1.81 1.95
N GLU A 25 -1.06 2.37 0.79
CA GLU A 25 -0.14 2.77 -0.28
C GLU A 25 -0.07 4.30 -0.40
N PHE A 26 1.14 4.86 -0.36
CA PHE A 26 1.41 6.29 -0.48
C PHE A 26 2.03 6.62 -1.85
N GLY A 27 1.36 7.45 -2.63
CA GLY A 27 1.78 7.82 -4.00
C GLY A 27 0.84 8.79 -4.70
N THR A 28 0.96 8.88 -6.03
CA THR A 28 0.10 9.69 -6.92
C THR A 28 -0.06 8.96 -8.26
N ASP A 29 -0.88 9.52 -9.14
CA ASP A 29 -1.09 8.97 -10.48
C ASP A 29 0.00 9.41 -11.48
N TRP A 30 0.95 10.27 -11.05
CA TRP A 30 1.87 11.00 -11.93
C TRP A 30 3.37 10.83 -11.62
N CYS A 31 3.78 10.35 -10.43
CA CYS A 31 5.19 10.05 -10.15
C CYS A 31 5.72 8.89 -11.00
N GLY A 32 6.99 8.97 -11.43
CA GLY A 32 7.68 7.93 -12.20
C GLY A 32 7.97 6.64 -11.41
N HIS A 33 8.08 6.71 -10.07
CA HIS A 33 8.05 5.50 -9.24
C HIS A 33 6.66 4.84 -9.30
N CYS A 34 5.60 5.65 -9.17
CA CYS A 34 4.22 5.19 -9.26
C CYS A 34 3.88 4.56 -10.61
N GLN A 35 4.44 5.04 -11.71
CA GLN A 35 4.15 4.45 -13.03
C GLN A 35 4.64 3.00 -13.14
N ALA A 36 5.65 2.65 -12.34
CA ALA A 36 6.23 1.32 -12.24
C ALA A 36 5.57 0.45 -11.16
N ALA A 37 5.20 1.03 -10.02
CA ALA A 37 4.62 0.32 -8.88
C ALA A 37 3.12 0.08 -9.02
N GLN A 38 2.39 0.96 -9.72
CA GLN A 38 0.95 0.79 -9.97
C GLN A 38 0.62 -0.52 -10.72
N PRO A 39 1.22 -0.82 -11.89
CA PRO A 39 0.97 -2.10 -12.57
C PRO A 39 1.58 -3.28 -11.80
N LEU A 40 2.52 -3.04 -10.88
CA LEU A 40 3.10 -4.07 -10.02
C LEU A 40 2.03 -4.56 -9.05
N LEU A 41 1.48 -3.64 -8.26
CA LEU A 41 0.44 -3.93 -7.27
C LEU A 41 -0.76 -4.55 -7.94
N ALA A 42 -1.16 -4.04 -9.11
CA ALA A 42 -2.26 -4.57 -9.90
C ALA A 42 -2.06 -6.05 -10.29
N GLU A 43 -0.83 -6.44 -10.63
CA GLU A 43 -0.50 -7.83 -11.00
C GLU A 43 -0.51 -8.76 -9.77
N VAL A 44 0.11 -8.36 -8.65
CA VAL A 44 0.09 -9.16 -7.40
C VAL A 44 -1.34 -9.28 -6.82
N PHE A 45 -2.06 -8.16 -6.65
CA PHE A 45 -3.42 -8.14 -6.07
C PHE A 45 -4.43 -9.02 -6.82
N SER A 46 -4.23 -9.30 -8.10
CA SER A 46 -5.08 -10.19 -8.89
C SER A 46 -5.10 -11.64 -8.38
N ASP A 47 -4.10 -12.06 -7.58
CA ASP A 47 -4.07 -13.38 -6.91
C ASP A 47 -4.47 -13.31 -5.42
N TYR A 48 -4.65 -12.10 -4.86
CA TYR A 48 -5.02 -11.87 -3.45
C TYR A 48 -6.25 -10.92 -3.27
N PRO A 49 -7.38 -11.13 -3.97
CA PRO A 49 -8.52 -10.21 -3.97
C PRO A 49 -9.22 -10.05 -2.60
N GLU A 50 -8.95 -10.94 -1.63
CA GLU A 50 -9.44 -10.79 -0.25
C GLU A 50 -8.68 -9.71 0.56
N VAL A 51 -7.53 -9.23 0.08
CA VAL A 51 -6.80 -8.09 0.68
C VAL A 51 -7.41 -6.80 0.16
N GLY A 52 -7.55 -5.79 1.02
CA GLY A 52 -8.00 -4.44 0.65
C GLY A 52 -6.82 -3.51 0.32
N HIS A 53 -7.04 -2.49 -0.51
CA HIS A 53 -6.02 -1.50 -0.86
C HIS A 53 -6.53 -0.08 -0.61
N LEU A 54 -5.69 0.77 0.00
CA LEU A 54 -5.94 2.21 0.13
C LEU A 54 -4.82 2.97 -0.58
N LYS A 55 -5.09 3.42 -1.81
CA LYS A 55 -4.22 4.30 -2.58
C LYS A 55 -4.33 5.75 -2.07
N VAL A 56 -3.52 6.12 -1.07
CA VAL A 56 -3.46 7.48 -0.51
C VAL A 56 -2.77 8.38 -1.50
N GLU A 57 -3.50 9.40 -1.94
CA GLU A 57 -2.93 10.51 -2.69
C GLU A 57 -2.07 11.35 -1.74
N ASP A 58 -0.75 11.13 -1.82
CA ASP A 58 0.28 11.67 -0.93
C ASP A 58 1.00 12.89 -1.59
N GLY A 59 2.07 13.41 -0.97
CA GLY A 59 2.77 14.63 -1.41
C GLY A 59 4.29 14.62 -1.17
N PRO A 60 5.04 15.61 -1.70
CA PRO A 60 6.50 15.66 -1.63
C PRO A 60 7.04 15.90 -0.21
N GLY A 61 6.30 16.62 0.65
CA GLY A 61 6.62 16.78 2.08
C GLY A 61 6.10 15.63 2.97
N ARG A 62 5.47 14.63 2.35
CA ARG A 62 4.82 13.43 2.92
C ARG A 62 3.49 13.77 3.63
N ARG A 63 2.42 13.08 3.22
CA ARG A 63 1.08 13.16 3.81
C ARG A 63 0.92 12.03 4.85
N LEU A 64 0.09 11.00 4.62
CA LEU A 64 -0.11 9.90 5.57
C LEU A 64 1.19 9.08 5.75
N GLY A 65 2.05 8.98 4.73
CA GLY A 65 3.39 8.35 4.85
C GLY A 65 4.30 9.00 5.89
N ARG A 66 4.09 10.29 6.21
CA ARG A 66 4.77 11.00 7.31
C ARG A 66 4.41 10.38 8.66
N SER A 67 3.12 10.13 8.90
CA SER A 67 2.61 9.56 10.16
C SER A 67 2.99 8.08 10.30
N PHE A 68 3.17 7.37 9.18
CA PHE A 68 3.69 6.01 9.10
C PHE A 68 5.24 5.92 9.21
N GLN A 69 5.92 7.08 9.27
CA GLN A 69 7.37 7.23 9.43
C GLN A 69 8.13 6.67 8.21
N VAL A 70 7.56 6.81 7.00
CA VAL A 70 8.11 6.26 5.76
C VAL A 70 9.43 6.96 5.38
N LYS A 71 10.48 6.16 5.17
CA LYS A 71 11.84 6.64 4.87
C LYS A 71 12.01 7.15 3.43
N LEU A 72 11.47 6.41 2.46
CA LEU A 72 11.45 6.75 1.03
C LEU A 72 10.16 7.53 0.73
N TRP A 73 9.40 7.14 -0.29
CA TRP A 73 8.03 7.61 -0.54
C TRP A 73 7.15 6.56 -1.25
N PRO A 74 7.57 5.92 -2.37
CA PRO A 74 6.82 4.83 -2.95
C PRO A 74 6.96 3.60 -2.05
N THR A 75 5.97 3.40 -1.18
CA THR A 75 6.01 2.50 -0.04
C THR A 75 4.58 2.19 0.37
N PHE A 76 4.33 0.93 0.65
CA PHE A 76 3.02 0.43 1.02
C PHE A 76 3.15 -0.48 2.25
N VAL A 77 2.35 -0.15 3.26
CA VAL A 77 2.38 -0.74 4.61
C VAL A 77 1.19 -1.66 4.78
N PHE A 78 1.48 -2.93 5.07
CA PHE A 78 0.47 -3.97 5.25
C PHE A 78 -0.04 -3.91 6.70
N LEU A 79 -1.32 -3.57 6.89
CA LEU A 79 -2.01 -3.55 8.17
C LEU A 79 -2.97 -4.74 8.28
N ARG A 80 -3.22 -5.20 9.51
CA ARG A 80 -4.16 -6.28 9.87
C ARG A 80 -4.38 -6.26 11.39
N ASP A 81 -5.62 -6.43 11.83
CA ASP A 81 -6.05 -6.32 13.24
C ASP A 81 -5.79 -4.91 13.84
N GLY A 82 -5.72 -3.90 12.97
CA GLY A 82 -5.43 -2.49 13.31
C GLY A 82 -3.94 -2.17 13.48
N ARG A 83 -3.06 -3.18 13.50
CA ARG A 83 -1.61 -3.05 13.64
C ARG A 83 -0.93 -3.20 12.27
N GLU A 84 0.23 -2.58 12.08
CA GLU A 84 1.15 -2.90 10.97
C GLU A 84 1.66 -4.33 11.17
N VAL A 85 1.52 -5.17 10.15
CA VAL A 85 2.08 -6.53 10.11
C VAL A 85 3.36 -6.62 9.28
N ALA A 86 3.55 -5.68 8.34
CA ALA A 86 4.72 -5.55 7.47
C ALA A 86 4.67 -4.25 6.68
N ARG A 87 5.69 -4.01 5.85
CA ARG A 87 5.64 -3.04 4.75
C ARG A 87 6.64 -3.41 3.66
N VAL A 88 6.39 -2.95 2.44
CA VAL A 88 7.30 -3.10 1.29
C VAL A 88 7.68 -1.70 0.79
N VAL A 89 8.98 -1.46 0.62
CA VAL A 89 9.56 -0.18 0.14
C VAL A 89 10.18 -0.42 -1.24
N ARG A 90 9.83 0.44 -2.21
CA ARG A 90 10.39 0.49 -3.58
C ARG A 90 10.37 -0.90 -4.30
N PRO A 91 9.23 -1.37 -4.84
CA PRO A 91 9.10 -2.72 -5.40
C PRO A 91 10.07 -2.95 -6.57
N GLY A 92 10.85 -4.03 -6.49
CA GLY A 92 11.83 -4.39 -7.52
C GLY A 92 11.25 -5.27 -8.64
N SER A 93 10.24 -6.08 -8.32
CA SER A 93 9.66 -7.10 -9.20
C SER A 93 8.41 -7.73 -8.55
N ALA A 94 7.52 -8.33 -9.35
CA ALA A 94 6.39 -9.10 -8.83
C ALA A 94 6.86 -10.25 -7.92
N SER A 95 8.01 -10.86 -8.20
CA SER A 95 8.58 -11.91 -7.34
C SER A 95 8.98 -11.41 -5.94
N VAL A 96 9.20 -10.09 -5.74
CA VAL A 96 9.40 -9.47 -4.42
C VAL A 96 8.06 -9.02 -3.81
N LEU A 97 7.15 -8.44 -4.61
CA LEU A 97 5.87 -7.94 -4.13
C LEU A 97 4.92 -9.09 -3.73
N GLU A 98 4.74 -10.08 -4.60
CA GLU A 98 3.97 -11.32 -4.33
C GLU A 98 4.50 -12.08 -3.10
N GLU A 99 5.82 -12.13 -2.91
CA GLU A 99 6.47 -12.78 -1.76
C GLU A 99 6.06 -12.16 -0.42
N ALA A 100 5.84 -10.85 -0.38
CA ALA A 100 5.27 -10.18 0.78
C ALA A 100 3.76 -10.41 0.87
N PHE A 101 3.02 -10.29 -0.23
CA PHE A 101 1.56 -10.47 -0.23
C PHE A 101 1.14 -11.83 0.33
N GLU A 102 1.74 -12.93 -0.16
CA GLU A 102 1.48 -14.27 0.37
C GLU A 102 1.81 -14.41 1.86
N SER A 103 2.84 -13.70 2.31
CA SER A 103 3.27 -13.74 3.71
C SER A 103 2.31 -12.98 4.64
N LEU A 104 1.58 -11.97 4.13
CA LEU A 104 0.65 -11.15 4.92
C LEU A 104 -0.83 -11.52 4.71
N VAL A 105 -1.17 -12.13 3.59
CA VAL A 105 -2.49 -12.75 3.34
C VAL A 105 -2.67 -14.02 4.20
N GLY A 106 -1.55 -14.65 4.59
CA GLY A 106 -1.48 -15.86 5.42
C GLY A 106 -1.18 -17.15 4.64
N GLU A 107 -1.13 -17.11 3.32
CA GLU A 107 -0.82 -18.26 2.45
C GLU A 107 0.59 -18.81 2.71
N GLY A 108 1.56 -17.93 2.91
CA GLY A 108 2.95 -18.28 3.24
C GLY A 108 3.15 -18.81 4.66
N MET A 1 -9.85 3.98 -14.35
CA MET A 1 -9.79 4.86 -13.17
C MET A 1 -9.47 4.10 -11.87
N LYS A 2 -9.63 2.76 -11.87
CA LYS A 2 -9.52 1.90 -10.68
C LYS A 2 -8.13 1.93 -10.00
N THR A 3 -7.07 2.22 -10.74
CA THR A 3 -5.68 2.36 -10.27
C THR A 3 -5.41 3.67 -9.54
N ARG A 4 -6.16 4.74 -9.84
CA ARG A 4 -5.85 6.11 -9.42
C ARG A 4 -6.03 6.36 -7.92
N TYR A 5 -5.20 7.27 -7.39
CA TYR A 5 -5.06 7.59 -5.96
C TYR A 5 -6.17 8.48 -5.36
N SER A 6 -6.14 8.65 -4.03
CA SER A 6 -7.03 9.59 -3.32
C SER A 6 -6.30 10.49 -2.29
N ALA A 7 -6.56 11.81 -2.34
CA ALA A 7 -5.95 12.81 -1.45
C ALA A 7 -6.64 12.91 -0.08
N GLU A 8 -7.90 12.51 0.02
CA GLU A 8 -8.72 12.59 1.23
C GLU A 8 -8.60 11.35 2.12
N ALA A 9 -7.37 10.83 2.27
CA ALA A 9 -7.04 9.68 3.11
C ALA A 9 -7.29 9.94 4.61
N PRO A 10 -7.54 8.87 5.40
CA PRO A 10 -7.71 8.95 6.85
C PRO A 10 -6.42 9.31 7.58
N ALA A 11 -6.56 9.77 8.84
CA ALA A 11 -5.46 9.84 9.80
C ALA A 11 -5.14 8.44 10.36
N ARG A 12 -3.89 8.21 10.81
CA ARG A 12 -3.46 6.87 11.23
C ARG A 12 -4.23 6.35 12.45
N ASP A 13 -4.73 7.22 13.33
CA ASP A 13 -5.61 6.81 14.45
C ASP A 13 -7.01 6.37 13.97
N GLU A 14 -7.51 6.88 12.85
CA GLU A 14 -8.77 6.41 12.25
C GLU A 14 -8.55 5.10 11.48
N LEU A 15 -7.33 4.86 10.99
CA LEU A 15 -6.88 3.64 10.33
C LEU A 15 -6.66 2.50 11.34
N ASP A 16 -6.22 2.82 12.56
CA ASP A 16 -6.10 1.91 13.71
C ASP A 16 -7.42 1.23 14.11
N ARG A 17 -8.57 1.79 13.68
CA ARG A 17 -9.89 1.18 13.86
C ARG A 17 -10.12 -0.05 12.97
N LEU A 18 -9.25 -0.30 11.98
CA LEU A 18 -9.31 -1.48 11.09
C LEU A 18 -9.20 -2.83 11.82
N ALA A 19 -9.48 -3.91 11.09
CA ALA A 19 -9.42 -5.29 11.58
C ALA A 19 -8.90 -6.31 10.54
N GLY A 20 -9.37 -6.25 9.28
CA GLY A 20 -9.00 -7.21 8.23
C GLY A 20 -7.64 -6.92 7.56
N PRO A 21 -7.14 -7.84 6.71
CA PRO A 21 -5.88 -7.65 6.00
C PRO A 21 -6.02 -6.48 5.01
N THR A 22 -5.20 -5.45 5.23
CA THR A 22 -5.20 -4.19 4.48
C THR A 22 -3.80 -3.85 4.01
N LEU A 23 -3.67 -3.09 2.93
CA LEU A 23 -2.42 -2.51 2.44
C LEU A 23 -2.61 -1.01 2.23
N VAL A 24 -1.73 -0.19 2.80
CA VAL A 24 -1.75 1.27 2.65
C VAL A 24 -0.59 1.68 1.74
N GLU A 25 -0.91 2.23 0.57
CA GLU A 25 0.03 2.60 -0.49
C GLU A 25 0.18 4.13 -0.58
N PHE A 26 1.42 4.62 -0.52
CA PHE A 26 1.79 6.03 -0.66
C PHE A 26 2.37 6.27 -2.06
N GLY A 27 1.76 7.20 -2.80
CA GLY A 27 2.16 7.53 -4.17
C GLY A 27 1.34 8.66 -4.80
N THR A 28 1.39 8.80 -6.12
CA THR A 28 0.58 9.70 -6.94
C THR A 28 0.35 9.08 -8.31
N ASP A 29 -0.50 9.68 -9.13
CA ASP A 29 -0.80 9.21 -10.49
C ASP A 29 0.31 9.58 -11.49
N TRP A 30 1.31 10.38 -11.05
CA TRP A 30 2.27 11.06 -11.91
C TRP A 30 3.76 10.80 -11.60
N CYS A 31 4.13 10.29 -10.42
CA CYS A 31 5.53 9.97 -10.10
C CYS A 31 6.04 8.79 -10.97
N GLY A 32 7.29 8.86 -11.44
CA GLY A 32 7.95 7.81 -12.21
C GLY A 32 8.24 6.55 -11.40
N HIS A 33 8.33 6.62 -10.07
CA HIS A 33 8.31 5.43 -9.22
C HIS A 33 6.93 4.74 -9.29
N CYS A 34 5.87 5.55 -9.17
CA CYS A 34 4.50 5.07 -9.23
C CYS A 34 4.15 4.40 -10.54
N GLN A 35 4.65 4.91 -11.66
CA GLN A 35 4.34 4.32 -12.98
C GLN A 35 4.88 2.88 -13.12
N ALA A 36 5.89 2.53 -12.33
CA ALA A 36 6.49 1.20 -12.25
C ALA A 36 5.82 0.33 -11.16
N ALA A 37 5.49 0.91 -10.00
CA ALA A 37 4.94 0.18 -8.86
C ALA A 37 3.43 -0.06 -8.97
N GLN A 38 2.68 0.84 -9.61
CA GLN A 38 1.23 0.67 -9.82
C GLN A 38 0.87 -0.59 -10.64
N PRO A 39 1.45 -0.84 -11.83
CA PRO A 39 1.21 -2.08 -12.56
C PRO A 39 1.84 -3.30 -11.86
N LEU A 40 2.78 -3.09 -10.92
CA LEU A 40 3.33 -4.16 -10.08
C LEU A 40 2.25 -4.68 -9.14
N LEU A 41 1.68 -3.76 -8.34
CA LEU A 41 0.56 -4.05 -7.43
C LEU A 41 -0.56 -4.69 -8.23
N ALA A 42 -0.94 -4.12 -9.37
CA ALA A 42 -1.99 -4.65 -10.23
C ALA A 42 -1.76 -6.12 -10.70
N GLU A 43 -0.51 -6.55 -10.85
CA GLU A 43 -0.19 -7.95 -11.19
C GLU A 43 -0.30 -8.88 -9.97
N VAL A 44 0.23 -8.48 -8.80
CA VAL A 44 0.12 -9.29 -7.57
C VAL A 44 -1.33 -9.39 -7.05
N PHE A 45 -2.04 -8.27 -6.98
CA PHE A 45 -3.34 -8.13 -6.32
C PHE A 45 -4.45 -8.99 -6.93
N SER A 46 -4.33 -9.36 -8.21
CA SER A 46 -5.30 -10.24 -8.89
C SER A 46 -5.45 -11.63 -8.24
N ASP A 47 -4.46 -12.08 -7.46
CA ASP A 47 -4.50 -13.33 -6.70
C ASP A 47 -4.94 -13.13 -5.23
N TYR A 48 -5.01 -11.88 -4.76
CA TYR A 48 -5.37 -11.50 -3.38
C TYR A 48 -6.47 -10.41 -3.26
N PRO A 49 -7.57 -10.46 -4.05
CA PRO A 49 -8.60 -9.41 -4.07
C PRO A 49 -9.32 -9.22 -2.72
N GLU A 50 -9.21 -10.19 -1.79
CA GLU A 50 -9.70 -10.06 -0.42
C GLU A 50 -8.93 -9.06 0.46
N VAL A 51 -7.72 -8.63 0.06
CA VAL A 51 -6.97 -7.55 0.73
C VAL A 51 -7.60 -6.20 0.36
N GLY A 52 -7.72 -5.26 1.31
CA GLY A 52 -8.15 -3.89 1.06
C GLY A 52 -6.96 -2.99 0.68
N HIS A 53 -7.04 -2.20 -0.38
CA HIS A 53 -5.96 -1.27 -0.76
C HIS A 53 -6.35 0.20 -0.48
N LEU A 54 -5.54 0.93 0.30
CA LEU A 54 -5.74 2.35 0.61
C LEU A 54 -4.69 3.17 -0.15
N LYS A 55 -5.10 3.75 -1.27
CA LYS A 55 -4.24 4.60 -2.11
C LYS A 55 -4.16 6.04 -1.56
N VAL A 56 -3.08 6.37 -0.87
CA VAL A 56 -2.81 7.74 -0.38
C VAL A 56 -2.07 8.55 -1.45
N GLU A 57 -2.69 9.65 -1.86
CA GLU A 57 -2.08 10.65 -2.74
C GLU A 57 -1.08 11.52 -1.97
N ASP A 58 0.06 10.91 -1.63
CA ASP A 58 1.06 11.37 -0.66
C ASP A 58 1.95 12.52 -1.17
N GLY A 59 1.59 13.12 -2.31
CA GLY A 59 2.14 14.39 -2.82
C GLY A 59 1.29 15.57 -2.33
N PRO A 60 0.20 15.93 -3.06
CA PRO A 60 -0.59 17.13 -2.82
C PRO A 60 -1.66 16.97 -1.71
N GLY A 61 -1.97 15.75 -1.26
CA GLY A 61 -3.00 15.48 -0.24
C GLY A 61 -2.54 15.75 1.18
N ARG A 62 -3.34 15.28 2.17
CA ARG A 62 -3.00 15.39 3.60
C ARG A 62 -1.72 14.63 3.99
N ARG A 63 -1.36 13.60 3.20
CA ARG A 63 -0.21 12.68 3.37
C ARG A 63 -0.43 11.72 4.56
N LEU A 64 0.29 10.60 4.55
CA LEU A 64 0.21 9.55 5.57
C LEU A 64 1.55 8.78 5.72
N GLY A 65 2.39 8.69 4.68
CA GLY A 65 3.71 8.03 4.77
C GLY A 65 4.68 8.73 5.74
N ARG A 66 4.45 10.01 5.99
CA ARG A 66 4.99 10.81 7.11
C ARG A 66 4.76 10.10 8.46
N SER A 67 3.52 9.74 8.77
CA SER A 67 3.09 9.20 10.07
C SER A 67 3.26 7.68 10.18
N PHE A 68 3.62 7.02 9.07
CA PHE A 68 4.22 5.69 9.03
C PHE A 68 5.76 5.71 9.09
N GLN A 69 6.37 6.91 9.04
CA GLN A 69 7.83 7.11 9.09
C GLN A 69 8.52 6.32 7.95
N VAL A 70 7.96 6.45 6.74
CA VAL A 70 8.40 5.77 5.51
C VAL A 70 9.83 6.16 5.11
N LYS A 71 10.58 5.17 4.59
CA LYS A 71 11.97 5.33 4.15
C LYS A 71 12.04 5.97 2.75
N LEU A 72 12.15 5.17 1.68
CA LEU A 72 11.97 5.65 0.31
C LEU A 72 10.47 5.86 0.05
N TRP A 73 10.10 6.91 -0.66
CA TRP A 73 8.71 7.34 -0.80
C TRP A 73 7.75 6.30 -1.45
N PRO A 74 8.12 5.56 -2.52
CA PRO A 74 7.23 4.59 -3.15
C PRO A 74 7.19 3.30 -2.31
N THR A 75 6.29 3.29 -1.33
CA THR A 75 6.20 2.30 -0.25
C THR A 75 4.75 2.00 0.04
N PHE A 76 4.50 0.78 0.48
CA PHE A 76 3.20 0.31 0.92
C PHE A 76 3.34 -0.58 2.17
N VAL A 77 2.55 -0.25 3.20
CA VAL A 77 2.57 -0.87 4.53
C VAL A 77 1.37 -1.81 4.67
N PHE A 78 1.65 -3.08 5.01
CA PHE A 78 0.64 -4.11 5.21
C PHE A 78 0.16 -4.06 6.67
N LEU A 79 -1.15 -3.90 6.84
CA LEU A 79 -1.87 -3.81 8.10
C LEU A 79 -2.75 -5.06 8.28
N ARG A 80 -3.05 -5.34 9.54
CA ARG A 80 -3.97 -6.38 10.02
C ARG A 80 -4.25 -6.15 11.50
N ASP A 81 -5.50 -6.26 11.93
CA ASP A 81 -5.96 -5.92 13.29
C ASP A 81 -5.74 -4.42 13.63
N GLY A 82 -5.77 -3.55 12.59
CA GLY A 82 -5.46 -2.12 12.72
C GLY A 82 -3.99 -1.80 12.97
N ARG A 83 -3.09 -2.79 12.94
CA ARG A 83 -1.66 -2.67 13.26
C ARG A 83 -0.80 -3.18 12.10
N GLU A 84 0.39 -2.61 11.99
CA GLU A 84 1.34 -2.97 10.92
C GLU A 84 1.89 -4.39 11.17
N VAL A 85 1.72 -5.25 10.17
CA VAL A 85 2.27 -6.63 10.13
C VAL A 85 3.56 -6.71 9.29
N ALA A 86 3.74 -5.79 8.33
CA ALA A 86 4.89 -5.69 7.43
C ALA A 86 4.83 -4.40 6.62
N ARG A 87 5.84 -4.19 5.77
CA ARG A 87 5.79 -3.22 4.67
C ARG A 87 6.77 -3.61 3.55
N VAL A 88 6.48 -3.16 2.34
CA VAL A 88 7.38 -3.30 1.17
C VAL A 88 7.77 -1.89 0.71
N VAL A 89 9.08 -1.63 0.72
CA VAL A 89 9.71 -0.37 0.24
C VAL A 89 10.42 -0.70 -1.08
N ARG A 90 10.15 0.07 -2.13
CA ARG A 90 10.77 -0.05 -3.46
C ARG A 90 10.63 -1.48 -4.08
N PRO A 91 9.48 -1.83 -4.70
CA PRO A 91 9.27 -3.16 -5.29
C PRO A 91 10.26 -3.41 -6.45
N GLY A 92 10.97 -4.55 -6.39
CA GLY A 92 11.98 -4.92 -7.41
C GLY A 92 11.41 -5.74 -8.57
N SER A 93 10.40 -6.56 -8.31
CA SER A 93 9.68 -7.41 -9.28
C SER A 93 8.48 -8.08 -8.59
N ALA A 94 7.54 -8.61 -9.37
CA ALA A 94 6.36 -9.33 -8.87
C ALA A 94 6.76 -10.47 -7.93
N SER A 95 7.86 -11.16 -8.18
CA SER A 95 8.40 -12.22 -7.30
C SER A 95 8.75 -11.73 -5.88
N VAL A 96 8.99 -10.42 -5.68
CA VAL A 96 9.23 -9.79 -4.37
C VAL A 96 7.91 -9.29 -3.77
N LEU A 97 7.04 -8.69 -4.59
CA LEU A 97 5.75 -8.16 -4.14
C LEU A 97 4.78 -9.28 -3.75
N GLU A 98 4.59 -10.28 -4.61
CA GLU A 98 3.79 -11.48 -4.35
C GLU A 98 4.26 -12.25 -3.10
N GLU A 99 5.58 -12.37 -2.89
CA GLU A 99 6.18 -13.02 -1.72
C GLU A 99 5.76 -12.37 -0.40
N ALA A 100 5.60 -11.04 -0.39
CA ALA A 100 5.08 -10.33 0.76
C ALA A 100 3.55 -10.50 0.86
N PHE A 101 2.81 -10.37 -0.25
CA PHE A 101 1.34 -10.48 -0.24
C PHE A 101 0.88 -11.80 0.36
N GLU A 102 1.40 -12.93 -0.12
CA GLU A 102 1.06 -14.25 0.44
C GLU A 102 1.45 -14.40 1.91
N SER A 103 2.53 -13.76 2.35
CA SER A 103 2.96 -13.81 3.75
C SER A 103 2.01 -13.04 4.68
N LEU A 104 1.37 -11.96 4.20
CA LEU A 104 0.49 -11.11 5.02
C LEU A 104 -1.00 -11.40 4.83
N VAL A 105 -1.39 -11.96 3.70
CA VAL A 105 -2.74 -12.51 3.47
C VAL A 105 -2.97 -13.80 4.30
N GLY A 106 -1.88 -14.49 4.67
CA GLY A 106 -1.87 -15.70 5.50
C GLY A 106 -1.71 -17.01 4.71
N GLU A 107 -1.74 -16.97 3.38
CA GLU A 107 -1.58 -18.14 2.52
C GLU A 107 -0.18 -18.77 2.66
N GLY A 108 0.84 -17.95 2.91
CA GLY A 108 2.23 -18.37 3.18
C GLY A 108 2.43 -19.05 4.54
N MET A 1 -7.71 12.70 -17.19
CA MET A 1 -8.27 11.46 -16.63
C MET A 1 -8.53 11.59 -15.11
N LYS A 2 -9.53 10.87 -14.62
CA LYS A 2 -9.77 10.69 -13.17
C LYS A 2 -8.78 9.65 -12.58
N THR A 3 -8.24 9.92 -11.40
CA THR A 3 -7.19 9.10 -10.75
C THR A 3 -7.77 7.93 -9.95
N ARG A 4 -6.99 6.86 -9.84
CA ARG A 4 -7.29 5.66 -9.03
C ARG A 4 -6.88 5.82 -7.55
N TYR A 5 -5.90 6.69 -7.33
CA TYR A 5 -5.44 7.17 -6.02
C TYR A 5 -6.46 8.11 -5.33
N SER A 6 -6.32 8.28 -4.01
CA SER A 6 -7.25 9.07 -3.18
C SER A 6 -6.52 10.00 -2.20
N ALA A 7 -6.83 11.31 -2.24
CA ALA A 7 -6.30 12.30 -1.30
C ALA A 7 -7.05 12.28 0.06
N GLU A 8 -8.31 11.84 0.08
CA GLU A 8 -9.15 11.72 1.28
C GLU A 8 -8.82 10.45 2.11
N ALA A 9 -7.53 10.11 2.24
CA ALA A 9 -7.05 9.00 3.05
C ALA A 9 -7.29 9.25 4.56
N PRO A 10 -7.35 8.20 5.40
CA PRO A 10 -7.51 8.33 6.84
C PRO A 10 -6.26 8.90 7.53
N ALA A 11 -6.46 9.50 8.70
CA ALA A 11 -5.39 9.72 9.68
C ALA A 11 -5.08 8.42 10.45
N ARG A 12 -3.92 8.32 11.09
CA ARG A 12 -3.51 7.12 11.85
C ARG A 12 -4.56 6.69 12.90
N ASP A 13 -5.23 7.65 13.55
CA ASP A 13 -6.26 7.39 14.55
C ASP A 13 -7.57 6.85 13.96
N GLU A 14 -7.89 7.21 12.71
CA GLU A 14 -9.06 6.72 11.96
C GLU A 14 -8.77 5.32 11.38
N LEU A 15 -7.53 5.11 10.93
CA LEU A 15 -6.97 3.86 10.42
C LEU A 15 -6.83 2.79 11.51
N ASP A 16 -6.56 3.18 12.75
CA ASP A 16 -6.46 2.28 13.91
C ASP A 16 -7.76 1.49 14.17
N ARG A 17 -8.89 2.00 13.67
CA ARG A 17 -10.20 1.35 13.77
C ARG A 17 -10.37 0.16 12.80
N LEU A 18 -9.50 0.02 11.78
CA LEU A 18 -9.58 -1.12 10.83
C LEU A 18 -9.20 -2.45 11.50
N ALA A 19 -9.57 -3.59 10.88
CA ALA A 19 -9.28 -4.94 11.41
C ALA A 19 -8.82 -5.98 10.37
N GLY A 20 -9.33 -5.92 9.13
CA GLY A 20 -8.99 -6.90 8.08
C GLY A 20 -7.62 -6.63 7.44
N PRO A 21 -7.11 -7.57 6.62
CA PRO A 21 -5.84 -7.42 5.92
C PRO A 21 -5.96 -6.27 4.91
N THR A 22 -5.25 -5.17 5.18
CA THR A 22 -5.30 -3.93 4.39
C THR A 22 -3.89 -3.47 4.07
N LEU A 23 -3.52 -3.40 2.80
CA LEU A 23 -2.29 -2.78 2.35
C LEU A 23 -2.52 -1.28 2.14
N VAL A 24 -1.68 -0.44 2.73
CA VAL A 24 -1.73 1.03 2.59
C VAL A 24 -0.54 1.50 1.76
N GLU A 25 -0.80 2.02 0.56
CA GLU A 25 0.18 2.42 -0.45
C GLU A 25 0.28 3.95 -0.57
N PHE A 26 1.49 4.47 -0.47
CA PHE A 26 1.80 5.89 -0.65
C PHE A 26 2.36 6.12 -2.07
N GLY A 27 1.84 7.14 -2.75
CA GLY A 27 2.21 7.46 -4.13
C GLY A 27 1.26 8.46 -4.77
N THR A 28 1.23 8.48 -6.10
CA THR A 28 0.22 9.16 -6.93
C THR A 28 -0.06 8.31 -8.17
N ASP A 29 -0.96 8.74 -9.04
CA ASP A 29 -1.28 8.02 -10.28
C ASP A 29 -0.35 8.42 -11.46
N TRP A 30 0.61 9.32 -11.20
CA TRP A 30 1.40 10.02 -12.21
C TRP A 30 2.93 10.00 -12.00
N CYS A 31 3.44 9.63 -10.82
CA CYS A 31 4.89 9.47 -10.59
C CYS A 31 5.44 8.27 -11.36
N GLY A 32 6.68 8.41 -11.87
CA GLY A 32 7.41 7.35 -12.57
C GLY A 32 7.78 6.16 -11.67
N HIS A 33 7.86 6.34 -10.36
CA HIS A 33 7.90 5.20 -9.42
C HIS A 33 6.60 4.40 -9.49
N CYS A 34 5.47 5.10 -9.41
CA CYS A 34 4.15 4.51 -9.45
C CYS A 34 3.85 3.80 -10.78
N GLN A 35 4.32 4.34 -11.91
CA GLN A 35 4.03 3.70 -13.20
C GLN A 35 4.64 2.29 -13.32
N ALA A 36 5.70 2.02 -12.55
CA ALA A 36 6.36 0.73 -12.43
C ALA A 36 5.77 -0.14 -11.31
N ALA A 37 5.38 0.45 -10.17
CA ALA A 37 4.88 -0.29 -9.00
C ALA A 37 3.37 -0.58 -9.07
N GLN A 38 2.57 0.26 -9.71
CA GLN A 38 1.13 0.06 -9.87
C GLN A 38 0.76 -1.26 -10.56
N PRO A 39 1.30 -1.60 -11.75
CA PRO A 39 1.05 -2.90 -12.38
C PRO A 39 1.66 -4.05 -11.59
N LEU A 40 2.67 -3.77 -10.74
CA LEU A 40 3.30 -4.76 -9.87
C LEU A 40 2.28 -5.24 -8.83
N LEU A 41 1.73 -4.29 -8.06
CA LEU A 41 0.72 -4.54 -7.03
C LEU A 41 -0.51 -5.17 -7.69
N ALA A 42 -0.96 -4.62 -8.82
CA ALA A 42 -2.14 -5.12 -9.53
C ALA A 42 -2.01 -6.59 -9.97
N GLU A 43 -0.80 -7.02 -10.36
CA GLU A 43 -0.53 -8.42 -10.68
C GLU A 43 -0.50 -9.30 -9.42
N VAL A 44 0.14 -8.85 -8.34
CA VAL A 44 0.20 -9.60 -7.07
C VAL A 44 -1.20 -9.77 -6.46
N PHE A 45 -1.95 -8.67 -6.35
CA PHE A 45 -3.35 -8.64 -5.88
C PHE A 45 -4.28 -9.51 -6.74
N SER A 46 -3.86 -9.94 -7.93
CA SER A 46 -4.64 -10.88 -8.74
C SER A 46 -4.81 -12.25 -8.06
N ASP A 47 -3.87 -12.64 -7.20
CA ASP A 47 -3.89 -13.87 -6.39
C ASP A 47 -4.43 -13.66 -4.96
N TYR A 48 -4.56 -12.40 -4.50
CA TYR A 48 -4.98 -12.04 -3.13
C TYR A 48 -6.12 -10.98 -3.07
N PRO A 49 -7.21 -11.13 -3.85
CA PRO A 49 -8.30 -10.14 -3.91
C PRO A 49 -9.03 -9.95 -2.57
N GLU A 50 -8.90 -10.89 -1.62
CA GLU A 50 -9.43 -10.74 -0.26
C GLU A 50 -8.71 -9.67 0.59
N VAL A 51 -7.52 -9.21 0.17
CA VAL A 51 -6.78 -8.09 0.78
C VAL A 51 -7.31 -6.77 0.20
N GLY A 52 -7.44 -5.73 1.03
CA GLY A 52 -7.81 -4.37 0.60
C GLY A 52 -6.59 -3.52 0.25
N HIS A 53 -6.76 -2.51 -0.62
CA HIS A 53 -5.67 -1.59 -0.99
C HIS A 53 -6.11 -0.12 -0.84
N LEU A 54 -5.45 0.63 0.06
CA LEU A 54 -5.69 2.06 0.28
C LEU A 54 -4.60 2.87 -0.45
N LYS A 55 -4.99 3.51 -1.55
CA LYS A 55 -4.09 4.33 -2.37
C LYS A 55 -4.03 5.77 -1.84
N VAL A 56 -3.05 6.08 -1.00
CA VAL A 56 -2.83 7.41 -0.43
C VAL A 56 -2.13 8.28 -1.45
N GLU A 57 -2.81 9.36 -1.85
CA GLU A 57 -2.29 10.35 -2.77
C GLU A 57 -1.31 11.30 -2.03
N ASP A 58 -0.10 10.78 -1.77
CA ASP A 58 0.90 11.27 -0.81
C ASP A 58 1.74 12.45 -1.35
N GLY A 59 1.13 13.25 -2.23
CA GLY A 59 1.67 14.50 -2.77
C GLY A 59 0.88 15.72 -2.27
N PRO A 60 -0.35 15.97 -2.78
CA PRO A 60 -1.10 17.20 -2.51
C PRO A 60 -1.42 17.48 -1.04
N GLY A 61 -1.75 16.45 -0.25
CA GLY A 61 -2.18 16.61 1.15
C GLY A 61 -2.56 15.30 1.85
N ARG A 62 -2.76 15.36 3.16
CA ARG A 62 -3.04 14.20 4.05
C ARG A 62 -2.00 13.08 3.85
N ARG A 63 -0.72 13.46 3.83
CA ARG A 63 0.45 12.62 3.48
C ARG A 63 0.76 11.58 4.56
N LEU A 64 -0.02 10.50 4.58
CA LEU A 64 0.01 9.42 5.57
C LEU A 64 1.38 8.74 5.70
N GLY A 65 2.20 8.69 4.64
CA GLY A 65 3.54 8.08 4.66
C GLY A 65 4.54 8.79 5.59
N ARG A 66 4.30 10.07 5.90
CA ARG A 66 5.04 10.79 6.95
C ARG A 66 4.76 10.17 8.33
N SER A 67 3.51 9.82 8.62
CA SER A 67 3.06 9.21 9.90
C SER A 67 3.28 7.69 9.97
N PHE A 68 3.73 7.07 8.87
CA PHE A 68 4.38 5.75 8.85
C PHE A 68 5.91 5.83 8.88
N GLN A 69 6.49 7.05 8.81
CA GLN A 69 7.92 7.31 8.85
C GLN A 69 8.66 6.56 7.71
N VAL A 70 8.06 6.62 6.52
CA VAL A 70 8.44 5.86 5.30
C VAL A 70 9.90 6.08 4.86
N LYS A 71 10.54 5.00 4.38
CA LYS A 71 11.95 4.97 3.94
C LYS A 71 12.15 5.68 2.58
N LEU A 72 11.53 5.14 1.51
CA LEU A 72 11.49 5.72 0.16
C LEU A 72 10.02 5.88 -0.23
N TRP A 73 9.66 6.99 -0.88
CA TRP A 73 8.25 7.37 -1.10
C TRP A 73 7.32 6.27 -1.67
N PRO A 74 7.72 5.44 -2.66
CA PRO A 74 6.91 4.31 -3.13
C PRO A 74 7.05 3.11 -2.17
N THR A 75 6.39 3.23 -1.01
CA THR A 75 6.29 2.20 0.03
C THR A 75 4.82 1.84 0.21
N PHE A 76 4.57 0.60 0.58
CA PHE A 76 3.26 0.11 0.97
C PHE A 76 3.37 -0.75 2.25
N VAL A 77 2.58 -0.38 3.26
CA VAL A 77 2.59 -0.94 4.62
C VAL A 77 1.40 -1.88 4.76
N PHE A 78 1.67 -3.15 5.08
CA PHE A 78 0.65 -4.17 5.29
C PHE A 78 0.12 -4.06 6.72
N LEU A 79 -1.17 -3.77 6.87
CA LEU A 79 -1.89 -3.70 8.14
C LEU A 79 -2.80 -4.92 8.31
N ARG A 80 -3.03 -5.27 9.58
CA ARG A 80 -3.98 -6.29 10.03
C ARG A 80 -4.23 -6.12 11.53
N ASP A 81 -5.48 -6.22 11.95
CA ASP A 81 -5.95 -5.97 13.33
C ASP A 81 -5.77 -4.48 13.77
N GLY A 82 -5.63 -3.57 12.79
CA GLY A 82 -5.41 -2.14 12.99
C GLY A 82 -3.95 -1.72 13.16
N ARG A 83 -3.02 -2.68 13.26
CA ARG A 83 -1.59 -2.49 13.41
C ARG A 83 -0.87 -2.85 12.09
N GLU A 84 0.31 -2.27 11.87
CA GLU A 84 1.28 -2.75 10.87
C GLU A 84 1.75 -4.16 11.21
N VAL A 85 1.66 -5.07 10.25
CA VAL A 85 2.25 -6.44 10.33
C VAL A 85 3.55 -6.56 9.52
N ALA A 86 3.76 -5.67 8.54
CA ALA A 86 4.92 -5.62 7.64
C ALA A 86 4.86 -4.37 6.75
N ARG A 87 5.88 -4.20 5.91
CA ARG A 87 5.86 -3.28 4.78
C ARG A 87 6.86 -3.71 3.71
N VAL A 88 6.60 -3.27 2.48
CA VAL A 88 7.49 -3.46 1.31
C VAL A 88 7.75 -2.09 0.70
N VAL A 89 8.98 -1.86 0.25
CA VAL A 89 9.46 -0.58 -0.30
C VAL A 89 10.31 -0.85 -1.54
N ARG A 90 10.15 -0.02 -2.58
CA ARG A 90 10.92 -0.08 -3.83
C ARG A 90 10.85 -1.49 -4.48
N PRO A 91 9.65 -1.97 -4.91
CA PRO A 91 9.44 -3.35 -5.37
C PRO A 91 10.36 -3.68 -6.55
N GLY A 92 11.11 -4.79 -6.44
CA GLY A 92 12.08 -5.22 -7.46
C GLY A 92 11.44 -6.08 -8.56
N SER A 93 10.45 -6.89 -8.21
CA SER A 93 9.75 -7.83 -9.08
C SER A 93 8.53 -8.43 -8.36
N ALA A 94 7.56 -9.00 -9.10
CA ALA A 94 6.44 -9.73 -8.51
C ALA A 94 6.96 -10.89 -7.62
N SER A 95 8.11 -11.50 -7.92
CA SER A 95 8.72 -12.52 -7.07
C SER A 95 9.12 -12.01 -5.67
N VAL A 96 9.36 -10.70 -5.50
CA VAL A 96 9.62 -10.05 -4.20
C VAL A 96 8.32 -9.53 -3.56
N LEU A 97 7.42 -8.95 -4.36
CA LEU A 97 6.16 -8.40 -3.89
C LEU A 97 5.17 -9.50 -3.47
N GLU A 98 4.97 -10.54 -4.30
CA GLU A 98 4.12 -11.68 -4.00
C GLU A 98 4.62 -12.47 -2.77
N GLU A 99 5.94 -12.59 -2.58
CA GLU A 99 6.58 -13.25 -1.43
C GLU A 99 6.22 -12.57 -0.09
N ALA A 100 6.06 -11.26 -0.09
CA ALA A 100 5.53 -10.55 1.06
C ALA A 100 4.01 -10.74 1.18
N PHE A 101 3.25 -10.62 0.07
CA PHE A 101 1.80 -10.75 0.10
C PHE A 101 1.34 -12.09 0.71
N GLU A 102 1.90 -13.20 0.23
CA GLU A 102 1.59 -14.53 0.77
C GLU A 102 1.96 -14.67 2.25
N SER A 103 3.00 -13.99 2.71
CA SER A 103 3.40 -13.98 4.12
C SER A 103 2.38 -13.23 5.01
N LEU A 104 1.74 -12.17 4.49
CA LEU A 104 0.79 -11.34 5.27
C LEU A 104 -0.68 -11.74 5.08
N VAL A 105 -1.01 -12.37 3.95
CA VAL A 105 -2.33 -12.98 3.70
C VAL A 105 -2.55 -14.23 4.57
N GLY A 106 -1.45 -14.92 4.90
CA GLY A 106 -1.42 -16.14 5.73
C GLY A 106 -1.20 -17.44 4.95
N GLU A 107 -1.18 -17.38 3.62
CA GLU A 107 -0.91 -18.54 2.75
C GLU A 107 0.52 -19.10 2.89
N GLY A 108 1.46 -18.28 3.35
CA GLY A 108 2.85 -18.65 3.65
C GLY A 108 3.09 -19.11 5.10
N MET A 1 -3.94 -2.99 -7.55
CA MET A 1 -4.87 -2.68 -8.65
C MET A 1 -4.56 -1.31 -9.27
N LYS A 2 -4.62 -1.20 -10.61
CA LYS A 2 -4.10 -0.05 -11.37
C LYS A 2 -4.94 1.25 -11.35
N THR A 3 -6.07 1.26 -10.65
CA THR A 3 -7.01 2.39 -10.54
C THR A 3 -6.40 3.60 -9.83
N ARG A 4 -7.02 4.77 -9.97
CA ARG A 4 -6.49 6.05 -9.49
C ARG A 4 -6.35 6.17 -7.97
N TYR A 5 -5.36 6.95 -7.55
CA TYR A 5 -5.12 7.37 -6.16
C TYR A 5 -6.21 8.30 -5.58
N SER A 6 -6.26 8.40 -4.24
CA SER A 6 -7.22 9.27 -3.55
C SER A 6 -6.60 10.16 -2.45
N ALA A 7 -7.04 11.42 -2.40
CA ALA A 7 -6.70 12.36 -1.32
C ALA A 7 -7.52 12.13 -0.03
N GLU A 8 -8.62 11.37 -0.10
CA GLU A 8 -9.60 11.22 0.98
C GLU A 8 -9.23 10.10 1.98
N ALA A 9 -7.93 9.99 2.30
CA ALA A 9 -7.41 9.01 3.27
C ALA A 9 -7.82 9.33 4.72
N PRO A 10 -7.85 8.31 5.61
CA PRO A 10 -8.13 8.47 7.04
C PRO A 10 -6.98 9.14 7.77
N ALA A 11 -7.27 9.62 8.98
CA ALA A 11 -6.25 9.94 9.98
C ALA A 11 -5.71 8.63 10.62
N ARG A 12 -4.45 8.62 11.09
CA ARG A 12 -3.82 7.38 11.59
C ARG A 12 -4.55 6.80 12.83
N ASP A 13 -5.20 7.65 13.63
CA ASP A 13 -6.02 7.22 14.78
C ASP A 13 -7.35 6.55 14.33
N GLU A 14 -7.98 7.07 13.27
CA GLU A 14 -9.20 6.51 12.68
C GLU A 14 -8.90 5.21 11.91
N LEU A 15 -7.73 5.12 11.29
CA LEU A 15 -7.18 3.92 10.66
C LEU A 15 -7.00 2.80 11.69
N ASP A 16 -6.56 3.11 12.91
CA ASP A 16 -6.36 2.15 14.01
C ASP A 16 -7.67 1.48 14.47
N ARG A 17 -8.84 2.00 14.05
CA ARG A 17 -10.15 1.37 14.28
C ARG A 17 -10.43 0.20 13.30
N LEU A 18 -9.72 0.09 12.17
CA LEU A 18 -9.94 -1.03 11.22
C LEU A 18 -9.47 -2.38 11.79
N ALA A 19 -9.89 -3.49 11.17
CA ALA A 19 -9.52 -4.85 11.62
C ALA A 19 -9.05 -5.80 10.51
N GLY A 20 -9.48 -5.62 9.26
CA GLY A 20 -9.17 -6.54 8.17
C GLY A 20 -7.76 -6.38 7.58
N PRO A 21 -7.33 -7.32 6.71
CA PRO A 21 -6.07 -7.20 5.98
C PRO A 21 -6.20 -6.07 4.94
N THR A 22 -5.47 -4.97 5.16
CA THR A 22 -5.54 -3.75 4.33
C THR A 22 -4.14 -3.26 4.01
N LEU A 23 -3.82 -3.12 2.73
CA LEU A 23 -2.59 -2.50 2.27
C LEU A 23 -2.79 -0.99 2.09
N VAL A 24 -1.96 -0.17 2.74
CA VAL A 24 -1.98 1.29 2.64
C VAL A 24 -0.77 1.75 1.82
N GLU A 25 -1.05 2.30 0.64
CA GLU A 25 -0.09 2.65 -0.42
C GLU A 25 0.09 4.17 -0.50
N PHE A 26 1.33 4.65 -0.41
CA PHE A 26 1.70 6.06 -0.46
C PHE A 26 2.34 6.43 -1.81
N GLY A 27 1.76 7.42 -2.49
CA GLY A 27 2.15 7.80 -3.84
C GLY A 27 1.23 8.86 -4.45
N THR A 28 1.14 8.91 -5.78
CA THR A 28 0.17 9.71 -6.56
C THR A 28 -0.14 8.96 -7.85
N ASP A 29 -1.10 9.46 -8.65
CA ASP A 29 -1.42 8.83 -9.95
C ASP A 29 -0.47 9.30 -11.07
N TRP A 30 0.48 10.18 -10.76
CA TRP A 30 1.28 10.93 -11.73
C TRP A 30 2.81 10.84 -11.55
N CYS A 31 3.34 10.41 -10.39
CA CYS A 31 4.79 10.20 -10.22
C CYS A 31 5.28 9.01 -11.07
N GLY A 32 6.50 9.11 -11.63
CA GLY A 32 7.17 8.06 -12.39
C GLY A 32 7.55 6.83 -11.56
N HIS A 33 7.69 6.95 -10.24
CA HIS A 33 7.77 5.78 -9.36
C HIS A 33 6.43 5.01 -9.38
N CYS A 34 5.33 5.76 -9.25
CA CYS A 34 3.98 5.21 -9.22
C CYS A 34 3.56 4.57 -10.53
N GLN A 35 4.02 5.08 -11.67
CA GLN A 35 3.68 4.48 -12.96
C GLN A 35 4.26 3.07 -13.12
N ALA A 36 5.34 2.76 -12.39
CA ALA A 36 5.97 1.46 -12.31
C ALA A 36 5.33 0.55 -11.24
N ALA A 37 4.94 1.10 -10.08
CA ALA A 37 4.33 0.34 -8.99
C ALA A 37 2.83 0.05 -9.21
N GLN A 38 2.11 0.92 -9.92
CA GLN A 38 0.69 0.74 -10.25
C GLN A 38 0.41 -0.61 -10.95
N PRO A 39 1.06 -0.95 -12.08
CA PRO A 39 0.89 -2.24 -12.73
C PRO A 39 1.54 -3.39 -11.96
N LEU A 40 2.48 -3.10 -11.04
CA LEU A 40 3.09 -4.12 -10.17
C LEU A 40 2.03 -4.65 -9.22
N LEU A 41 1.40 -3.74 -8.46
CA LEU A 41 0.31 -4.06 -7.54
C LEU A 41 -0.81 -4.75 -8.32
N ALA A 42 -1.17 -4.21 -9.49
CA ALA A 42 -2.22 -4.81 -10.33
C ALA A 42 -1.95 -6.27 -10.73
N GLU A 43 -0.70 -6.65 -10.97
CA GLU A 43 -0.33 -8.03 -11.28
C GLU A 43 -0.45 -8.95 -10.04
N VAL A 44 0.07 -8.53 -8.88
CA VAL A 44 -0.01 -9.30 -7.63
C VAL A 44 -1.45 -9.43 -7.10
N PHE A 45 -2.19 -8.31 -7.04
CA PHE A 45 -3.56 -8.23 -6.47
C PHE A 45 -4.58 -9.09 -7.21
N SER A 46 -4.31 -9.49 -8.46
CA SER A 46 -5.16 -10.41 -9.23
C SER A 46 -5.32 -11.79 -8.56
N ASP A 47 -4.38 -12.18 -7.68
CA ASP A 47 -4.43 -13.45 -6.93
C ASP A 47 -4.88 -13.29 -5.45
N TYR A 48 -4.97 -12.06 -4.94
CA TYR A 48 -5.38 -11.72 -3.56
C TYR A 48 -6.49 -10.65 -3.45
N PRO A 49 -7.54 -10.64 -4.31
CA PRO A 49 -8.54 -9.56 -4.37
C PRO A 49 -9.34 -9.38 -3.07
N GLU A 50 -9.33 -10.36 -2.16
CA GLU A 50 -9.95 -10.26 -0.83
C GLU A 50 -9.20 -9.31 0.14
N VAL A 51 -7.94 -8.93 -0.16
CA VAL A 51 -7.19 -7.92 0.62
C VAL A 51 -7.70 -6.51 0.25
N GLY A 52 -7.72 -5.57 1.22
CA GLY A 52 -8.09 -4.17 0.99
C GLY A 52 -6.90 -3.38 0.43
N HIS A 53 -7.15 -2.36 -0.39
CA HIS A 53 -6.09 -1.45 -0.88
C HIS A 53 -6.52 0.02 -0.73
N LEU A 54 -5.67 0.84 -0.13
CA LEU A 54 -5.92 2.25 0.15
C LEU A 54 -4.77 3.09 -0.44
N LYS A 55 -5.01 3.64 -1.63
CA LYS A 55 -4.05 4.50 -2.33
C LYS A 55 -4.13 5.96 -1.83
N VAL A 56 -3.18 6.32 -0.97
CA VAL A 56 -3.03 7.64 -0.35
C VAL A 56 -2.25 8.54 -1.28
N GLU A 57 -2.95 9.55 -1.76
CA GLU A 57 -2.37 10.64 -2.53
C GLU A 57 -1.54 11.56 -1.60
N ASP A 58 -0.23 11.56 -1.79
CA ASP A 58 0.74 12.38 -1.07
C ASP A 58 1.18 13.58 -1.97
N GLY A 59 2.49 13.76 -2.21
CA GLY A 59 3.06 14.84 -3.02
C GLY A 59 3.62 15.97 -2.16
N PRO A 60 3.57 17.25 -2.60
CA PRO A 60 4.18 18.36 -1.87
C PRO A 60 3.43 18.68 -0.57
N GLY A 61 2.11 18.44 -0.52
CA GLY A 61 1.32 18.40 0.71
C GLY A 61 1.33 16.98 1.28
N ARG A 62 2.21 16.72 2.26
CA ARG A 62 2.38 15.40 2.88
C ARG A 62 1.13 14.94 3.64
N ARG A 63 0.81 13.64 3.57
CA ARG A 63 -0.43 13.05 4.11
C ARG A 63 -0.24 11.56 4.47
N LEU A 64 -0.45 11.24 5.76
CA LEU A 64 -0.49 9.91 6.39
C LEU A 64 0.86 9.16 6.41
N GLY A 65 1.62 9.11 5.31
CA GLY A 65 2.90 8.40 5.20
C GLY A 65 4.00 8.95 6.13
N ARG A 66 3.86 10.21 6.56
CA ARG A 66 4.59 10.85 7.65
C ARG A 66 4.44 10.06 8.96
N SER A 67 3.20 9.74 9.34
CA SER A 67 2.84 9.03 10.59
C SER A 67 3.04 7.51 10.51
N PHE A 68 3.33 6.99 9.30
CA PHE A 68 3.92 5.68 9.08
C PHE A 68 5.46 5.71 9.03
N GLN A 69 6.07 6.89 9.03
CA GLN A 69 7.53 7.10 9.00
C GLN A 69 8.14 6.43 7.75
N VAL A 70 7.49 6.62 6.59
CA VAL A 70 7.89 6.01 5.30
C VAL A 70 9.32 6.40 4.91
N LYS A 71 10.10 5.38 4.51
CA LYS A 71 11.56 5.45 4.35
C LYS A 71 12.00 6.10 3.01
N LEU A 72 11.42 5.61 1.92
CA LEU A 72 11.62 6.07 0.55
C LEU A 72 10.47 7.05 0.22
N TRP A 73 9.71 6.78 -0.84
CA TRP A 73 8.40 7.37 -1.08
C TRP A 73 7.40 6.36 -1.69
N PRO A 74 7.73 5.61 -2.78
CA PRO A 74 6.88 4.51 -3.22
C PRO A 74 7.02 3.36 -2.22
N THR A 75 6.03 3.25 -1.33
CA THR A 75 6.03 2.36 -0.16
C THR A 75 4.59 2.09 0.22
N PHE A 76 4.31 0.83 0.54
CA PHE A 76 2.98 0.37 0.91
C PHE A 76 3.10 -0.55 2.14
N VAL A 77 2.33 -0.20 3.18
CA VAL A 77 2.34 -0.82 4.51
C VAL A 77 1.14 -1.76 4.62
N PHE A 78 1.40 -3.03 4.91
CA PHE A 78 0.37 -4.05 5.12
C PHE A 78 -0.10 -3.99 6.57
N LEU A 79 -1.38 -3.69 6.76
CA LEU A 79 -2.07 -3.63 8.05
C LEU A 79 -2.95 -4.87 8.20
N ARG A 80 -3.21 -5.19 9.47
CA ARG A 80 -4.12 -6.24 9.93
C ARG A 80 -4.35 -6.09 11.44
N ASP A 81 -5.61 -6.19 11.87
CA ASP A 81 -6.08 -5.83 13.22
C ASP A 81 -5.92 -4.31 13.51
N GLY A 82 -5.82 -3.50 12.45
CA GLY A 82 -5.62 -2.04 12.50
C GLY A 82 -4.17 -1.59 12.61
N ARG A 83 -3.21 -2.52 12.70
CA ARG A 83 -1.79 -2.26 12.95
C ARG A 83 -0.89 -3.00 11.96
N GLU A 84 0.32 -2.49 11.79
CA GLU A 84 1.26 -2.92 10.77
C GLU A 84 1.72 -4.37 11.02
N VAL A 85 1.51 -5.24 10.03
CA VAL A 85 2.07 -6.61 10.00
C VAL A 85 3.35 -6.69 9.14
N ALA A 86 3.52 -5.76 8.20
CA ALA A 86 4.67 -5.65 7.30
C ALA A 86 4.61 -4.35 6.50
N ARG A 87 5.63 -4.13 5.66
CA ARG A 87 5.57 -3.19 4.54
C ARG A 87 6.53 -3.59 3.43
N VAL A 88 6.24 -3.15 2.21
CA VAL A 88 7.10 -3.34 1.03
C VAL A 88 7.44 -1.96 0.46
N VAL A 89 8.69 -1.79 0.04
CA VAL A 89 9.25 -0.55 -0.49
C VAL A 89 10.16 -0.87 -1.68
N ARG A 90 10.02 -0.11 -2.77
CA ARG A 90 10.78 -0.27 -4.03
C ARG A 90 10.64 -1.70 -4.61
N PRO A 91 9.46 -2.10 -5.15
CA PRO A 91 9.13 -3.49 -5.44
C PRO A 91 10.07 -4.18 -6.44
N GLY A 92 10.43 -3.51 -7.55
CA GLY A 92 11.39 -4.01 -8.55
C GLY A 92 10.79 -5.03 -9.52
N SER A 93 10.10 -6.06 -9.01
CA SER A 93 9.40 -7.09 -9.81
C SER A 93 8.35 -7.83 -8.98
N ALA A 94 7.34 -8.38 -9.66
CA ALA A 94 6.21 -9.09 -9.07
C ALA A 94 6.64 -10.20 -8.11
N SER A 95 7.75 -10.88 -8.37
CA SER A 95 8.30 -11.92 -7.50
C SER A 95 8.58 -11.45 -6.06
N VAL A 96 8.90 -10.16 -5.86
CA VAL A 96 9.11 -9.56 -4.52
C VAL A 96 7.78 -9.13 -3.89
N LEU A 97 6.89 -8.54 -4.69
CA LEU A 97 5.59 -8.04 -4.23
C LEU A 97 4.64 -9.20 -3.87
N GLU A 98 4.48 -10.17 -4.76
CA GLU A 98 3.71 -11.41 -4.53
C GLU A 98 4.18 -12.16 -3.28
N GLU A 99 5.50 -12.32 -3.10
CA GLU A 99 6.10 -12.98 -1.93
C GLU A 99 5.66 -12.34 -0.60
N ALA A 100 5.55 -11.02 -0.56
CA ALA A 100 5.02 -10.33 0.62
C ALA A 100 3.49 -10.47 0.72
N PHE A 101 2.75 -10.44 -0.39
CA PHE A 101 1.29 -10.55 -0.36
C PHE A 101 0.85 -11.88 0.23
N GLU A 102 1.40 -13.00 -0.26
CA GLU A 102 1.11 -14.33 0.32
C GLU A 102 1.53 -14.42 1.78
N SER A 103 2.65 -13.80 2.15
CA SER A 103 3.16 -13.79 3.52
C SER A 103 2.23 -13.04 4.52
N LEU A 104 1.43 -12.07 4.03
CA LEU A 104 0.53 -11.26 4.87
C LEU A 104 -0.95 -11.62 4.71
N VAL A 105 -1.35 -12.20 3.59
CA VAL A 105 -2.67 -12.79 3.40
C VAL A 105 -2.84 -14.06 4.26
N GLY A 106 -1.71 -14.74 4.55
CA GLY A 106 -1.63 -15.97 5.34
C GLY A 106 -1.40 -17.26 4.53
N GLU A 107 -0.98 -17.12 3.26
CA GLU A 107 -0.68 -18.22 2.33
C GLU A 107 0.83 -18.57 2.25
N GLY A 108 1.70 -17.79 2.88
CA GLY A 108 3.16 -17.95 2.83
C GLY A 108 3.66 -19.24 3.50
N MET A 1 -10.45 11.36 -17.33
CA MET A 1 -10.92 10.22 -16.54
C MET A 1 -10.62 10.37 -15.04
N LYS A 2 -11.29 9.57 -14.21
CA LYS A 2 -11.01 9.47 -12.77
C LYS A 2 -9.65 8.78 -12.48
N THR A 3 -8.95 9.23 -11.43
CA THR A 3 -7.70 8.63 -10.92
C THR A 3 -7.98 7.44 -10.00
N ARG A 4 -6.98 6.57 -9.88
CA ARG A 4 -7.01 5.34 -9.07
C ARG A 4 -6.76 5.58 -7.57
N TYR A 5 -5.99 6.62 -7.30
CA TYR A 5 -5.60 7.10 -5.97
C TYR A 5 -6.61 8.08 -5.33
N SER A 6 -6.53 8.25 -4.01
CA SER A 6 -7.42 9.16 -3.26
C SER A 6 -6.67 10.16 -2.37
N ALA A 7 -6.98 11.46 -2.53
CA ALA A 7 -6.43 12.55 -1.71
C ALA A 7 -7.21 12.74 -0.39
N GLU A 8 -8.52 12.49 -0.40
CA GLU A 8 -9.42 12.58 0.77
C GLU A 8 -9.31 11.33 1.66
N ALA A 9 -8.09 10.83 1.88
CA ALA A 9 -7.80 9.64 2.67
C ALA A 9 -8.09 9.81 4.18
N PRO A 10 -8.40 8.71 4.90
CA PRO A 10 -8.60 8.71 6.34
C PRO A 10 -7.29 8.96 7.11
N ALA A 11 -7.42 9.32 8.39
CA ALA A 11 -6.31 9.53 9.32
C ALA A 11 -5.95 8.25 10.09
N ARG A 12 -4.74 8.20 10.67
CA ARG A 12 -4.19 7.00 11.34
C ARG A 12 -5.03 6.55 12.55
N ASP A 13 -5.74 7.46 13.22
CA ASP A 13 -6.73 7.15 14.27
C ASP A 13 -7.99 6.43 13.75
N GLU A 14 -8.31 6.62 12.47
CA GLU A 14 -9.39 5.92 11.78
C GLU A 14 -8.92 4.54 11.26
N LEU A 15 -7.62 4.39 10.95
CA LEU A 15 -7.01 3.09 10.62
C LEU A 15 -6.83 2.20 11.86
N ASP A 16 -6.76 2.76 13.07
CA ASP A 16 -6.76 1.99 14.33
C ASP A 16 -8.05 1.15 14.50
N ARG A 17 -9.14 1.54 13.81
CA ARG A 17 -10.45 0.91 13.85
C ARG A 17 -10.54 -0.35 12.96
N LEU A 18 -9.55 -0.57 12.08
CA LEU A 18 -9.49 -1.71 11.16
C LEU A 18 -9.30 -3.06 11.89
N ALA A 19 -9.45 -4.16 11.15
CA ALA A 19 -9.34 -5.53 11.67
C ALA A 19 -8.76 -6.55 10.68
N GLY A 20 -9.22 -6.55 9.43
CA GLY A 20 -8.76 -7.50 8.40
C GLY A 20 -7.41 -7.08 7.77
N PRO A 21 -6.80 -7.93 6.94
CA PRO A 21 -5.54 -7.63 6.25
C PRO A 21 -5.78 -6.48 5.27
N THR A 22 -5.13 -5.33 5.53
CA THR A 22 -5.30 -4.08 4.78
C THR A 22 -3.95 -3.49 4.44
N LEU A 23 -3.64 -3.39 3.15
CA LEU A 23 -2.44 -2.74 2.64
C LEU A 23 -2.73 -1.25 2.45
N VAL A 24 -1.85 -0.39 2.95
CA VAL A 24 -1.92 1.07 2.79
C VAL A 24 -0.76 1.51 1.90
N GLU A 25 -1.06 2.03 0.73
CA GLU A 25 -0.11 2.42 -0.32
C GLU A 25 -0.01 3.94 -0.49
N PHE A 26 1.21 4.45 -0.49
CA PHE A 26 1.55 5.87 -0.68
C PHE A 26 2.13 6.07 -2.08
N GLY A 27 1.53 6.99 -2.85
CA GLY A 27 1.86 7.22 -4.25
C GLY A 27 0.97 8.25 -4.93
N THR A 28 0.98 8.31 -6.27
CA THR A 28 0.01 9.05 -7.10
C THR A 28 -0.30 8.28 -8.37
N ASP A 29 -1.21 8.80 -9.18
CA ASP A 29 -1.58 8.22 -10.48
C ASP A 29 -0.48 8.47 -11.53
N TRP A 30 0.40 9.44 -11.30
CA TRP A 30 1.23 10.11 -12.31
C TRP A 30 2.75 10.06 -12.08
N CYS A 31 3.25 9.80 -10.86
CA CYS A 31 4.71 9.76 -10.60
C CYS A 31 5.37 8.53 -11.26
N GLY A 32 6.59 8.70 -11.79
CA GLY A 32 7.40 7.64 -12.40
C GLY A 32 7.79 6.52 -11.44
N HIS A 33 7.89 6.80 -10.14
CA HIS A 33 7.97 5.76 -9.11
C HIS A 33 6.72 4.88 -9.11
N CYS A 34 5.54 5.51 -9.17
CA CYS A 34 4.26 4.83 -9.20
C CYS A 34 4.01 4.08 -10.50
N GLN A 35 4.48 4.56 -11.65
CA GLN A 35 4.19 3.89 -12.92
C GLN A 35 4.85 2.50 -13.00
N ALA A 36 5.90 2.31 -12.20
CA ALA A 36 6.59 1.03 -12.00
C ALA A 36 5.89 0.15 -10.95
N ALA A 37 5.46 0.72 -9.82
CA ALA A 37 4.83 -0.03 -8.73
C ALA A 37 3.33 -0.35 -8.95
N GLN A 38 2.62 0.47 -9.71
CA GLN A 38 1.19 0.30 -10.04
C GLN A 38 0.92 -1.06 -10.71
N PRO A 39 1.56 -1.43 -11.84
CA PRO A 39 1.37 -2.74 -12.46
C PRO A 39 1.97 -3.88 -11.63
N LEU A 40 2.89 -3.57 -10.69
CA LEU A 40 3.48 -4.54 -9.77
C LEU A 40 2.41 -5.04 -8.82
N LEU A 41 1.78 -4.12 -8.09
CA LEU A 41 0.67 -4.41 -7.17
C LEU A 41 -0.44 -5.11 -7.96
N ALA A 42 -0.81 -4.59 -9.13
CA ALA A 42 -1.86 -5.18 -9.97
C ALA A 42 -1.61 -6.67 -10.29
N GLU A 43 -0.35 -7.07 -10.52
CA GLU A 43 0.02 -8.47 -10.78
C GLU A 43 -0.07 -9.33 -9.51
N VAL A 44 0.48 -8.89 -8.38
CA VAL A 44 0.42 -9.64 -7.11
C VAL A 44 -1.02 -9.76 -6.57
N PHE A 45 -1.74 -8.63 -6.48
CA PHE A 45 -3.07 -8.52 -5.87
C PHE A 45 -4.15 -9.37 -6.56
N SER A 46 -3.94 -9.73 -7.83
CA SER A 46 -4.85 -10.62 -8.58
C SER A 46 -4.98 -12.03 -7.96
N ASP A 47 -4.02 -12.46 -7.11
CA ASP A 47 -4.10 -13.71 -6.35
C ASP A 47 -4.58 -13.52 -4.89
N TYR A 48 -4.69 -12.28 -4.41
CA TYR A 48 -5.06 -11.93 -3.02
C TYR A 48 -6.22 -10.90 -2.89
N PRO A 49 -7.32 -11.00 -3.66
CA PRO A 49 -8.42 -10.03 -3.64
C PRO A 49 -9.11 -9.89 -2.27
N GLU A 50 -8.93 -10.87 -1.36
CA GLU A 50 -9.42 -10.78 0.03
C GLU A 50 -8.71 -9.72 0.89
N VAL A 51 -7.54 -9.21 0.48
CA VAL A 51 -6.82 -8.11 1.14
C VAL A 51 -7.45 -6.77 0.72
N GLY A 52 -7.48 -5.77 1.61
CA GLY A 52 -7.91 -4.39 1.30
C GLY A 52 -6.75 -3.54 0.78
N HIS A 53 -7.00 -2.54 -0.06
CA HIS A 53 -5.95 -1.62 -0.55
C HIS A 53 -6.37 -0.14 -0.45
N LEU A 54 -5.74 0.64 0.42
CA LEU A 54 -5.95 2.08 0.54
C LEU A 54 -4.88 2.83 -0.27
N LYS A 55 -5.31 3.52 -1.33
CA LYS A 55 -4.41 4.31 -2.19
C LYS A 55 -4.36 5.77 -1.71
N VAL A 56 -3.29 6.14 -1.01
CA VAL A 56 -3.09 7.50 -0.50
C VAL A 56 -2.34 8.31 -1.54
N GLU A 57 -2.97 9.42 -1.96
CA GLU A 57 -2.40 10.36 -2.91
C GLU A 57 -1.37 11.26 -2.22
N ASP A 58 -0.19 10.70 -1.97
CA ASP A 58 0.90 11.23 -1.14
C ASP A 58 1.82 12.21 -1.92
N GLY A 59 1.27 12.88 -2.93
CA GLY A 59 2.00 13.71 -3.90
C GLY A 59 2.36 15.10 -3.35
N PRO A 60 1.37 15.95 -2.97
CA PRO A 60 1.60 17.33 -2.56
C PRO A 60 2.09 17.38 -1.10
N GLY A 61 3.34 16.93 -0.89
CA GLY A 61 3.90 16.65 0.42
C GLY A 61 3.44 15.31 1.00
N ARG A 62 4.09 14.88 2.08
CA ARG A 62 3.75 13.62 2.76
C ARG A 62 2.42 13.76 3.51
N ARG A 63 1.43 12.94 3.11
CA ARG A 63 0.07 12.89 3.66
C ARG A 63 0.05 11.85 4.80
N LEU A 64 -0.77 10.80 4.72
CA LEU A 64 -0.79 9.68 5.70
C LEU A 64 0.59 9.01 5.84
N GLY A 65 1.42 8.97 4.79
CA GLY A 65 2.77 8.40 4.83
C GLY A 65 3.73 9.11 5.80
N ARG A 66 3.42 10.35 6.19
CA ARG A 66 4.09 11.07 7.28
C ARG A 66 3.89 10.35 8.62
N SER A 67 2.67 9.93 8.92
CA SER A 67 2.29 9.26 10.17
C SER A 67 2.84 7.83 10.25
N PHE A 68 3.06 7.19 9.11
CA PHE A 68 3.70 5.87 8.97
C PHE A 68 5.24 5.93 8.98
N GLN A 69 5.83 7.12 8.92
CA GLN A 69 7.28 7.33 8.83
C GLN A 69 7.86 6.63 7.59
N VAL A 70 7.24 6.83 6.43
CA VAL A 70 7.60 6.20 5.14
C VAL A 70 9.05 6.52 4.73
N LYS A 71 9.78 5.49 4.29
CA LYS A 71 11.25 5.53 4.14
C LYS A 71 11.74 6.18 2.83
N LEU A 72 11.21 5.70 1.70
CA LEU A 72 11.44 6.24 0.36
C LEU A 72 10.22 7.08 -0.03
N TRP A 73 9.46 6.62 -1.01
CA TRP A 73 8.11 7.11 -1.33
C TRP A 73 7.20 6.05 -1.98
N PRO A 74 7.63 5.25 -3.00
CA PRO A 74 6.86 4.10 -3.45
C PRO A 74 6.97 3.02 -2.38
N THR A 75 5.97 3.00 -1.50
CA THR A 75 5.97 2.26 -0.24
C THR A 75 4.54 1.92 0.13
N PHE A 76 4.36 0.72 0.68
CA PHE A 76 3.06 0.22 1.10
C PHE A 76 3.21 -0.63 2.38
N VAL A 77 2.41 -0.29 3.39
CA VAL A 77 2.45 -0.86 4.74
C VAL A 77 1.28 -1.83 4.92
N PHE A 78 1.59 -3.09 5.27
CA PHE A 78 0.61 -4.15 5.49
C PHE A 78 0.14 -4.06 6.95
N LEU A 79 -1.13 -3.72 7.15
CA LEU A 79 -1.82 -3.78 8.43
C LEU A 79 -2.65 -5.07 8.56
N ARG A 80 -2.94 -5.41 9.79
CA ARG A 80 -3.87 -6.48 10.24
C ARG A 80 -4.15 -6.25 11.74
N ASP A 81 -5.42 -6.26 12.16
CA ASP A 81 -5.87 -5.71 13.45
C ASP A 81 -5.70 -4.17 13.52
N GLY A 82 -5.71 -3.51 12.35
CA GLY A 82 -5.34 -2.08 12.19
C GLY A 82 -3.89 -1.74 12.55
N ARG A 83 -2.99 -2.74 12.62
CA ARG A 83 -1.64 -2.66 13.17
C ARG A 83 -0.63 -3.30 12.22
N GLU A 84 0.53 -2.66 12.08
CA GLU A 84 1.55 -3.05 11.10
C GLU A 84 2.09 -4.45 11.37
N VAL A 85 1.85 -5.35 10.41
CA VAL A 85 2.42 -6.70 10.35
C VAL A 85 3.70 -6.75 9.49
N ALA A 86 3.84 -5.79 8.56
CA ALA A 86 4.98 -5.62 7.65
C ALA A 86 4.86 -4.32 6.84
N ARG A 87 5.86 -4.05 6.02
CA ARG A 87 5.77 -3.12 4.90
C ARG A 87 6.76 -3.50 3.80
N VAL A 88 6.45 -3.09 2.57
CA VAL A 88 7.33 -3.24 1.41
C VAL A 88 7.61 -1.85 0.83
N VAL A 89 8.86 -1.60 0.43
CA VAL A 89 9.33 -0.35 -0.17
C VAL A 89 10.24 -0.67 -1.36
N ARG A 90 10.09 0.08 -2.46
CA ARG A 90 10.87 -0.05 -3.69
C ARG A 90 10.79 -1.49 -4.27
N PRO A 91 9.60 -1.96 -4.71
CA PRO A 91 9.39 -3.35 -5.16
C PRO A 91 10.29 -3.66 -6.38
N GLY A 92 11.18 -4.66 -6.25
CA GLY A 92 12.19 -4.96 -7.27
C GLY A 92 11.67 -5.81 -8.43
N SER A 93 10.65 -6.64 -8.17
CA SER A 93 9.93 -7.50 -9.12
C SER A 93 8.75 -8.17 -8.41
N ALA A 94 7.78 -8.71 -9.15
CA ALA A 94 6.59 -9.38 -8.62
C ALA A 94 6.98 -10.51 -7.65
N SER A 95 8.08 -11.21 -7.86
CA SER A 95 8.60 -12.22 -6.91
C SER A 95 8.81 -11.66 -5.48
N VAL A 96 9.29 -10.41 -5.35
CA VAL A 96 9.54 -9.74 -4.08
C VAL A 96 8.24 -9.24 -3.45
N LEU A 97 7.33 -8.70 -4.26
CA LEU A 97 6.03 -8.21 -3.80
C LEU A 97 5.11 -9.37 -3.38
N GLU A 98 4.98 -10.39 -4.22
CA GLU A 98 4.26 -11.64 -3.94
C GLU A 98 4.81 -12.35 -2.68
N GLU A 99 6.13 -12.41 -2.49
CA GLU A 99 6.78 -13.01 -1.31
C GLU A 99 6.35 -12.35 0.01
N ALA A 100 6.08 -11.05 -0.01
CA ALA A 100 5.49 -10.36 1.12
C ALA A 100 3.99 -10.65 1.22
N PHE A 101 3.23 -10.51 0.14
CA PHE A 101 1.78 -10.72 0.15
C PHE A 101 1.40 -12.08 0.73
N GLU A 102 2.02 -13.17 0.24
CA GLU A 102 1.81 -14.53 0.76
C GLU A 102 2.11 -14.66 2.25
N SER A 103 3.10 -13.92 2.76
CA SER A 103 3.51 -13.97 4.15
C SER A 103 2.52 -13.25 5.08
N LEU A 104 1.88 -12.19 4.59
CA LEU A 104 0.96 -11.36 5.37
C LEU A 104 -0.50 -11.79 5.24
N VAL A 105 -0.86 -12.37 4.09
CA VAL A 105 -2.16 -13.03 3.88
C VAL A 105 -2.25 -14.35 4.66
N GLY A 106 -1.11 -15.05 4.83
CA GLY A 106 -0.98 -16.32 5.57
C GLY A 106 -1.02 -17.57 4.68
N GLU A 107 -0.69 -17.45 3.38
CA GLU A 107 -0.77 -18.55 2.41
C GLU A 107 0.53 -19.36 2.26
N GLY A 108 1.70 -18.79 2.57
CA GLY A 108 3.01 -19.49 2.57
C GLY A 108 3.59 -19.79 1.18
N MET A 1 -0.34 2.29 -14.01
CA MET A 1 -1.30 3.22 -14.61
C MET A 1 -2.77 2.77 -14.50
N LYS A 2 -3.01 1.51 -14.12
CA LYS A 2 -4.35 0.92 -13.99
C LYS A 2 -5.10 1.43 -12.74
N THR A 3 -4.38 1.58 -11.63
CA THR A 3 -4.87 2.04 -10.31
C THR A 3 -5.12 3.56 -10.34
N ARG A 4 -5.71 4.07 -9.25
CA ARG A 4 -5.95 5.50 -8.99
C ARG A 4 -5.98 5.80 -7.48
N TYR A 5 -5.64 7.03 -7.13
CA TYR A 5 -5.36 7.47 -5.76
C TYR A 5 -6.44 8.39 -5.14
N SER A 6 -6.38 8.61 -3.83
CA SER A 6 -7.27 9.54 -3.13
C SER A 6 -6.59 10.42 -2.08
N ALA A 7 -6.91 11.72 -2.10
CA ALA A 7 -6.52 12.67 -1.07
C ALA A 7 -7.43 12.63 0.16
N GLU A 8 -8.56 11.92 0.10
CA GLU A 8 -9.61 11.88 1.14
C GLU A 8 -9.40 10.75 2.17
N ALA A 9 -8.16 10.29 2.33
CA ALA A 9 -7.77 9.24 3.26
C ALA A 9 -7.97 9.63 4.74
N PRO A 10 -8.13 8.64 5.64
CA PRO A 10 -8.28 8.86 7.07
C PRO A 10 -6.99 9.37 7.73
N ALA A 11 -7.12 9.92 8.94
CA ALA A 11 -5.99 10.16 9.84
C ALA A 11 -5.49 8.85 10.48
N ARG A 12 -4.26 8.83 11.01
CA ARG A 12 -3.63 7.62 11.55
C ARG A 12 -4.47 6.99 12.67
N ASP A 13 -5.12 7.80 13.53
CA ASP A 13 -6.00 7.32 14.59
C ASP A 13 -7.34 6.74 14.06
N GLU A 14 -7.92 7.35 13.02
CA GLU A 14 -9.14 6.86 12.37
C GLU A 14 -8.88 5.53 11.63
N LEU A 15 -7.67 5.37 11.10
CA LEU A 15 -7.14 4.19 10.43
C LEU A 15 -6.81 3.07 11.43
N ASP A 16 -6.37 3.40 12.66
CA ASP A 16 -6.11 2.44 13.75
C ASP A 16 -7.35 1.62 14.16
N ARG A 17 -8.55 2.11 13.81
CA ARG A 17 -9.83 1.43 14.03
C ARG A 17 -10.04 0.25 13.07
N LEU A 18 -9.27 0.12 11.97
CA LEU A 18 -9.41 -1.01 11.03
C LEU A 18 -9.01 -2.36 11.66
N ALA A 19 -9.46 -3.48 11.07
CA ALA A 19 -9.19 -4.83 11.59
C ALA A 19 -8.84 -5.89 10.52
N GLY A 20 -9.33 -5.77 9.29
CA GLY A 20 -9.04 -6.72 8.21
C GLY A 20 -7.67 -6.49 7.56
N PRO A 21 -7.14 -7.44 6.76
CA PRO A 21 -5.92 -7.26 5.98
C PRO A 21 -6.08 -6.05 5.05
N THR A 22 -5.30 -4.99 5.27
CA THR A 22 -5.38 -3.73 4.52
C THR A 22 -3.99 -3.23 4.20
N LEU A 23 -3.70 -3.05 2.91
CA LEU A 23 -2.47 -2.45 2.42
C LEU A 23 -2.64 -0.93 2.29
N VAL A 24 -1.79 -0.15 2.95
CA VAL A 24 -1.79 1.33 2.88
C VAL A 24 -0.65 1.79 1.98
N GLU A 25 -1.01 2.33 0.82
CA GLU A 25 -0.13 2.65 -0.31
C GLU A 25 0.05 4.17 -0.44
N PHE A 26 1.29 4.63 -0.51
CA PHE A 26 1.67 6.04 -0.55
C PHE A 26 2.28 6.43 -1.92
N GLY A 27 1.72 7.47 -2.55
CA GLY A 27 2.12 7.91 -3.90
C GLY A 27 1.10 8.85 -4.53
N THR A 28 1.00 8.85 -5.87
CA THR A 28 -0.02 9.58 -6.67
C THR A 28 -0.36 8.75 -7.91
N ASP A 29 -1.35 9.18 -8.69
CA ASP A 29 -1.69 8.51 -9.95
C ASP A 29 -0.74 8.87 -11.11
N TRP A 30 0.19 9.82 -10.88
CA TRP A 30 0.95 10.50 -11.93
C TRP A 30 2.48 10.45 -11.79
N CYS A 31 3.06 10.09 -10.62
CA CYS A 31 4.51 9.97 -10.47
C CYS A 31 5.05 8.76 -11.27
N GLY A 32 6.28 8.87 -11.80
CA GLY A 32 6.97 7.80 -12.53
C GLY A 32 7.30 6.58 -11.67
N HIS A 33 7.47 6.74 -10.35
CA HIS A 33 7.51 5.61 -9.42
C HIS A 33 6.20 4.81 -9.48
N CYS A 34 5.07 5.52 -9.40
CA CYS A 34 3.74 4.94 -9.43
C CYS A 34 3.39 4.30 -10.77
N GLN A 35 3.88 4.82 -11.89
CA GLN A 35 3.55 4.22 -13.19
C GLN A 35 4.15 2.81 -13.34
N ALA A 36 5.20 2.53 -12.57
CA ALA A 36 5.87 1.25 -12.49
C ALA A 36 5.32 0.35 -11.35
N ALA A 37 4.95 0.92 -10.20
CA ALA A 37 4.47 0.15 -9.04
C ALA A 37 2.98 -0.17 -9.11
N GLN A 38 2.17 0.68 -9.75
CA GLN A 38 0.73 0.43 -9.92
C GLN A 38 0.40 -0.85 -10.72
N PRO A 39 0.98 -1.10 -11.92
CA PRO A 39 0.75 -2.35 -12.64
C PRO A 39 1.41 -3.55 -11.92
N LEU A 40 2.38 -3.28 -11.01
CA LEU A 40 2.98 -4.30 -10.15
C LEU A 40 1.94 -4.83 -9.18
N LEU A 41 1.34 -3.91 -8.39
CA LEU A 41 0.25 -4.22 -7.45
C LEU A 41 -0.87 -4.90 -8.22
N ALA A 42 -1.30 -4.34 -9.35
CA ALA A 42 -2.36 -4.93 -10.19
C ALA A 42 -2.09 -6.40 -10.57
N GLU A 43 -0.84 -6.79 -10.84
CA GLU A 43 -0.47 -8.19 -11.13
C GLU A 43 -0.54 -9.08 -9.88
N VAL A 44 0.03 -8.66 -8.74
CA VAL A 44 -0.03 -9.44 -7.49
C VAL A 44 -1.46 -9.55 -6.95
N PHE A 45 -2.18 -8.42 -6.84
CA PHE A 45 -3.52 -8.30 -6.23
C PHE A 45 -4.59 -9.14 -6.94
N SER A 46 -4.38 -9.51 -8.21
CA SER A 46 -5.32 -10.37 -8.96
C SER A 46 -5.48 -11.78 -8.32
N ASP A 47 -4.56 -12.21 -7.45
CA ASP A 47 -4.64 -13.47 -6.68
C ASP A 47 -5.10 -13.27 -5.22
N TYR A 48 -5.18 -12.02 -4.73
CA TYR A 48 -5.52 -11.65 -3.35
C TYR A 48 -6.62 -10.57 -3.23
N PRO A 49 -7.71 -10.59 -4.03
CA PRO A 49 -8.72 -9.53 -4.05
C PRO A 49 -9.46 -9.32 -2.71
N GLU A 50 -9.40 -10.28 -1.79
CA GLU A 50 -9.92 -10.15 -0.43
C GLU A 50 -9.14 -9.18 0.48
N VAL A 51 -7.90 -8.79 0.13
CA VAL A 51 -7.12 -7.77 0.84
C VAL A 51 -7.65 -6.36 0.47
N GLY A 52 -7.67 -5.43 1.42
CA GLY A 52 -8.04 -4.02 1.18
C GLY A 52 -6.85 -3.21 0.65
N HIS A 53 -7.09 -2.17 -0.14
CA HIS A 53 -6.01 -1.32 -0.66
C HIS A 53 -6.38 0.16 -0.59
N LEU A 54 -5.69 0.93 0.24
CA LEU A 54 -5.96 2.34 0.49
C LEU A 54 -4.84 3.19 -0.14
N LYS A 55 -5.15 3.84 -1.26
CA LYS A 55 -4.19 4.63 -2.04
C LYS A 55 -4.17 6.10 -1.55
N VAL A 56 -3.19 6.43 -0.74
CA VAL A 56 -3.02 7.74 -0.10
C VAL A 56 -2.25 8.66 -1.04
N GLU A 57 -2.94 9.71 -1.49
CA GLU A 57 -2.36 10.73 -2.36
C GLU A 57 -1.43 11.67 -1.57
N ASP A 58 -0.13 11.59 -1.84
CA ASP A 58 0.92 12.30 -1.10
C ASP A 58 1.23 13.69 -1.68
N GLY A 59 0.82 13.95 -2.92
CA GLY A 59 1.06 15.18 -3.67
C GLY A 59 0.46 16.44 -3.02
N PRO A 60 -0.74 16.37 -2.42
CA PRO A 60 -1.31 17.44 -1.60
C PRO A 60 -0.52 17.82 -0.34
N GLY A 61 0.51 17.05 0.05
CA GLY A 61 1.35 17.30 1.23
C GLY A 61 0.90 16.57 2.49
N ARG A 62 0.10 15.49 2.36
CA ARG A 62 -0.44 14.71 3.48
C ARG A 62 0.64 14.17 4.42
N ARG A 63 0.37 14.19 5.72
CA ARG A 63 1.28 13.74 6.79
C ARG A 63 1.09 12.27 7.22
N LEU A 64 0.19 11.51 6.59
CA LEU A 64 0.00 10.07 6.90
C LEU A 64 1.29 9.28 6.62
N GLY A 65 1.91 9.44 5.44
CA GLY A 65 3.17 8.75 5.11
C GLY A 65 4.35 9.15 6.03
N ARG A 66 4.36 10.41 6.49
CA ARG A 66 5.29 10.89 7.53
C ARG A 66 5.03 10.19 8.88
N SER A 67 3.77 10.01 9.27
CA SER A 67 3.37 9.33 10.51
C SER A 67 3.65 7.81 10.44
N PHE A 68 3.61 7.21 9.24
CA PHE A 68 3.99 5.84 8.94
C PHE A 68 5.52 5.65 8.82
N GLN A 69 6.30 6.72 8.78
CA GLN A 69 7.75 6.76 8.57
C GLN A 69 8.12 6.11 7.21
N VAL A 70 7.39 6.45 6.15
CA VAL A 70 7.59 5.93 4.77
C VAL A 70 9.05 6.11 4.32
N LYS A 71 9.67 5.01 3.88
CA LYS A 71 11.13 4.87 3.79
C LYS A 71 11.71 5.40 2.46
N LEU A 72 11.23 4.86 1.34
CA LEU A 72 11.28 5.49 0.01
C LEU A 72 9.85 5.87 -0.36
N TRP A 73 9.68 6.90 -1.19
CA TRP A 73 8.36 7.46 -1.49
C TRP A 73 7.34 6.42 -1.99
N PRO A 74 7.65 5.52 -2.95
CA PRO A 74 6.79 4.40 -3.28
C PRO A 74 6.94 3.27 -2.25
N THR A 75 6.16 3.36 -1.17
CA THR A 75 6.05 2.33 -0.12
C THR A 75 4.60 2.04 0.13
N PHE A 76 4.32 0.77 0.45
CA PHE A 76 3.03 0.30 0.86
C PHE A 76 3.19 -0.59 2.11
N VAL A 77 2.44 -0.26 3.15
CA VAL A 77 2.52 -0.84 4.50
C VAL A 77 1.34 -1.76 4.72
N PHE A 78 1.61 -3.04 4.98
CA PHE A 78 0.60 -4.08 5.20
C PHE A 78 0.16 -4.03 6.66
N LEU A 79 -1.11 -3.71 6.88
CA LEU A 79 -1.78 -3.71 8.19
C LEU A 79 -2.74 -4.90 8.29
N ARG A 80 -3.00 -5.33 9.53
CA ARG A 80 -3.94 -6.39 9.90
C ARG A 80 -4.16 -6.33 11.42
N ASP A 81 -5.41 -6.41 11.86
CA ASP A 81 -5.86 -6.21 13.25
C ASP A 81 -5.60 -4.78 13.77
N GLY A 82 -5.40 -3.82 12.85
CA GLY A 82 -5.11 -2.40 13.11
C GLY A 82 -3.63 -2.07 13.26
N ARG A 83 -2.76 -3.07 13.37
CA ARG A 83 -1.29 -2.93 13.49
C ARG A 83 -0.61 -3.26 12.16
N GLU A 84 0.57 -2.69 11.99
CA GLU A 84 1.48 -3.05 10.88
C GLU A 84 2.00 -4.49 11.09
N VAL A 85 1.83 -5.32 10.07
CA VAL A 85 2.38 -6.69 10.00
C VAL A 85 3.62 -6.78 9.12
N ALA A 86 3.80 -5.83 8.19
CA ALA A 86 4.92 -5.71 7.26
C ALA A 86 4.84 -4.41 6.46
N ARG A 87 5.82 -4.19 5.60
CA ARG A 87 5.74 -3.24 4.48
C ARG A 87 6.66 -3.65 3.34
N VAL A 88 6.38 -3.15 2.14
CA VAL A 88 7.24 -3.33 0.96
C VAL A 88 7.63 -1.93 0.46
N VAL A 89 8.93 -1.67 0.39
CA VAL A 89 9.55 -0.42 -0.07
C VAL A 89 10.20 -0.68 -1.43
N ARG A 90 9.82 0.07 -2.48
CA ARG A 90 10.34 -0.02 -3.85
C ARG A 90 10.26 -1.46 -4.44
N PRO A 91 9.12 -1.89 -5.03
CA PRO A 91 8.97 -3.24 -5.56
C PRO A 91 9.93 -3.47 -6.74
N GLY A 92 10.80 -4.48 -6.62
CA GLY A 92 11.80 -4.80 -7.65
C GLY A 92 11.24 -5.63 -8.81
N SER A 93 10.23 -6.46 -8.53
CA SER A 93 9.50 -7.30 -9.47
C SER A 93 8.33 -7.99 -8.75
N ALA A 94 7.37 -8.56 -9.48
CA ALA A 94 6.23 -9.28 -8.93
C ALA A 94 6.66 -10.43 -8.01
N SER A 95 7.80 -11.07 -8.25
CA SER A 95 8.38 -12.08 -7.36
C SER A 95 8.67 -11.56 -5.93
N VAL A 96 8.94 -10.26 -5.75
CA VAL A 96 9.15 -9.61 -4.46
C VAL A 96 7.80 -9.18 -3.85
N LEU A 97 6.91 -8.62 -4.67
CA LEU A 97 5.61 -8.12 -4.20
C LEU A 97 4.67 -9.28 -3.80
N GLU A 98 4.54 -10.30 -4.65
CA GLU A 98 3.78 -11.52 -4.37
C GLU A 98 4.29 -12.27 -3.12
N GLU A 99 5.62 -12.36 -2.94
CA GLU A 99 6.26 -12.99 -1.77
C GLU A 99 5.81 -12.36 -0.45
N ALA A 100 5.60 -11.05 -0.45
CA ALA A 100 5.04 -10.36 0.71
C ALA A 100 3.53 -10.60 0.80
N PHE A 101 2.76 -10.45 -0.27
CA PHE A 101 1.31 -10.59 -0.24
C PHE A 101 0.88 -11.95 0.34
N GLU A 102 1.44 -13.06 -0.15
CA GLU A 102 1.19 -14.41 0.36
C GLU A 102 1.56 -14.57 1.85
N SER A 103 2.60 -13.88 2.30
CA SER A 103 3.03 -13.91 3.69
C SER A 103 2.07 -13.16 4.64
N LEU A 104 1.42 -12.09 4.16
CA LEU A 104 0.54 -11.24 4.98
C LEU A 104 -0.94 -11.60 4.84
N VAL A 105 -1.34 -12.19 3.72
CA VAL A 105 -2.67 -12.75 3.51
C VAL A 105 -2.84 -14.06 4.31
N GLY A 106 -1.74 -14.77 4.58
CA GLY A 106 -1.70 -16.05 5.32
C GLY A 106 -1.70 -17.30 4.43
N GLU A 107 -1.37 -17.17 3.14
CA GLU A 107 -1.28 -18.29 2.18
C GLU A 107 0.08 -19.00 2.18
N GLY A 108 1.14 -18.36 2.68
CA GLY A 108 2.48 -18.95 2.79
C GLY A 108 2.60 -19.91 3.98
N MET A 1 -3.59 2.85 -18.09
CA MET A 1 -4.36 1.80 -17.41
C MET A 1 -4.26 1.86 -15.87
N LYS A 2 -3.31 2.64 -15.35
CA LYS A 2 -3.02 2.79 -13.90
C LYS A 2 -4.22 3.29 -13.07
N THR A 3 -4.44 2.69 -11.89
CA THR A 3 -5.58 2.96 -10.98
C THR A 3 -5.35 4.23 -10.17
N ARG A 4 -6.40 5.06 -10.03
CA ARG A 4 -6.33 6.41 -9.44
C ARG A 4 -6.41 6.41 -7.91
N TYR A 5 -5.64 7.30 -7.30
CA TYR A 5 -5.50 7.52 -5.85
C TYR A 5 -6.60 8.40 -5.21
N SER A 6 -6.65 8.44 -3.87
CA SER A 6 -7.52 9.31 -3.09
C SER A 6 -6.75 10.23 -2.12
N ALA A 7 -7.09 11.52 -2.07
CA ALA A 7 -6.45 12.53 -1.20
C ALA A 7 -7.18 12.74 0.13
N GLU A 8 -8.48 12.41 0.18
CA GLU A 8 -9.38 12.52 1.33
C GLU A 8 -9.25 11.36 2.35
N ALA A 9 -8.07 10.74 2.42
CA ALA A 9 -7.80 9.57 3.26
C ALA A 9 -7.93 9.84 4.78
N PRO A 10 -8.18 8.79 5.58
CA PRO A 10 -8.24 8.86 7.04
C PRO A 10 -6.84 9.03 7.66
N ALA A 11 -6.82 9.43 8.94
CA ALA A 11 -5.59 9.66 9.71
C ALA A 11 -5.03 8.38 10.34
N ARG A 12 -3.75 8.38 10.72
CA ARG A 12 -3.05 7.22 11.31
C ARG A 12 -3.72 6.70 12.60
N ASP A 13 -4.34 7.59 13.38
CA ASP A 13 -5.13 7.26 14.57
C ASP A 13 -6.52 6.66 14.26
N GLU A 14 -7.02 6.86 13.04
CA GLU A 14 -8.25 6.24 12.52
C GLU A 14 -7.97 4.89 11.85
N LEU A 15 -6.78 4.70 11.25
CA LEU A 15 -6.31 3.39 10.77
C LEU A 15 -6.20 2.37 11.92
N ASP A 16 -5.87 2.81 13.12
CA ASP A 16 -5.79 1.97 14.33
C ASP A 16 -7.12 1.28 14.68
N ARG A 17 -8.24 1.79 14.16
CA ARG A 17 -9.58 1.23 14.32
C ARG A 17 -9.90 0.08 13.35
N LEU A 18 -9.09 -0.13 12.30
CA LEU A 18 -9.33 -1.20 11.30
C LEU A 18 -9.09 -2.61 11.87
N ALA A 19 -9.52 -3.66 11.15
CA ALA A 19 -9.38 -5.05 11.58
C ALA A 19 -8.91 -6.04 10.48
N GLY A 20 -9.47 -5.98 9.28
CA GLY A 20 -9.15 -6.93 8.20
C GLY A 20 -7.79 -6.64 7.52
N PRO A 21 -7.27 -7.57 6.69
CA PRO A 21 -6.03 -7.38 5.96
C PRO A 21 -6.17 -6.21 4.97
N THR A 22 -5.51 -5.10 5.27
CA THR A 22 -5.59 -3.85 4.51
C THR A 22 -4.20 -3.35 4.17
N LEU A 23 -3.86 -3.30 2.89
CA LEU A 23 -2.63 -2.67 2.42
C LEU A 23 -2.88 -1.17 2.25
N VAL A 24 -2.02 -0.34 2.83
CA VAL A 24 -2.08 1.13 2.72
C VAL A 24 -0.91 1.63 1.87
N GLU A 25 -1.22 2.20 0.70
CA GLU A 25 -0.25 2.58 -0.33
C GLU A 25 -0.12 4.10 -0.43
N PHE A 26 1.13 4.58 -0.42
CA PHE A 26 1.49 5.99 -0.59
C PHE A 26 2.02 6.22 -2.00
N GLY A 27 1.45 7.22 -2.69
CA GLY A 27 1.79 7.53 -4.08
C GLY A 27 0.92 8.62 -4.70
N THR A 28 0.87 8.69 -6.03
CA THR A 28 -0.04 9.50 -6.85
C THR A 28 -0.35 8.76 -8.15
N ASP A 29 -1.26 9.28 -8.97
CA ASP A 29 -1.54 8.69 -10.28
C ASP A 29 -0.50 9.07 -11.34
N TRP A 30 0.45 9.95 -11.01
CA TRP A 30 1.32 10.64 -11.98
C TRP A 30 2.84 10.51 -11.73
N CYS A 31 3.31 10.13 -10.54
CA CYS A 31 4.75 9.91 -10.29
C CYS A 31 5.31 8.73 -11.11
N GLY A 32 6.55 8.86 -11.62
CA GLY A 32 7.25 7.82 -12.37
C GLY A 32 7.60 6.58 -11.54
N HIS A 33 7.73 6.70 -10.21
CA HIS A 33 7.75 5.53 -9.34
C HIS A 33 6.40 4.80 -9.38
N CYS A 34 5.31 5.56 -9.26
CA CYS A 34 3.95 5.03 -9.26
C CYS A 34 3.60 4.35 -10.57
N GLN A 35 4.06 4.88 -11.72
CA GLN A 35 3.72 4.28 -13.01
C GLN A 35 4.27 2.85 -13.16
N ALA A 36 5.32 2.53 -12.39
CA ALA A 36 5.93 1.21 -12.29
C ALA A 36 5.30 0.35 -11.19
N ALA A 37 4.97 0.94 -10.02
CA ALA A 37 4.44 0.20 -8.86
C ALA A 37 2.93 -0.06 -8.96
N GLN A 38 2.16 0.83 -9.61
CA GLN A 38 0.71 0.70 -9.81
C GLN A 38 0.33 -0.59 -10.56
N PRO A 39 0.87 -0.89 -11.76
CA PRO A 39 0.61 -2.16 -12.45
C PRO A 39 1.26 -3.34 -11.73
N LEU A 40 2.23 -3.12 -10.84
CA LEU A 40 2.84 -4.16 -10.00
C LEU A 40 1.79 -4.67 -9.01
N LEU A 41 1.24 -3.76 -8.20
CA LEU A 41 0.22 -4.06 -7.20
C LEU A 41 -0.99 -4.69 -7.90
N ALA A 42 -1.39 -4.13 -9.05
CA ALA A 42 -2.51 -4.65 -9.84
C ALA A 42 -2.32 -6.11 -10.27
N GLU A 43 -1.08 -6.54 -10.57
CA GLU A 43 -0.76 -7.92 -10.93
C GLU A 43 -0.80 -8.85 -9.71
N VAL A 44 -0.15 -8.47 -8.59
CA VAL A 44 -0.16 -9.30 -7.36
C VAL A 44 -1.58 -9.43 -6.76
N PHE A 45 -2.31 -8.32 -6.62
CA PHE A 45 -3.65 -8.27 -5.99
C PHE A 45 -4.68 -9.19 -6.67
N SER A 46 -4.52 -9.51 -7.96
CA SER A 46 -5.42 -10.44 -8.68
C SER A 46 -5.41 -11.88 -8.12
N ASP A 47 -4.37 -12.27 -7.37
CA ASP A 47 -4.31 -13.56 -6.66
C ASP A 47 -4.72 -13.46 -5.18
N TYR A 48 -4.90 -12.23 -4.66
CA TYR A 48 -5.27 -11.92 -3.27
C TYR A 48 -6.45 -10.92 -3.13
N PRO A 49 -7.58 -11.07 -3.87
CA PRO A 49 -8.68 -10.09 -3.87
C PRO A 49 -9.35 -9.93 -2.51
N GLU A 50 -9.17 -10.88 -1.57
CA GLU A 50 -9.63 -10.75 -0.18
C GLU A 50 -8.86 -9.70 0.66
N VAL A 51 -7.70 -9.22 0.20
CA VAL A 51 -6.97 -8.08 0.80
C VAL A 51 -7.59 -6.78 0.28
N GLY A 52 -7.73 -5.77 1.15
CA GLY A 52 -8.17 -4.41 0.79
C GLY A 52 -7.00 -3.49 0.43
N HIS A 53 -7.21 -2.48 -0.41
CA HIS A 53 -6.18 -1.51 -0.77
C HIS A 53 -6.66 -0.07 -0.50
N LEU A 54 -5.87 0.71 0.23
CA LEU A 54 -6.09 2.15 0.48
C LEU A 54 -5.02 2.97 -0.25
N LYS A 55 -5.39 3.56 -1.39
CA LYS A 55 -4.51 4.43 -2.19
C LYS A 55 -4.49 5.85 -1.63
N VAL A 56 -3.47 6.22 -0.85
CA VAL A 56 -3.33 7.58 -0.29
C VAL A 56 -2.44 8.44 -1.15
N GLU A 57 -3.02 9.56 -1.61
CA GLU A 57 -2.37 10.57 -2.40
C GLU A 57 -1.37 11.36 -1.53
N ASP A 58 -0.11 10.94 -1.55
CA ASP A 58 0.93 11.29 -0.57
C ASP A 58 1.95 12.31 -1.12
N GLY A 59 1.65 12.90 -2.28
CA GLY A 59 2.45 13.93 -2.96
C GLY A 59 2.21 15.36 -2.45
N PRO A 60 0.95 15.79 -2.20
CA PRO A 60 0.62 17.07 -1.58
C PRO A 60 1.18 17.23 -0.16
N GLY A 61 0.93 18.40 0.46
CA GLY A 61 1.33 18.69 1.85
C GLY A 61 0.57 17.84 2.88
N ARG A 62 -0.67 17.43 2.56
CA ARG A 62 -1.41 16.41 3.30
C ARG A 62 -0.87 15.01 2.95
N ARG A 63 -0.41 14.26 3.97
CA ARG A 63 0.26 12.96 3.84
C ARG A 63 -0.13 12.00 4.97
N LEU A 64 -0.02 10.70 4.70
CA LEU A 64 -0.12 9.61 5.68
C LEU A 64 1.22 8.88 5.83
N GLY A 65 2.03 8.73 4.78
CA GLY A 65 3.38 8.11 4.83
C GLY A 65 4.38 8.85 5.72
N ARG A 66 4.10 10.13 6.01
CA ARG A 66 4.74 10.92 7.06
C ARG A 66 4.59 10.27 8.44
N SER A 67 3.37 9.85 8.81
CA SER A 67 3.03 9.26 10.12
C SER A 67 3.32 7.74 10.19
N PHE A 68 3.66 7.11 9.05
CA PHE A 68 4.32 5.80 9.00
C PHE A 68 5.85 5.90 8.99
N GLN A 69 6.42 7.12 8.93
CA GLN A 69 7.86 7.40 8.94
C GLN A 69 8.56 6.65 7.79
N VAL A 70 7.96 6.70 6.60
CA VAL A 70 8.34 5.93 5.41
C VAL A 70 9.79 6.20 4.93
N LYS A 71 10.49 5.13 4.51
CA LYS A 71 11.91 5.15 4.09
C LYS A 71 12.13 5.78 2.70
N LEU A 72 11.37 5.32 1.70
CA LEU A 72 11.33 5.85 0.33
C LEU A 72 9.87 5.99 -0.08
N TRP A 73 9.52 7.07 -0.77
CA TRP A 73 8.13 7.49 -0.98
C TRP A 73 7.19 6.42 -1.62
N PRO A 74 7.60 5.63 -2.63
CA PRO A 74 6.75 4.59 -3.21
C PRO A 74 6.77 3.34 -2.31
N THR A 75 5.98 3.40 -1.22
CA THR A 75 5.90 2.39 -0.16
C THR A 75 4.45 2.09 0.12
N PHE A 76 4.19 0.84 0.50
CA PHE A 76 2.90 0.36 0.94
C PHE A 76 3.06 -0.51 2.19
N VAL A 77 2.27 -0.20 3.22
CA VAL A 77 2.32 -0.78 4.56
C VAL A 77 1.14 -1.71 4.74
N PHE A 78 1.43 -2.98 5.03
CA PHE A 78 0.41 -4.01 5.24
C PHE A 78 -0.08 -3.92 6.69
N LEU A 79 -1.37 -3.63 6.88
CA LEU A 79 -2.03 -3.59 8.18
C LEU A 79 -2.97 -4.81 8.33
N ARG A 80 -3.16 -5.19 9.59
CA ARG A 80 -4.10 -6.25 10.03
C ARG A 80 -4.28 -6.15 11.55
N ASP A 81 -5.51 -6.31 12.02
CA ASP A 81 -5.92 -6.17 13.44
C ASP A 81 -5.69 -4.74 13.99
N GLY A 82 -5.66 -3.74 13.11
CA GLY A 82 -5.39 -2.33 13.42
C GLY A 82 -3.91 -1.96 13.52
N ARG A 83 -3.00 -2.94 13.43
CA ARG A 83 -1.55 -2.78 13.53
C ARG A 83 -0.89 -2.97 12.16
N GLU A 84 0.27 -2.37 11.97
CA GLU A 84 1.19 -2.72 10.88
C GLU A 84 1.75 -4.13 11.14
N VAL A 85 1.58 -5.03 10.17
CA VAL A 85 2.14 -6.39 10.17
C VAL A 85 3.42 -6.50 9.33
N ALA A 86 3.61 -5.60 8.35
CA ALA A 86 4.75 -5.51 7.44
C ALA A 86 4.66 -4.23 6.61
N ARG A 87 5.67 -4.03 5.76
CA ARG A 87 5.60 -3.09 4.64
C ARG A 87 6.56 -3.49 3.52
N VAL A 88 6.29 -3.04 2.31
CA VAL A 88 7.18 -3.20 1.15
C VAL A 88 7.54 -1.80 0.64
N VAL A 89 8.85 -1.53 0.56
CA VAL A 89 9.44 -0.27 0.07
C VAL A 89 10.10 -0.55 -1.29
N ARG A 90 9.78 0.26 -2.31
CA ARG A 90 10.39 0.20 -3.66
C ARG A 90 10.28 -1.19 -4.33
N PRO A 91 9.11 -1.60 -4.87
CA PRO A 91 8.93 -2.93 -5.48
C PRO A 91 9.87 -3.11 -6.68
N GLY A 92 10.64 -4.21 -6.70
CA GLY A 92 11.62 -4.52 -7.76
C GLY A 92 11.05 -5.37 -8.91
N SER A 93 10.09 -6.25 -8.62
CA SER A 93 9.44 -7.20 -9.52
C SER A 93 8.32 -7.94 -8.78
N ALA A 94 7.31 -8.47 -9.49
CA ALA A 94 6.17 -9.18 -8.89
C ALA A 94 6.59 -10.31 -7.97
N SER A 95 7.69 -11.01 -8.25
CA SER A 95 8.26 -12.06 -7.38
C SER A 95 8.61 -11.56 -5.96
N VAL A 96 8.88 -10.26 -5.77
CA VAL A 96 9.17 -9.64 -4.46
C VAL A 96 7.88 -9.14 -3.80
N LEU A 97 6.97 -8.57 -4.60
CA LEU A 97 5.67 -8.06 -4.10
C LEU A 97 4.75 -9.22 -3.68
N GLU A 98 4.58 -10.23 -4.53
CA GLU A 98 3.84 -11.47 -4.26
C GLU A 98 4.39 -12.22 -3.02
N GLU A 99 5.71 -12.27 -2.85
CA GLU A 99 6.38 -12.90 -1.69
C GLU A 99 5.96 -12.25 -0.37
N ALA A 100 5.71 -10.95 -0.35
CA ALA A 100 5.16 -10.27 0.82
C ALA A 100 3.64 -10.50 0.94
N PHE A 101 2.89 -10.39 -0.15
CA PHE A 101 1.44 -10.57 -0.14
C PHE A 101 1.04 -11.93 0.44
N GLU A 102 1.64 -13.01 -0.05
CA GLU A 102 1.36 -14.36 0.46
C GLU A 102 1.70 -14.52 1.95
N SER A 103 2.73 -13.82 2.40
CA SER A 103 3.19 -13.86 3.79
C SER A 103 2.29 -13.07 4.74
N LEU A 104 1.55 -12.06 4.24
CA LEU A 104 0.66 -11.22 5.06
C LEU A 104 -0.83 -11.59 4.89
N VAL A 105 -1.20 -12.19 3.76
CA VAL A 105 -2.54 -12.78 3.56
C VAL A 105 -2.70 -14.05 4.41
N GLY A 106 -1.59 -14.77 4.67
CA GLY A 106 -1.54 -16.02 5.43
C GLY A 106 -1.68 -17.27 4.56
N GLU A 107 -1.28 -17.22 3.28
CA GLU A 107 -1.37 -18.35 2.35
C GLU A 107 -0.24 -19.37 2.54
N GLY A 108 0.95 -18.92 2.94
CA GLY A 108 2.06 -19.80 3.36
C GLY A 108 2.68 -20.59 2.21
N MET A 1 -10.42 9.92 -5.38
CA MET A 1 -11.33 8.85 -5.83
C MET A 1 -10.79 7.46 -5.52
N LYS A 2 -11.67 6.54 -5.09
CA LYS A 2 -11.30 5.24 -4.50
C LYS A 2 -10.66 4.22 -5.46
N THR A 3 -10.92 4.34 -6.77
CA THR A 3 -10.42 3.42 -7.81
C THR A 3 -8.95 3.67 -8.14
N ARG A 4 -8.61 4.94 -8.38
CA ARG A 4 -7.27 5.46 -8.65
C ARG A 4 -6.58 5.91 -7.35
N TYR A 5 -5.55 6.76 -7.42
CA TYR A 5 -5.02 7.44 -6.23
C TYR A 5 -5.97 8.48 -5.66
N SER A 6 -5.97 8.65 -4.33
CA SER A 6 -6.84 9.61 -3.64
C SER A 6 -6.11 10.47 -2.60
N ALA A 7 -6.38 11.78 -2.62
CA ALA A 7 -5.97 12.72 -1.57
C ALA A 7 -6.90 12.71 -0.33
N GLU A 8 -8.02 11.99 -0.40
CA GLU A 8 -9.07 11.95 0.63
C GLU A 8 -8.86 10.82 1.66
N ALA A 9 -7.62 10.35 1.81
CA ALA A 9 -7.25 9.26 2.73
C ALA A 9 -7.54 9.59 4.20
N PRO A 10 -7.79 8.57 5.04
CA PRO A 10 -8.07 8.74 6.47
C PRO A 10 -6.89 9.28 7.25
N ALA A 11 -7.20 9.85 8.42
CA ALA A 11 -6.23 10.05 9.50
C ALA A 11 -5.93 8.72 10.22
N ARG A 12 -4.79 8.63 10.92
CA ARG A 12 -4.38 7.37 11.57
C ARG A 12 -5.39 6.86 12.62
N ASP A 13 -6.16 7.76 13.25
CA ASP A 13 -7.25 7.41 14.18
C ASP A 13 -8.47 6.76 13.50
N GLU A 14 -8.74 7.14 12.24
CA GLU A 14 -9.79 6.56 11.41
C GLU A 14 -9.32 5.26 10.74
N LEU A 15 -8.02 5.18 10.42
CA LEU A 15 -7.33 3.98 9.94
C LEU A 15 -7.30 2.88 11.01
N ASP A 16 -7.18 3.26 12.29
CA ASP A 16 -7.13 2.36 13.44
C ASP A 16 -8.39 1.47 13.57
N ARG A 17 -9.50 1.96 12.98
CA ARG A 17 -10.80 1.31 12.98
C ARG A 17 -10.89 0.15 11.98
N LEU A 18 -9.94 0.04 11.03
CA LEU A 18 -9.90 -1.10 10.10
C LEU A 18 -9.53 -2.42 10.82
N ALA A 19 -9.84 -3.57 10.21
CA ALA A 19 -9.54 -4.89 10.79
C ALA A 19 -9.03 -5.94 9.78
N GLY A 20 -9.52 -5.94 8.54
CA GLY A 20 -9.11 -6.90 7.52
C GLY A 20 -7.74 -6.58 6.91
N PRO A 21 -7.15 -7.50 6.13
CA PRO A 21 -5.84 -7.29 5.47
C PRO A 21 -5.96 -6.16 4.46
N THR A 22 -5.33 -5.02 4.76
CA THR A 22 -5.39 -3.79 3.96
C THR A 22 -3.98 -3.30 3.68
N LEU A 23 -3.60 -3.25 2.41
CA LEU A 23 -2.33 -2.65 1.97
C LEU A 23 -2.54 -1.15 1.77
N VAL A 24 -1.70 -0.31 2.38
CA VAL A 24 -1.72 1.15 2.22
C VAL A 24 -0.50 1.60 1.41
N GLU A 25 -0.74 2.13 0.21
CA GLU A 25 0.26 2.50 -0.79
C GLU A 25 0.40 4.02 -0.90
N PHE A 26 1.63 4.51 -0.84
CA PHE A 26 1.99 5.93 -0.93
C PHE A 26 2.65 6.21 -2.29
N GLY A 27 2.18 7.28 -2.96
CA GLY A 27 2.62 7.66 -4.30
C GLY A 27 1.63 8.61 -4.98
N THR A 28 1.58 8.58 -6.33
CA THR A 28 0.61 9.29 -7.17
C THR A 28 0.25 8.46 -8.39
N ASP A 29 -0.66 8.95 -9.23
CA ASP A 29 -1.05 8.29 -10.49
C ASP A 29 -0.03 8.54 -11.62
N TRP A 30 0.94 9.45 -11.38
CA TRP A 30 1.75 10.08 -12.43
C TRP A 30 3.27 10.01 -12.22
N CYS A 31 3.78 9.65 -11.04
CA CYS A 31 5.23 9.48 -10.83
C CYS A 31 5.77 8.25 -11.60
N GLY A 32 6.98 8.37 -12.14
CA GLY A 32 7.70 7.30 -12.84
C GLY A 32 8.05 6.11 -11.94
N HIS A 33 8.16 6.29 -10.63
CA HIS A 33 8.20 5.16 -9.69
C HIS A 33 6.87 4.38 -9.72
N CYS A 34 5.75 5.10 -9.63
CA CYS A 34 4.41 4.51 -9.67
C CYS A 34 4.12 3.79 -10.99
N GLN A 35 4.60 4.30 -12.12
CA GLN A 35 4.32 3.66 -13.41
C GLN A 35 4.95 2.27 -13.54
N ALA A 36 6.00 2.02 -12.74
CA ALA A 36 6.67 0.73 -12.62
C ALA A 36 6.07 -0.15 -11.50
N ALA A 37 5.66 0.44 -10.35
CA ALA A 37 5.13 -0.31 -9.21
C ALA A 37 3.63 -0.63 -9.32
N GLN A 38 2.85 0.21 -10.01
CA GLN A 38 1.41 -0.02 -10.21
C GLN A 38 1.10 -1.32 -10.97
N PRO A 39 1.69 -1.60 -12.16
CA PRO A 39 1.50 -2.88 -12.83
C PRO A 39 2.14 -4.04 -12.06
N LEU A 40 3.05 -3.75 -11.12
CA LEU A 40 3.60 -4.76 -10.21
C LEU A 40 2.50 -5.22 -9.25
N LEU A 41 1.93 -4.27 -8.48
CA LEU A 41 0.86 -4.53 -7.53
C LEU A 41 -0.32 -5.19 -8.24
N ALA A 42 -0.68 -4.72 -9.44
CA ALA A 42 -1.76 -5.30 -10.24
C ALA A 42 -1.54 -6.79 -10.55
N GLU A 43 -0.30 -7.22 -10.82
CA GLU A 43 0.04 -8.62 -11.09
C GLU A 43 -0.05 -9.48 -9.82
N VAL A 44 0.52 -9.02 -8.69
CA VAL A 44 0.45 -9.75 -7.41
C VAL A 44 -0.98 -9.81 -6.86
N PHE A 45 -1.69 -8.68 -6.77
CA PHE A 45 -3.07 -8.58 -6.23
C PHE A 45 -4.07 -9.48 -6.97
N SER A 46 -3.82 -9.83 -8.23
CA SER A 46 -4.69 -10.73 -9.00
C SER A 46 -4.79 -12.15 -8.41
N ASP A 47 -3.86 -12.57 -7.55
CA ASP A 47 -3.93 -13.84 -6.80
C ASP A 47 -4.43 -13.67 -5.36
N TYR A 48 -4.54 -12.44 -4.86
CA TYR A 48 -4.97 -12.08 -3.50
C TYR A 48 -6.09 -11.02 -3.44
N PRO A 49 -7.18 -11.14 -4.24
CA PRO A 49 -8.24 -10.12 -4.32
C PRO A 49 -8.98 -9.88 -2.98
N GLU A 50 -8.88 -10.80 -2.01
CA GLU A 50 -9.40 -10.60 -0.65
C GLU A 50 -8.65 -9.54 0.18
N VAL A 51 -7.46 -9.11 -0.26
CA VAL A 51 -6.70 -8.01 0.33
C VAL A 51 -7.20 -6.67 -0.27
N GLY A 52 -7.35 -5.63 0.55
CA GLY A 52 -7.73 -4.28 0.11
C GLY A 52 -6.54 -3.41 -0.25
N HIS A 53 -6.72 -2.40 -1.10
CA HIS A 53 -5.65 -1.45 -1.46
C HIS A 53 -6.08 0.01 -1.28
N LEU A 54 -5.44 0.75 -0.36
CA LEU A 54 -5.64 2.19 -0.16
C LEU A 54 -4.52 2.96 -0.86
N LYS A 55 -4.86 3.72 -1.92
CA LYS A 55 -3.90 4.53 -2.68
C LYS A 55 -3.85 5.97 -2.15
N VAL A 56 -2.84 6.27 -1.34
CA VAL A 56 -2.64 7.58 -0.70
C VAL A 56 -1.84 8.50 -1.60
N GLU A 57 -2.49 9.57 -2.03
CA GLU A 57 -1.89 10.57 -2.89
C GLU A 57 -0.98 11.50 -2.08
N ASP A 58 0.34 11.39 -2.31
CA ASP A 58 1.37 12.19 -1.63
C ASP A 58 1.64 13.49 -2.41
N GLY A 59 1.67 14.62 -1.69
CA GLY A 59 1.79 15.96 -2.27
C GLY A 59 2.19 17.03 -1.22
N PRO A 60 1.66 18.26 -1.30
CA PRO A 60 2.02 19.33 -0.36
C PRO A 60 1.53 19.05 1.07
N GLY A 61 0.40 18.34 1.22
CA GLY A 61 -0.06 17.75 2.48
C GLY A 61 0.31 16.27 2.54
N ARG A 62 1.31 15.91 3.36
CA ARG A 62 1.78 14.54 3.55
C ARG A 62 0.95 13.82 4.63
N ARG A 63 -0.36 13.71 4.39
CA ARG A 63 -1.41 13.46 5.40
C ARG A 63 -1.31 12.12 6.17
N LEU A 64 -0.65 11.11 5.60
CA LEU A 64 -0.58 9.75 6.18
C LEU A 64 0.84 9.14 6.09
N GLY A 65 1.58 9.33 4.99
CA GLY A 65 2.93 8.77 4.83
C GLY A 65 3.97 9.31 5.83
N ARG A 66 3.73 10.53 6.36
CA ARG A 66 4.43 11.09 7.53
C ARG A 66 4.24 10.21 8.77
N SER A 67 3.00 9.80 9.07
CA SER A 67 2.66 8.99 10.24
C SER A 67 3.19 7.56 10.14
N PHE A 68 3.41 7.06 8.91
CA PHE A 68 4.05 5.79 8.64
C PHE A 68 5.59 5.86 8.61
N GLN A 69 6.17 7.05 8.63
CA GLN A 69 7.62 7.30 8.53
C GLN A 69 8.17 6.67 7.24
N VAL A 70 7.47 6.86 6.11
CA VAL A 70 7.77 6.20 4.81
C VAL A 70 9.24 6.41 4.41
N LYS A 71 9.93 5.30 4.10
CA LYS A 71 11.37 5.23 3.78
C LYS A 71 11.71 5.89 2.42
N LEU A 72 11.81 5.08 1.35
CA LEU A 72 11.78 5.57 -0.02
C LEU A 72 10.33 5.91 -0.38
N TRP A 73 10.12 6.85 -1.28
CA TRP A 73 8.78 7.36 -1.60
C TRP A 73 7.80 6.30 -2.15
N PRO A 74 8.16 5.41 -3.11
CA PRO A 74 7.28 4.35 -3.56
C PRO A 74 7.32 3.18 -2.56
N THR A 75 6.38 3.20 -1.61
CA THR A 75 6.29 2.26 -0.49
C THR A 75 4.84 1.91 -0.24
N PHE A 76 4.62 0.69 0.20
CA PHE A 76 3.31 0.20 0.62
C PHE A 76 3.43 -0.64 1.91
N VAL A 77 2.60 -0.29 2.89
CA VAL A 77 2.59 -0.83 4.25
C VAL A 77 1.38 -1.73 4.43
N PHE A 78 1.60 -3.01 4.78
CA PHE A 78 0.56 -4.02 4.96
C PHE A 78 0.00 -3.91 6.39
N LEU A 79 -1.31 -3.64 6.51
CA LEU A 79 -2.02 -3.56 7.78
C LEU A 79 -2.97 -4.74 7.97
N ARG A 80 -3.26 -5.02 9.24
CA ARG A 80 -4.25 -6.00 9.71
C ARG A 80 -4.55 -5.71 11.18
N ASP A 81 -5.82 -5.82 11.58
CA ASP A 81 -6.31 -5.56 12.95
C ASP A 81 -6.11 -4.09 13.40
N GLY A 82 -5.96 -3.17 12.45
CA GLY A 82 -5.70 -1.75 12.68
C GLY A 82 -4.21 -1.38 12.85
N ARG A 83 -3.31 -2.37 12.87
CA ARG A 83 -1.86 -2.22 13.05
C ARG A 83 -1.12 -2.60 11.77
N GLU A 84 0.10 -2.10 11.58
CA GLU A 84 1.04 -2.60 10.56
C GLU A 84 1.49 -4.03 10.91
N VAL A 85 1.44 -4.93 9.94
CA VAL A 85 1.99 -6.30 10.02
C VAL A 85 3.32 -6.46 9.27
N ALA A 86 3.57 -5.57 8.29
CA ALA A 86 4.74 -5.55 7.41
C ALA A 86 4.73 -4.31 6.52
N ARG A 87 5.77 -4.15 5.70
CA ARG A 87 5.79 -3.23 4.56
C ARG A 87 6.78 -3.68 3.49
N VAL A 88 6.56 -3.22 2.26
CA VAL A 88 7.50 -3.40 1.13
C VAL A 88 7.88 -2.01 0.60
N VAL A 89 9.18 -1.75 0.54
CA VAL A 89 9.79 -0.51 0.01
C VAL A 89 10.53 -0.86 -1.29
N ARG A 90 10.26 -0.12 -2.37
CA ARG A 90 10.92 -0.26 -3.68
C ARG A 90 10.83 -1.71 -4.26
N PRO A 91 9.70 -2.12 -4.87
CA PRO A 91 9.52 -3.47 -5.41
C PRO A 91 10.52 -3.75 -6.53
N GLY A 92 11.30 -4.84 -6.39
CA GLY A 92 12.31 -5.26 -7.38
C GLY A 92 11.77 -6.21 -8.46
N SER A 93 10.68 -6.93 -8.17
CA SER A 93 10.08 -7.95 -9.03
C SER A 93 8.73 -8.41 -8.46
N ALA A 94 7.89 -9.06 -9.29
CA ALA A 94 6.71 -9.76 -8.81
C ALA A 94 7.09 -10.88 -7.83
N SER A 95 8.22 -11.57 -8.00
CA SER A 95 8.64 -12.60 -7.03
C SER A 95 8.93 -12.02 -5.63
N VAL A 96 9.46 -10.79 -5.53
CA VAL A 96 9.64 -10.07 -4.25
C VAL A 96 8.31 -9.55 -3.69
N LEU A 97 7.44 -8.97 -4.53
CA LEU A 97 6.14 -8.44 -4.08
C LEU A 97 5.19 -9.58 -3.66
N GLU A 98 5.02 -10.61 -4.48
CA GLU A 98 4.25 -11.82 -4.17
C GLU A 98 4.73 -12.53 -2.90
N GLU A 99 6.04 -12.64 -2.67
CA GLU A 99 6.64 -13.23 -1.46
C GLU A 99 6.18 -12.52 -0.18
N ALA A 100 6.01 -11.21 -0.21
CA ALA A 100 5.42 -10.47 0.89
C ALA A 100 3.91 -10.70 0.97
N PHE A 101 3.19 -10.62 -0.14
CA PHE A 101 1.72 -10.76 -0.16
C PHE A 101 1.29 -12.10 0.46
N GLU A 102 1.86 -13.22 0.02
CA GLU A 102 1.57 -14.55 0.58
C GLU A 102 1.92 -14.65 2.07
N SER A 103 2.96 -13.94 2.54
CA SER A 103 3.33 -13.91 3.95
C SER A 103 2.29 -13.19 4.83
N LEU A 104 1.64 -12.14 4.29
CA LEU A 104 0.66 -11.33 5.02
C LEU A 104 -0.78 -11.82 4.82
N VAL A 105 -1.07 -12.48 3.70
CA VAL A 105 -2.35 -13.15 3.44
C VAL A 105 -2.50 -14.46 4.24
N GLY A 106 -1.37 -15.09 4.61
CA GLY A 106 -1.28 -16.32 5.40
C GLY A 106 -1.05 -17.60 4.59
N GLU A 107 -0.99 -17.51 3.26
CA GLU A 107 -0.76 -18.64 2.34
C GLU A 107 0.72 -19.09 2.26
N GLY A 108 1.64 -18.42 2.97
CA GLY A 108 3.09 -18.71 3.00
C GLY A 108 3.50 -20.00 3.73
N MET A 1 -9.09 -0.54 -9.98
CA MET A 1 -9.25 0.03 -8.63
C MET A 1 -7.94 0.09 -7.83
N LYS A 2 -6.89 -0.59 -8.31
CA LYS A 2 -5.55 -0.61 -7.70
C LYS A 2 -4.59 0.46 -8.28
N THR A 3 -4.96 1.10 -9.40
CA THR A 3 -4.08 1.96 -10.22
C THR A 3 -4.05 3.43 -9.83
N ARG A 4 -5.14 3.96 -9.23
CA ARG A 4 -5.38 5.39 -9.05
C ARG A 4 -5.63 5.78 -7.59
N TYR A 5 -5.30 7.03 -7.25
CA TYR A 5 -5.12 7.52 -5.87
C TYR A 5 -6.29 8.34 -5.31
N SER A 6 -6.32 8.49 -3.97
CA SER A 6 -7.22 9.40 -3.27
C SER A 6 -6.48 10.32 -2.29
N ALA A 7 -6.79 11.62 -2.29
CA ALA A 7 -6.27 12.59 -1.33
C ALA A 7 -7.04 12.59 0.00
N GLU A 8 -8.28 12.11 -0.03
CA GLU A 8 -9.29 12.12 1.04
C GLU A 8 -9.06 11.03 2.11
N ALA A 9 -7.80 10.66 2.35
CA ALA A 9 -7.38 9.65 3.32
C ALA A 9 -7.74 10.03 4.78
N PRO A 10 -7.83 9.06 5.70
CA PRO A 10 -7.97 9.31 7.13
C PRO A 10 -6.67 9.83 7.75
N ALA A 11 -6.75 10.29 9.01
CA ALA A 11 -5.58 10.46 9.87
C ALA A 11 -5.09 9.09 10.40
N ARG A 12 -3.79 8.94 10.65
CA ARG A 12 -3.17 7.65 11.03
C ARG A 12 -3.64 7.11 12.41
N ASP A 13 -4.26 7.96 13.24
CA ASP A 13 -4.92 7.56 14.50
C ASP A 13 -6.38 7.11 14.31
N GLU A 14 -7.03 7.49 13.20
CA GLU A 14 -8.37 7.01 12.80
C GLU A 14 -8.28 5.77 11.90
N LEU A 15 -7.19 5.63 11.14
CA LEU A 15 -6.78 4.42 10.43
C LEU A 15 -6.62 3.23 11.39
N ASP A 16 -6.09 3.48 12.58
CA ASP A 16 -5.86 2.49 13.65
C ASP A 16 -7.18 1.83 14.13
N ARG A 17 -8.34 2.43 13.82
CA ARG A 17 -9.67 1.89 14.13
C ARG A 17 -10.08 0.77 13.17
N LEU A 18 -9.42 0.62 12.01
CA LEU A 18 -9.73 -0.48 11.06
C LEU A 18 -9.32 -1.87 11.60
N ALA A 19 -9.79 -2.96 10.98
CA ALA A 19 -9.51 -4.34 11.44
C ALA A 19 -9.11 -5.34 10.34
N GLY A 20 -9.45 -5.09 9.07
CA GLY A 20 -9.25 -6.05 7.97
C GLY A 20 -7.83 -6.04 7.38
N PRO A 21 -7.47 -7.05 6.57
CA PRO A 21 -6.21 -7.07 5.83
C PRO A 21 -6.22 -5.95 4.79
N THR A 22 -5.47 -4.88 5.08
CA THR A 22 -5.50 -3.62 4.33
C THR A 22 -4.08 -3.21 4.01
N LEU A 23 -3.73 -3.21 2.73
CA LEU A 23 -2.50 -2.60 2.26
C LEU A 23 -2.71 -1.09 2.13
N VAL A 24 -1.82 -0.29 2.70
CA VAL A 24 -1.85 1.18 2.62
C VAL A 24 -0.64 1.67 1.83
N GLU A 25 -0.88 2.24 0.65
CA GLU A 25 0.12 2.70 -0.31
C GLU A 25 0.19 4.22 -0.38
N PHE A 26 1.41 4.73 -0.38
CA PHE A 26 1.72 6.15 -0.53
C PHE A 26 2.33 6.42 -1.91
N GLY A 27 1.81 7.41 -2.63
CA GLY A 27 2.24 7.76 -3.98
C GLY A 27 1.36 8.80 -4.67
N THR A 28 1.51 8.94 -5.98
CA THR A 28 0.66 9.75 -6.88
C THR A 28 0.53 9.07 -8.24
N ASP A 29 -0.40 9.54 -9.08
CA ASP A 29 -0.65 8.99 -10.41
C ASP A 29 0.36 9.49 -11.45
N TRP A 30 1.30 10.37 -11.05
CA TRP A 30 2.17 11.14 -11.94
C TRP A 30 3.68 11.00 -11.67
N CYS A 31 4.12 10.48 -10.51
CA CYS A 31 5.55 10.26 -10.23
C CYS A 31 6.09 9.04 -11.00
N GLY A 32 7.28 9.14 -11.59
CA GLY A 32 7.96 8.06 -12.31
C GLY A 32 8.32 6.86 -11.42
N HIS A 33 8.58 7.09 -10.14
CA HIS A 33 8.81 6.05 -9.15
C HIS A 33 7.51 5.28 -8.84
N CYS A 34 6.36 5.95 -8.89
CA CYS A 34 5.02 5.35 -8.79
C CYS A 34 4.62 4.59 -10.06
N GLN A 35 4.97 5.06 -11.26
CA GLN A 35 4.57 4.42 -12.52
C GLN A 35 5.09 2.98 -12.64
N ALA A 36 6.18 2.68 -11.92
CA ALA A 36 6.81 1.37 -11.84
C ALA A 36 6.09 0.46 -10.83
N ALA A 37 5.60 1.01 -9.72
CA ALA A 37 4.90 0.26 -8.66
C ALA A 37 3.39 0.08 -8.92
N GLN A 38 2.74 1.04 -9.60
CA GLN A 38 1.31 0.99 -9.90
C GLN A 38 0.87 -0.28 -10.67
N PRO A 39 1.47 -0.65 -11.81
CA PRO A 39 1.13 -1.88 -12.51
C PRO A 39 1.67 -3.12 -11.78
N LEU A 40 2.62 -2.95 -10.86
CA LEU A 40 3.16 -4.05 -10.04
C LEU A 40 2.07 -4.55 -9.10
N LEU A 41 1.52 -3.64 -8.29
CA LEU A 41 0.45 -3.95 -7.32
C LEU A 41 -0.75 -4.52 -8.06
N ALA A 42 -1.14 -3.94 -9.19
CA ALA A 42 -2.24 -4.42 -10.02
C ALA A 42 -2.06 -5.88 -10.49
N GLU A 43 -0.84 -6.30 -10.78
CA GLU A 43 -0.52 -7.69 -11.15
C GLU A 43 -0.62 -8.64 -9.94
N VAL A 44 0.01 -8.31 -8.80
CA VAL A 44 -0.04 -9.17 -7.60
C VAL A 44 -1.46 -9.26 -7.01
N PHE A 45 -2.16 -8.14 -6.83
CA PHE A 45 -3.51 -8.07 -6.24
C PHE A 45 -4.56 -8.90 -7.00
N SER A 46 -4.34 -9.18 -8.28
CA SER A 46 -5.24 -10.01 -9.08
C SER A 46 -5.36 -11.46 -8.57
N ASP A 47 -4.39 -11.94 -7.76
CA ASP A 47 -4.44 -13.25 -7.09
C ASP A 47 -4.88 -13.16 -5.61
N TYR A 48 -5.01 -11.95 -5.06
CA TYR A 48 -5.37 -11.69 -3.64
C TYR A 48 -6.55 -10.69 -3.46
N PRO A 49 -7.71 -10.90 -4.13
CA PRO A 49 -8.82 -9.95 -4.13
C PRO A 49 -9.46 -9.71 -2.74
N GLU A 50 -9.19 -10.58 -1.74
CA GLU A 50 -9.65 -10.39 -0.36
C GLU A 50 -8.86 -9.32 0.43
N VAL A 51 -7.70 -8.88 -0.09
CA VAL A 51 -6.92 -7.76 0.48
C VAL A 51 -7.51 -6.44 -0.06
N GLY A 52 -7.61 -5.41 0.79
CA GLY A 52 -8.00 -4.04 0.41
C GLY A 52 -6.80 -3.16 0.11
N HIS A 53 -6.93 -2.15 -0.75
CA HIS A 53 -5.85 -1.19 -1.04
C HIS A 53 -6.28 0.27 -0.80
N LEU A 54 -5.68 0.94 0.18
CA LEU A 54 -5.82 2.39 0.39
C LEU A 54 -4.69 3.11 -0.36
N LYS A 55 -5.03 3.79 -1.46
CA LYS A 55 -4.07 4.58 -2.23
C LYS A 55 -4.08 6.03 -1.73
N VAL A 56 -3.06 6.43 -0.99
CA VAL A 56 -2.92 7.81 -0.48
C VAL A 56 -2.15 8.64 -1.48
N GLU A 57 -2.79 9.73 -1.92
CA GLU A 57 -2.23 10.76 -2.78
C GLU A 57 -1.25 11.64 -1.97
N ASP A 58 -0.11 11.04 -1.62
CA ASP A 58 0.73 11.43 -0.48
C ASP A 58 1.52 12.73 -0.69
N GLY A 59 1.61 13.18 -1.94
CA GLY A 59 2.21 14.46 -2.33
C GLY A 59 1.26 15.62 -1.99
N PRO A 60 0.16 15.81 -2.76
CA PRO A 60 -0.73 16.96 -2.63
C PRO A 60 -1.85 16.79 -1.59
N GLY A 61 -2.17 15.57 -1.15
CA GLY A 61 -3.26 15.27 -0.21
C GLY A 61 -2.87 15.44 1.27
N ARG A 62 -3.63 14.81 2.18
CA ARG A 62 -3.43 14.89 3.64
C ARG A 62 -2.01 14.44 4.06
N ARG A 63 -1.48 13.42 3.38
CA ARG A 63 -0.18 12.74 3.60
C ARG A 63 -0.29 11.77 4.78
N LEU A 64 0.22 10.54 4.59
CA LEU A 64 0.12 9.44 5.55
C LEU A 64 1.45 8.70 5.72
N GLY A 65 2.32 8.64 4.69
CA GLY A 65 3.66 8.04 4.77
C GLY A 65 4.59 8.72 5.79
N ARG A 66 4.32 9.99 6.09
CA ARG A 66 4.84 10.76 7.22
C ARG A 66 4.63 10.02 8.55
N SER A 67 3.38 9.66 8.87
CA SER A 67 2.96 9.06 10.15
C SER A 67 3.12 7.54 10.19
N PHE A 68 3.50 6.93 9.05
CA PHE A 68 4.11 5.60 8.95
C PHE A 68 5.63 5.63 8.99
N GLN A 69 6.27 6.80 9.01
CA GLN A 69 7.74 6.99 9.07
C GLN A 69 8.42 6.25 7.90
N VAL A 70 7.87 6.42 6.68
CA VAL A 70 8.31 5.78 5.43
C VAL A 70 9.74 6.18 5.05
N LYS A 71 10.52 5.19 4.57
CA LYS A 71 11.98 5.34 4.34
C LYS A 71 12.33 5.93 2.97
N LEU A 72 11.68 5.45 1.91
CA LEU A 72 11.75 5.95 0.53
C LEU A 72 10.54 6.89 0.29
N TRP A 73 9.66 6.53 -0.65
CA TRP A 73 8.33 7.15 -0.83
C TRP A 73 7.32 6.23 -1.54
N PRO A 74 7.62 5.61 -2.72
CA PRO A 74 6.77 4.58 -3.27
C PRO A 74 6.91 3.33 -2.38
N THR A 75 5.96 3.18 -1.46
CA THR A 75 6.03 2.29 -0.30
C THR A 75 4.62 1.94 0.10
N PHE A 76 4.41 0.71 0.55
CA PHE A 76 3.11 0.22 0.94
C PHE A 76 3.21 -0.70 2.17
N VAL A 77 2.43 -0.34 3.19
CA VAL A 77 2.44 -0.95 4.53
C VAL A 77 1.23 -1.87 4.68
N PHE A 78 1.48 -3.15 4.92
CA PHE A 78 0.45 -4.16 5.13
C PHE A 78 -0.05 -4.07 6.56
N LEU A 79 -1.31 -3.68 6.74
CA LEU A 79 -2.00 -3.74 8.03
C LEU A 79 -2.88 -4.98 8.11
N ARG A 80 -3.18 -5.35 9.35
CA ARG A 80 -4.18 -6.34 9.77
C ARG A 80 -4.46 -6.13 11.26
N ASP A 81 -5.73 -6.13 11.67
CA ASP A 81 -6.19 -5.66 13.00
C ASP A 81 -5.96 -4.15 13.21
N GLY A 82 -5.78 -3.39 12.11
CA GLY A 82 -5.44 -1.96 12.13
C GLY A 82 -3.98 -1.66 12.49
N ARG A 83 -3.11 -2.67 12.42
CA ARG A 83 -1.73 -2.65 12.91
C ARG A 83 -0.80 -3.24 11.83
N GLU A 84 0.36 -2.63 11.63
CA GLU A 84 1.37 -3.12 10.69
C GLU A 84 1.77 -4.57 11.00
N VAL A 85 1.58 -5.43 10.01
CA VAL A 85 2.09 -6.82 9.95
C VAL A 85 3.37 -6.93 9.12
N ALA A 86 3.57 -5.98 8.19
CA ALA A 86 4.74 -5.86 7.29
C ALA A 86 4.67 -4.57 6.49
N ARG A 87 5.69 -4.31 5.66
CA ARG A 87 5.66 -3.34 4.58
C ARG A 87 6.64 -3.74 3.48
N VAL A 88 6.36 -3.26 2.26
CA VAL A 88 7.23 -3.44 1.06
C VAL A 88 7.54 -2.05 0.49
N VAL A 89 8.75 -1.88 -0.03
CA VAL A 89 9.27 -0.63 -0.59
C VAL A 89 10.17 -0.93 -1.79
N ARG A 90 10.00 -0.15 -2.88
CA ARG A 90 10.75 -0.23 -4.13
C ARG A 90 10.70 -1.66 -4.75
N PRO A 91 9.53 -2.14 -5.22
CA PRO A 91 9.25 -3.57 -5.46
C PRO A 91 10.18 -4.25 -6.46
N GLY A 92 10.52 -3.60 -7.58
CA GLY A 92 11.47 -4.11 -8.59
C GLY A 92 10.87 -5.14 -9.54
N SER A 93 10.17 -6.16 -9.02
CA SER A 93 9.45 -7.17 -9.80
C SER A 93 8.39 -7.90 -8.98
N ALA A 94 7.38 -8.47 -9.66
CA ALA A 94 6.25 -9.18 -9.06
C ALA A 94 6.69 -10.33 -8.15
N SER A 95 7.81 -10.98 -8.43
CA SER A 95 8.36 -12.02 -7.56
C SER A 95 8.61 -11.55 -6.11
N VAL A 96 8.99 -10.29 -5.90
CA VAL A 96 9.23 -9.70 -4.57
C VAL A 96 7.91 -9.25 -3.93
N LEU A 97 7.01 -8.68 -4.73
CA LEU A 97 5.73 -8.18 -4.24
C LEU A 97 4.77 -9.33 -3.87
N GLU A 98 4.59 -10.31 -4.76
CA GLU A 98 3.83 -11.53 -4.52
C GLU A 98 4.33 -12.33 -3.30
N GLU A 99 5.65 -12.43 -3.12
CA GLU A 99 6.30 -13.08 -1.97
C GLU A 99 5.89 -12.48 -0.62
N ALA A 100 5.65 -11.17 -0.58
CA ALA A 100 5.11 -10.50 0.59
C ALA A 100 3.59 -10.70 0.67
N PHE A 101 2.84 -10.54 -0.43
CA PHE A 101 1.38 -10.66 -0.41
C PHE A 101 0.92 -12.01 0.15
N GLU A 102 1.48 -13.12 -0.35
CA GLU A 102 1.19 -14.47 0.17
C GLU A 102 1.51 -14.60 1.67
N SER A 103 2.56 -13.94 2.14
CA SER A 103 2.96 -14.00 3.54
C SER A 103 1.99 -13.23 4.47
N LEU A 104 1.35 -12.17 3.96
CA LEU A 104 0.45 -11.31 4.76
C LEU A 104 -1.04 -11.61 4.55
N VAL A 105 -1.42 -12.18 3.41
CA VAL A 105 -2.76 -12.71 3.16
C VAL A 105 -3.03 -13.98 3.99
N GLY A 106 -1.98 -14.74 4.30
CA GLY A 106 -2.04 -15.96 5.11
C GLY A 106 -2.04 -17.28 4.32
N GLU A 107 -1.81 -17.21 2.99
CA GLU A 107 -1.66 -18.38 2.12
C GLU A 107 -0.24 -18.98 2.17
N GLY A 108 0.76 -18.14 2.51
CA GLY A 108 2.17 -18.50 2.56
C GLY A 108 2.61 -19.04 3.92
N MET A 1 -5.32 3.61 -16.72
CA MET A 1 -6.45 4.51 -17.00
C MET A 1 -7.62 4.31 -16.01
N LYS A 2 -7.79 3.07 -15.52
CA LYS A 2 -8.87 2.71 -14.57
C LYS A 2 -8.57 3.17 -13.13
N THR A 3 -7.32 3.07 -12.68
CA THR A 3 -6.88 3.33 -11.30
C THR A 3 -6.66 4.82 -11.05
N ARG A 4 -6.95 5.26 -9.81
CA ARG A 4 -6.60 6.59 -9.28
C ARG A 4 -6.45 6.55 -7.76
N TYR A 5 -5.64 7.46 -7.23
CA TYR A 5 -5.31 7.59 -5.80
C TYR A 5 -6.29 8.47 -5.01
N SER A 6 -6.35 8.29 -3.69
CA SER A 6 -7.19 9.06 -2.78
C SER A 6 -6.45 10.18 -2.05
N ALA A 7 -6.84 11.44 -2.29
CA ALA A 7 -6.55 12.57 -1.40
C ALA A 7 -7.43 12.53 -0.14
N GLU A 8 -8.63 11.93 -0.28
CA GLU A 8 -9.66 11.71 0.74
C GLU A 8 -9.32 10.60 1.76
N ALA A 9 -8.03 10.30 1.95
CA ALA A 9 -7.55 9.32 2.91
C ALA A 9 -7.82 9.75 4.38
N PRO A 10 -7.92 8.79 5.32
CA PRO A 10 -8.15 9.04 6.73
C PRO A 10 -6.94 9.67 7.43
N ALA A 11 -7.18 10.23 8.63
CA ALA A 11 -6.12 10.52 9.60
C ALA A 11 -5.66 9.20 10.28
N ARG A 12 -4.42 9.15 10.79
CA ARG A 12 -3.86 7.89 11.31
C ARG A 12 -4.63 7.33 12.51
N ASP A 13 -5.23 8.19 13.33
CA ASP A 13 -6.10 7.80 14.46
C ASP A 13 -7.45 7.25 13.99
N GLU A 14 -7.99 7.77 12.88
CA GLU A 14 -9.24 7.29 12.28
C GLU A 14 -9.03 5.94 11.56
N LEU A 15 -7.85 5.74 10.96
CA LEU A 15 -7.39 4.49 10.35
C LEU A 15 -7.16 3.42 11.41
N ASP A 16 -6.71 3.78 12.60
CA ASP A 16 -6.39 2.85 13.71
C ASP A 16 -7.56 1.97 14.15
N ARG A 17 -8.79 2.46 13.88
CA ARG A 17 -10.05 1.78 14.17
C ARG A 17 -10.36 0.64 13.17
N LEU A 18 -9.64 0.54 12.04
CA LEU A 18 -9.82 -0.61 11.12
C LEU A 18 -9.38 -1.94 11.75
N ALA A 19 -9.90 -3.07 11.23
CA ALA A 19 -9.65 -4.41 11.77
C ALA A 19 -9.80 -5.52 10.71
N GLY A 20 -8.85 -5.56 9.77
CA GLY A 20 -8.71 -6.63 8.76
C GLY A 20 -7.48 -6.45 7.87
N PRO A 21 -7.10 -7.46 7.05
CA PRO A 21 -5.96 -7.37 6.12
C PRO A 21 -6.13 -6.20 5.15
N THR A 22 -5.30 -5.17 5.31
CA THR A 22 -5.36 -3.91 4.56
C THR A 22 -3.95 -3.46 4.20
N LEU A 23 -3.64 -3.39 2.91
CA LEU A 23 -2.42 -2.76 2.42
C LEU A 23 -2.66 -1.26 2.23
N VAL A 24 -1.80 -0.43 2.82
CA VAL A 24 -1.85 1.04 2.69
C VAL A 24 -0.67 1.50 1.82
N GLU A 25 -0.97 1.99 0.63
CA GLU A 25 -0.02 2.36 -0.43
C GLU A 25 0.12 3.87 -0.56
N PHE A 26 1.36 4.36 -0.56
CA PHE A 26 1.71 5.79 -0.63
C PHE A 26 2.32 6.14 -2.00
N GLY A 27 1.91 7.28 -2.55
CA GLY A 27 2.31 7.76 -3.86
C GLY A 27 1.30 8.74 -4.46
N THR A 28 1.15 8.76 -5.79
CA THR A 28 0.10 9.47 -6.55
C THR A 28 -0.32 8.63 -7.75
N ASP A 29 -1.32 9.09 -8.50
CA ASP A 29 -1.75 8.40 -9.74
C ASP A 29 -0.83 8.70 -10.93
N TRP A 30 0.11 9.64 -10.77
CA TRP A 30 0.83 10.28 -11.87
C TRP A 30 2.37 10.22 -11.81
N CYS A 31 3.00 9.92 -10.66
CA CYS A 31 4.46 9.79 -10.58
C CYS A 31 4.98 8.57 -11.37
N GLY A 32 6.17 8.69 -11.96
CA GLY A 32 6.85 7.63 -12.73
C GLY A 32 7.22 6.41 -11.89
N HIS A 33 7.50 6.60 -10.59
CA HIS A 33 7.62 5.49 -9.64
C HIS A 33 6.28 4.73 -9.52
N CYS A 34 5.18 5.46 -9.37
CA CYS A 34 3.84 4.87 -9.31
C CYS A 34 3.45 4.15 -10.61
N GLN A 35 3.83 4.67 -11.78
CA GLN A 35 3.46 4.02 -13.06
C GLN A 35 4.13 2.64 -13.21
N ALA A 36 5.22 2.40 -12.50
CA ALA A 36 5.92 1.12 -12.41
C ALA A 36 5.35 0.21 -11.30
N ALA A 37 5.01 0.77 -10.13
CA ALA A 37 4.51 0.00 -8.99
C ALA A 37 3.01 -0.34 -9.10
N GLN A 38 2.21 0.50 -9.76
CA GLN A 38 0.78 0.27 -10.00
C GLN A 38 0.50 -1.07 -10.72
N PRO A 39 1.06 -1.34 -11.92
CA PRO A 39 0.87 -2.62 -12.61
C PRO A 39 1.56 -3.78 -11.87
N LEU A 40 2.53 -3.49 -10.98
CA LEU A 40 3.15 -4.48 -10.09
C LEU A 40 2.09 -4.99 -9.13
N LEU A 41 1.48 -4.08 -8.35
CA LEU A 41 0.43 -4.38 -7.40
C LEU A 41 -0.72 -5.07 -8.11
N ALA A 42 -1.15 -4.56 -9.26
CA ALA A 42 -2.22 -5.16 -10.08
C ALA A 42 -1.95 -6.64 -10.44
N GLU A 43 -0.70 -7.01 -10.73
CA GLU A 43 -0.32 -8.39 -11.05
C GLU A 43 -0.35 -9.29 -9.81
N VAL A 44 0.21 -8.85 -8.67
CA VAL A 44 0.17 -9.62 -7.42
C VAL A 44 -1.26 -9.75 -6.86
N PHE A 45 -2.01 -8.65 -6.76
CA PHE A 45 -3.36 -8.58 -6.17
C PHE A 45 -4.39 -9.46 -6.88
N SER A 46 -4.17 -9.80 -8.14
CA SER A 46 -5.04 -10.70 -8.91
C SER A 46 -5.14 -12.12 -8.30
N ASP A 47 -4.19 -12.51 -7.42
CA ASP A 47 -4.21 -13.79 -6.69
C ASP A 47 -4.62 -13.65 -5.20
N TYR A 48 -4.77 -12.42 -4.69
CA TYR A 48 -5.12 -12.11 -3.28
C TYR A 48 -6.30 -11.10 -3.11
N PRO A 49 -7.42 -11.24 -3.85
CA PRO A 49 -8.51 -10.25 -3.86
C PRO A 49 -9.24 -10.07 -2.51
N GLU A 50 -9.06 -10.98 -1.54
CA GLU A 50 -9.59 -10.85 -0.18
C GLU A 50 -8.83 -9.83 0.69
N VAL A 51 -7.63 -9.39 0.28
CA VAL A 51 -6.89 -8.31 0.96
C VAL A 51 -7.46 -6.94 0.51
N GLY A 52 -7.50 -5.94 1.40
CA GLY A 52 -7.92 -4.57 1.07
C GLY A 52 -6.76 -3.71 0.59
N HIS A 53 -7.02 -2.67 -0.21
CA HIS A 53 -5.97 -1.72 -0.68
C HIS A 53 -6.43 -0.27 -0.60
N LEU A 54 -5.67 0.58 0.09
CA LEU A 54 -5.90 2.02 0.23
C LEU A 54 -4.78 2.77 -0.51
N LYS A 55 -5.12 3.44 -1.62
CA LYS A 55 -4.18 4.31 -2.34
C LYS A 55 -4.14 5.71 -1.72
N VAL A 56 -3.12 6.04 -0.95
CA VAL A 56 -2.93 7.33 -0.26
C VAL A 56 -2.11 8.27 -1.12
N GLU A 57 -2.75 9.37 -1.51
CA GLU A 57 -2.11 10.45 -2.22
C GLU A 57 -1.18 11.22 -1.27
N ASP A 58 0.08 11.43 -1.66
CA ASP A 58 1.09 12.20 -0.93
C ASP A 58 1.59 13.41 -1.75
N GLY A 59 1.88 14.53 -1.07
CA GLY A 59 2.34 15.78 -1.68
C GLY A 59 3.38 16.54 -0.83
N PRO A 60 3.66 17.83 -1.15
CA PRO A 60 4.59 18.66 -0.39
C PRO A 60 4.05 19.05 1.00
N GLY A 61 2.73 19.09 1.17
CA GLY A 61 2.06 19.21 2.47
C GLY A 61 1.87 17.84 3.14
N ARG A 62 2.02 17.78 4.47
CA ARG A 62 1.95 16.55 5.26
C ARG A 62 0.60 15.83 5.16
N ARG A 63 0.63 14.49 5.25
CA ARG A 63 -0.52 13.57 5.28
C ARG A 63 -0.06 12.22 5.85
N LEU A 64 -0.95 11.23 5.88
CA LEU A 64 -0.84 9.90 6.48
C LEU A 64 0.54 9.20 6.33
N GLY A 65 1.23 9.31 5.19
CA GLY A 65 2.54 8.67 4.96
C GLY A 65 3.66 9.14 5.91
N ARG A 66 3.56 10.38 6.43
CA ARG A 66 4.44 10.89 7.47
C ARG A 66 4.18 10.22 8.82
N SER A 67 2.90 9.97 9.15
CA SER A 67 2.47 9.28 10.37
C SER A 67 2.73 7.76 10.32
N PHE A 68 2.91 7.20 9.12
CA PHE A 68 3.44 5.85 8.90
C PHE A 68 4.98 5.80 8.95
N GLN A 69 5.65 6.94 8.87
CA GLN A 69 7.11 7.08 8.80
C GLN A 69 7.68 6.38 7.55
N VAL A 70 7.04 6.56 6.39
CA VAL A 70 7.41 5.95 5.09
C VAL A 70 8.90 6.17 4.74
N LYS A 71 9.56 5.11 4.26
CA LYS A 71 10.99 5.08 3.88
C LYS A 71 11.23 5.80 2.52
N LEU A 72 11.42 5.04 1.43
CA LEU A 72 11.35 5.57 0.07
C LEU A 72 9.88 5.90 -0.24
N TRP A 73 9.65 6.91 -1.07
CA TRP A 73 8.31 7.43 -1.31
C TRP A 73 7.31 6.40 -1.89
N PRO A 74 7.65 5.57 -2.90
CA PRO A 74 6.80 4.48 -3.32
C PRO A 74 6.96 3.28 -2.36
N THR A 75 6.09 3.24 -1.34
CA THR A 75 6.07 2.22 -0.28
C THR A 75 4.62 1.86 0.02
N PHE A 76 4.41 0.62 0.45
CA PHE A 76 3.12 0.12 0.88
C PHE A 76 3.27 -0.75 2.13
N VAL A 77 2.45 -0.44 3.14
CA VAL A 77 2.53 -1.00 4.51
C VAL A 77 1.33 -1.93 4.73
N PHE A 78 1.61 -3.20 5.05
CA PHE A 78 0.61 -4.23 5.25
C PHE A 78 0.14 -4.19 6.71
N LEU A 79 -1.14 -3.88 6.92
CA LEU A 79 -1.80 -3.85 8.22
C LEU A 79 -2.76 -5.04 8.37
N ARG A 80 -3.01 -5.43 9.62
CA ARG A 80 -3.95 -6.47 10.03
C ARG A 80 -4.30 -6.25 11.51
N ASP A 81 -5.61 -6.25 11.83
CA ASP A 81 -6.16 -5.88 13.14
C ASP A 81 -5.82 -4.41 13.55
N GLY A 82 -5.53 -3.56 12.56
CA GLY A 82 -5.12 -2.15 12.74
C GLY A 82 -3.63 -1.95 13.03
N ARG A 83 -2.86 -3.04 13.21
CA ARG A 83 -1.41 -3.05 13.48
C ARG A 83 -0.65 -3.41 12.20
N GLU A 84 0.50 -2.77 11.98
CA GLU A 84 1.43 -3.12 10.90
C GLU A 84 1.98 -4.54 11.14
N VAL A 85 1.78 -5.42 10.16
CA VAL A 85 2.36 -6.77 10.12
C VAL A 85 3.63 -6.83 9.27
N ALA A 86 3.81 -5.89 8.34
CA ALA A 86 4.93 -5.78 7.40
C ALA A 86 4.85 -4.48 6.59
N ARG A 87 5.85 -4.25 5.74
CA ARG A 87 5.81 -3.29 4.65
C ARG A 87 6.76 -3.70 3.52
N VAL A 88 6.46 -3.24 2.31
CA VAL A 88 7.34 -3.40 1.13
C VAL A 88 7.67 -2.01 0.61
N VAL A 89 8.97 -1.74 0.49
CA VAL A 89 9.55 -0.50 -0.07
C VAL A 89 10.09 -0.82 -1.46
N ARG A 90 9.86 0.06 -2.45
CA ARG A 90 10.39 0.01 -3.81
C ARG A 90 10.41 -1.41 -4.44
N PRO A 91 9.28 -1.91 -4.99
CA PRO A 91 9.16 -3.27 -5.51
C PRO A 91 10.13 -3.49 -6.69
N GLY A 92 10.92 -4.58 -6.63
CA GLY A 92 11.92 -4.92 -7.65
C GLY A 92 11.36 -5.73 -8.83
N SER A 93 10.37 -6.58 -8.56
CA SER A 93 9.63 -7.42 -9.52
C SER A 93 8.47 -8.11 -8.79
N ALA A 94 7.51 -8.66 -9.54
CA ALA A 94 6.34 -9.37 -9.00
C ALA A 94 6.75 -10.52 -8.07
N SER A 95 7.86 -11.20 -8.33
CA SER A 95 8.42 -12.22 -7.43
C SER A 95 8.67 -11.70 -6.00
N VAL A 96 9.10 -10.44 -5.84
CA VAL A 96 9.36 -9.79 -4.55
C VAL A 96 8.06 -9.32 -3.89
N LEU A 97 7.14 -8.75 -4.69
CA LEU A 97 5.85 -8.26 -4.20
C LEU A 97 4.92 -9.41 -3.78
N GLU A 98 4.76 -10.42 -4.63
CA GLU A 98 4.03 -11.66 -4.33
C GLU A 98 4.56 -12.40 -3.11
N GLU A 99 5.89 -12.49 -2.94
CA GLU A 99 6.55 -13.11 -1.78
C GLU A 99 6.14 -12.46 -0.45
N ALA A 100 5.92 -11.15 -0.45
CA ALA A 100 5.37 -10.46 0.72
C ALA A 100 3.87 -10.72 0.86
N PHE A 101 3.08 -10.60 -0.23
CA PHE A 101 1.64 -10.77 -0.17
C PHE A 101 1.25 -12.13 0.42
N GLU A 102 1.84 -13.22 -0.09
CA GLU A 102 1.60 -14.57 0.45
C GLU A 102 2.02 -14.73 1.91
N SER A 103 3.07 -14.02 2.34
CA SER A 103 3.52 -14.04 3.74
C SER A 103 2.50 -13.38 4.69
N LEU A 104 1.79 -12.34 4.23
CA LEU A 104 0.83 -11.59 5.05
C LEU A 104 -0.62 -12.10 4.91
N VAL A 105 -0.95 -12.72 3.78
CA VAL A 105 -2.24 -13.41 3.57
C VAL A 105 -2.31 -14.74 4.32
N GLY A 106 -1.17 -15.40 4.54
CA GLY A 106 -1.02 -16.69 5.23
C GLY A 106 -0.69 -17.88 4.32
N GLU A 107 -0.83 -17.72 2.99
CA GLU A 107 -0.49 -18.72 1.98
C GLU A 107 0.98 -19.21 2.07
N GLY A 108 1.89 -18.36 2.55
CA GLY A 108 3.30 -18.70 2.77
C GLY A 108 3.55 -19.75 3.86
N MET A 1 -7.74 -1.07 -9.48
CA MET A 1 -6.38 -0.57 -9.77
C MET A 1 -6.31 0.28 -11.04
N LYS A 2 -7.31 0.18 -11.93
CA LYS A 2 -7.52 1.12 -13.04
C LYS A 2 -8.07 2.48 -12.54
N THR A 3 -8.73 2.48 -11.38
CA THR A 3 -9.22 3.66 -10.64
C THR A 3 -8.03 4.42 -10.03
N ARG A 4 -8.11 5.76 -10.04
CA ARG A 4 -7.04 6.67 -9.61
C ARG A 4 -6.78 6.62 -8.09
N TYR A 5 -5.67 7.24 -7.67
CA TYR A 5 -5.38 7.59 -6.27
C TYR A 5 -6.44 8.55 -5.65
N SER A 6 -6.47 8.66 -4.32
CA SER A 6 -7.42 9.54 -3.62
C SER A 6 -6.82 10.32 -2.44
N ALA A 7 -7.22 11.59 -2.30
CA ALA A 7 -6.91 12.45 -1.16
C ALA A 7 -7.86 12.24 0.04
N GLU A 8 -8.93 11.47 -0.14
CA GLU A 8 -10.02 11.29 0.84
C GLU A 8 -9.73 10.19 1.89
N ALA A 9 -8.45 9.83 2.04
CA ALA A 9 -7.98 8.84 3.02
C ALA A 9 -8.17 9.29 4.49
N PRO A 10 -8.28 8.32 5.42
CA PRO A 10 -8.34 8.57 6.86
C PRO A 10 -7.00 9.02 7.45
N ALA A 11 -7.05 9.54 8.68
CA ALA A 11 -5.87 9.69 9.54
C ALA A 11 -5.48 8.33 10.14
N ARG A 12 -4.21 8.13 10.51
CA ARG A 12 -3.72 6.82 10.98
C ARG A 12 -4.44 6.35 12.26
N ASP A 13 -4.74 7.27 13.16
CA ASP A 13 -5.51 7.03 14.40
C ASP A 13 -6.99 6.67 14.17
N GLU A 14 -7.56 6.98 12.99
CA GLU A 14 -8.90 6.56 12.58
C GLU A 14 -8.85 5.23 11.81
N LEU A 15 -7.82 5.03 10.99
CA LEU A 15 -7.51 3.79 10.29
C LEU A 15 -7.15 2.66 11.26
N ASP A 16 -6.57 2.96 12.42
CA ASP A 16 -6.29 2.04 13.53
C ASP A 16 -7.54 1.27 14.02
N ARG A 17 -8.73 1.83 13.79
CA ARG A 17 -10.01 1.24 14.17
C ARG A 17 -10.48 0.15 13.18
N LEU A 18 -9.85 0.01 12.00
CA LEU A 18 -10.24 -1.01 11.00
C LEU A 18 -10.03 -2.46 11.50
N ALA A 19 -10.59 -3.40 10.75
CA ALA A 19 -10.30 -4.82 10.88
C ALA A 19 -10.35 -5.54 9.50
N GLY A 20 -9.45 -6.51 9.32
CA GLY A 20 -9.22 -7.27 8.08
C GLY A 20 -7.93 -6.85 7.37
N PRO A 21 -7.39 -7.67 6.44
CA PRO A 21 -6.14 -7.39 5.76
C PRO A 21 -6.32 -6.25 4.75
N THR A 22 -5.53 -5.19 4.91
CA THR A 22 -5.60 -3.97 4.10
C THR A 22 -4.20 -3.45 3.84
N LEU A 23 -3.86 -3.22 2.58
CA LEU A 23 -2.61 -2.55 2.19
C LEU A 23 -2.85 -1.05 2.00
N VAL A 24 -2.00 -0.22 2.61
CA VAL A 24 -2.07 1.25 2.51
C VAL A 24 -0.87 1.76 1.72
N GLU A 25 -1.12 2.31 0.54
CA GLU A 25 -0.13 2.72 -0.45
C GLU A 25 -0.05 4.25 -0.57
N PHE A 26 1.17 4.80 -0.46
CA PHE A 26 1.46 6.22 -0.58
C PHE A 26 2.07 6.54 -1.96
N GLY A 27 1.65 7.66 -2.54
CA GLY A 27 2.06 8.12 -3.87
C GLY A 27 1.05 9.07 -4.48
N THR A 28 1.01 9.11 -5.81
CA THR A 28 0.01 9.84 -6.62
C THR A 28 -0.31 9.01 -7.87
N ASP A 29 -1.23 9.47 -8.72
CA ASP A 29 -1.54 8.80 -9.99
C ASP A 29 -0.58 9.21 -11.12
N TRP A 30 0.35 10.14 -10.85
CA TRP A 30 1.14 10.85 -11.87
C TRP A 30 2.67 10.79 -11.70
N CYS A 31 3.21 10.35 -10.55
CA CYS A 31 4.66 10.15 -10.38
C CYS A 31 5.16 8.95 -11.21
N GLY A 32 6.37 9.05 -11.77
CA GLY A 32 7.05 7.99 -12.52
C GLY A 32 7.43 6.77 -11.67
N HIS A 33 7.57 6.92 -10.35
CA HIS A 33 7.63 5.77 -9.44
C HIS A 33 6.30 5.01 -9.42
N CYS A 34 5.19 5.73 -9.28
CA CYS A 34 3.85 5.16 -9.27
C CYS A 34 3.49 4.44 -10.56
N GLN A 35 3.92 4.96 -11.72
CA GLN A 35 3.59 4.33 -13.00
C GLN A 35 4.18 2.91 -13.13
N ALA A 36 5.25 2.64 -12.38
CA ALA A 36 5.92 1.34 -12.31
C ALA A 36 5.35 0.45 -11.20
N ALA A 37 4.98 1.01 -10.04
CA ALA A 37 4.43 0.25 -8.92
C ALA A 37 2.94 -0.07 -9.06
N GLN A 38 2.16 0.78 -9.72
CA GLN A 38 0.73 0.54 -9.99
C GLN A 38 0.44 -0.82 -10.65
N PRO A 39 1.04 -1.15 -11.83
CA PRO A 39 0.84 -2.45 -12.46
C PRO A 39 1.49 -3.59 -11.66
N LEU A 40 2.48 -3.30 -10.82
CA LEU A 40 3.14 -4.27 -9.94
C LEU A 40 2.14 -4.81 -8.93
N LEU A 41 1.53 -3.90 -8.16
CA LEU A 41 0.51 -4.21 -7.16
C LEU A 41 -0.69 -4.86 -7.85
N ALA A 42 -1.13 -4.33 -9.01
CA ALA A 42 -2.27 -4.87 -9.74
C ALA A 42 -2.07 -6.33 -10.18
N GLU A 43 -0.85 -6.71 -10.56
CA GLU A 43 -0.51 -8.10 -10.88
C GLU A 43 -0.50 -9.00 -9.63
N VAL A 44 0.04 -8.51 -8.51
CA VAL A 44 0.13 -9.27 -7.24
C VAL A 44 -1.26 -9.50 -6.64
N PHE A 45 -2.05 -8.41 -6.51
CA PHE A 45 -3.44 -8.42 -6.04
C PHE A 45 -4.35 -9.31 -6.89
N SER A 46 -3.91 -9.69 -8.10
CA SER A 46 -4.67 -10.62 -8.94
C SER A 46 -4.81 -12.02 -8.30
N ASP A 47 -3.87 -12.42 -7.43
CA ASP A 47 -3.90 -13.69 -6.68
C ASP A 47 -4.42 -13.54 -5.24
N TYR A 48 -4.55 -12.31 -4.72
CA TYR A 48 -4.98 -12.01 -3.34
C TYR A 48 -6.18 -11.02 -3.26
N PRO A 49 -7.28 -11.23 -4.02
CA PRO A 49 -8.41 -10.30 -4.07
C PRO A 49 -9.13 -10.11 -2.73
N GLU A 50 -8.95 -11.02 -1.76
CA GLU A 50 -9.46 -10.89 -0.39
C GLU A 50 -8.78 -9.77 0.43
N VAL A 51 -7.63 -9.25 -0.01
CA VAL A 51 -6.94 -8.10 0.59
C VAL A 51 -7.46 -6.80 -0.05
N GLY A 52 -7.65 -5.75 0.74
CA GLY A 52 -8.04 -4.41 0.28
C GLY A 52 -6.83 -3.52 -0.04
N HIS A 53 -6.98 -2.50 -0.89
CA HIS A 53 -5.92 -1.52 -1.21
C HIS A 53 -6.42 -0.08 -1.06
N LEU A 54 -5.66 0.76 -0.34
CA LEU A 54 -5.95 2.18 -0.11
C LEU A 54 -4.88 3.02 -0.83
N LYS A 55 -5.23 3.71 -1.91
CA LYS A 55 -4.32 4.57 -2.67
C LYS A 55 -4.33 6.01 -2.11
N VAL A 56 -3.37 6.34 -1.26
CA VAL A 56 -3.30 7.61 -0.54
C VAL A 56 -2.54 8.66 -1.35
N GLU A 57 -3.21 9.74 -1.75
CA GLU A 57 -2.57 10.92 -2.34
C GLU A 57 -1.64 11.59 -1.32
N ASP A 58 -0.34 11.42 -1.49
CA ASP A 58 0.74 12.12 -0.80
C ASP A 58 1.37 13.17 -1.75
N GLY A 59 2.57 13.69 -1.47
CA GLY A 59 3.25 14.66 -2.32
C GLY A 59 4.54 15.26 -1.73
N PRO A 60 5.07 16.36 -2.32
CA PRO A 60 6.25 17.08 -1.83
C PRO A 60 6.09 17.50 -0.37
N GLY A 61 4.91 18.01 0.00
CA GLY A 61 4.46 18.11 1.40
C GLY A 61 3.81 16.78 1.80
N ARG A 62 4.49 16.03 2.67
CA ARG A 62 4.08 14.70 3.10
C ARG A 62 2.79 14.72 3.94
N ARG A 63 1.96 13.67 3.79
CA ARG A 63 0.75 13.42 4.59
C ARG A 63 0.89 12.08 5.33
N LEU A 64 -0.02 11.12 5.14
CA LEU A 64 -0.15 9.88 5.93
C LEU A 64 1.16 9.09 6.04
N GLY A 65 1.97 9.01 4.98
CA GLY A 65 3.26 8.30 4.99
C GLY A 65 4.30 8.84 5.98
N ARG A 66 4.18 10.13 6.39
CA ARG A 66 4.97 10.68 7.49
C ARG A 66 4.56 10.11 8.85
N SER A 67 3.28 9.88 9.08
CA SER A 67 2.73 9.30 10.32
C SER A 67 2.93 7.79 10.40
N PHE A 68 3.23 7.14 9.26
CA PHE A 68 3.81 5.80 9.20
C PHE A 68 5.34 5.80 9.26
N GLN A 69 5.99 6.97 9.18
CA GLN A 69 7.43 7.18 9.20
C GLN A 69 8.12 6.42 8.04
N VAL A 70 7.57 6.58 6.83
CA VAL A 70 8.09 5.99 5.58
C VAL A 70 9.46 6.58 5.22
N LYS A 71 10.39 5.72 4.77
CA LYS A 71 11.79 6.10 4.44
C LYS A 71 11.96 6.67 3.02
N LEU A 72 11.37 6.02 2.02
CA LEU A 72 11.39 6.47 0.60
C LEU A 72 10.13 7.33 0.34
N TRP A 73 9.33 6.97 -0.66
CA TRP A 73 8.00 7.54 -0.91
C TRP A 73 7.04 6.55 -1.58
N PRO A 74 7.40 5.85 -2.69
CA PRO A 74 6.60 4.75 -3.20
C PRO A 74 6.76 3.55 -2.25
N THR A 75 5.83 3.43 -1.31
CA THR A 75 5.87 2.53 -0.16
C THR A 75 4.45 2.16 0.21
N PHE A 76 4.25 0.91 0.62
CA PHE A 76 2.94 0.39 0.99
C PHE A 76 3.05 -0.48 2.26
N VAL A 77 2.24 -0.13 3.25
CA VAL A 77 2.21 -0.72 4.59
C VAL A 77 1.04 -1.70 4.69
N PHE A 78 1.34 -2.96 5.01
CA PHE A 78 0.34 -4.02 5.21
C PHE A 78 -0.19 -3.94 6.63
N LEU A 79 -1.49 -3.68 6.74
CA LEU A 79 -2.24 -3.68 7.99
C LEU A 79 -3.07 -4.96 8.10
N ARG A 80 -3.38 -5.32 9.33
CA ARG A 80 -4.31 -6.39 9.72
C ARG A 80 -4.74 -6.19 11.18
N ASP A 81 -6.04 -6.27 11.44
CA ASP A 81 -6.67 -5.97 12.75
C ASP A 81 -6.43 -4.51 13.22
N GLY A 82 -6.20 -3.60 12.26
CA GLY A 82 -5.87 -2.19 12.51
C GLY A 82 -4.41 -1.92 12.91
N ARG A 83 -3.56 -2.95 12.89
CA ARG A 83 -2.15 -2.91 13.26
C ARG A 83 -1.28 -3.18 12.03
N GLU A 84 -0.13 -2.51 11.89
CA GLU A 84 0.86 -2.88 10.89
C GLU A 84 1.37 -4.30 11.17
N VAL A 85 1.33 -5.15 10.13
CA VAL A 85 1.93 -6.50 10.12
C VAL A 85 3.24 -6.54 9.34
N ALA A 86 3.42 -5.60 8.40
CA ALA A 86 4.60 -5.46 7.53
C ALA A 86 4.52 -4.19 6.70
N ARG A 87 5.54 -3.96 5.87
CA ARG A 87 5.50 -3.01 4.76
C ARG A 87 6.55 -3.36 3.70
N VAL A 88 6.30 -2.92 2.47
CA VAL A 88 7.20 -3.10 1.31
C VAL A 88 7.45 -1.74 0.65
N VAL A 89 8.66 -1.54 0.13
CA VAL A 89 9.14 -0.30 -0.49
C VAL A 89 9.99 -0.63 -1.73
N ARG A 90 9.88 0.21 -2.77
CA ARG A 90 10.59 0.13 -4.04
C ARG A 90 10.60 -1.31 -4.65
N PRO A 91 9.46 -1.84 -5.11
CA PRO A 91 9.24 -3.29 -5.34
C PRO A 91 10.12 -3.91 -6.42
N GLY A 92 10.30 -3.25 -7.58
CA GLY A 92 11.16 -3.73 -8.69
C GLY A 92 10.50 -4.81 -9.56
N SER A 93 10.06 -5.92 -8.96
CA SER A 93 9.55 -7.10 -9.68
C SER A 93 8.47 -7.83 -8.85
N ALA A 94 7.42 -8.35 -9.51
CA ALA A 94 6.29 -9.06 -8.89
C ALA A 94 6.77 -10.18 -7.95
N SER A 95 7.87 -10.85 -8.26
CA SER A 95 8.47 -11.90 -7.41
C SER A 95 8.80 -11.41 -5.97
N VAL A 96 9.15 -10.12 -5.79
CA VAL A 96 9.47 -9.55 -4.47
C VAL A 96 8.20 -9.04 -3.77
N LEU A 97 7.27 -8.47 -4.53
CA LEU A 97 5.99 -7.96 -4.01
C LEU A 97 5.06 -9.12 -3.62
N GLU A 98 4.90 -10.12 -4.48
CA GLU A 98 4.09 -11.31 -4.21
C GLU A 98 4.61 -12.10 -2.99
N GLU A 99 5.94 -12.19 -2.83
CA GLU A 99 6.60 -12.85 -1.68
C GLU A 99 6.19 -12.21 -0.34
N ALA A 100 6.01 -10.89 -0.31
CA ALA A 100 5.46 -10.23 0.85
C ALA A 100 3.94 -10.47 0.96
N PHE A 101 3.18 -10.37 -0.13
CA PHE A 101 1.73 -10.53 -0.10
C PHE A 101 1.31 -11.89 0.48
N GLU A 102 1.89 -12.98 -0.03
CA GLU A 102 1.65 -14.33 0.49
C GLU A 102 2.03 -14.48 1.97
N SER A 103 3.05 -13.77 2.43
CA SER A 103 3.44 -13.75 3.84
C SER A 103 2.42 -13.05 4.75
N LEU A 104 1.70 -12.04 4.22
CA LEU A 104 0.73 -11.24 5.00
C LEU A 104 -0.73 -11.68 4.82
N VAL A 105 -1.05 -12.30 3.68
CA VAL A 105 -2.35 -12.95 3.44
C VAL A 105 -2.49 -14.23 4.29
N GLY A 106 -1.36 -14.87 4.63
CA GLY A 106 -1.27 -16.08 5.46
C GLY A 106 -0.96 -17.37 4.68
N GLU A 107 -0.97 -17.31 3.34
CA GLU A 107 -0.69 -18.46 2.46
C GLU A 107 0.76 -18.94 2.55
N GLY A 108 1.69 -18.07 2.96
CA GLY A 108 3.11 -18.41 3.20
C GLY A 108 3.44 -18.84 4.64
N MET A 1 -7.66 -2.70 -9.28
CA MET A 1 -6.87 -1.73 -8.54
C MET A 1 -6.26 -0.62 -9.44
N LYS A 2 -6.47 -0.69 -10.76
CA LYS A 2 -5.82 0.17 -11.77
C LYS A 2 -6.23 1.68 -11.76
N THR A 3 -7.25 2.06 -10.99
CA THR A 3 -7.77 3.43 -10.87
C THR A 3 -6.81 4.38 -10.15
N ARG A 4 -7.02 5.69 -10.30
CA ARG A 4 -6.18 6.75 -9.75
C ARG A 4 -6.15 6.81 -8.20
N TYR A 5 -5.14 7.50 -7.67
CA TYR A 5 -4.95 7.78 -6.23
C TYR A 5 -6.01 8.73 -5.63
N SER A 6 -6.09 8.79 -4.29
CA SER A 6 -6.93 9.78 -3.58
C SER A 6 -6.20 10.55 -2.48
N ALA A 7 -6.36 11.88 -2.46
CA ALA A 7 -5.87 12.75 -1.39
C ALA A 7 -6.76 12.72 -0.13
N GLU A 8 -7.99 12.21 -0.25
CA GLU A 8 -9.02 12.16 0.80
C GLU A 8 -8.92 10.86 1.64
N ALA A 9 -7.70 10.41 1.92
CA ALA A 9 -7.42 9.25 2.78
C ALA A 9 -7.88 9.48 4.24
N PRO A 10 -8.13 8.40 5.01
CA PRO A 10 -8.47 8.49 6.43
C PRO A 10 -7.29 8.99 7.27
N ALA A 11 -7.58 9.47 8.48
CA ALA A 11 -6.57 9.74 9.49
C ALA A 11 -6.02 8.43 10.09
N ARG A 12 -4.78 8.45 10.59
CA ARG A 12 -4.14 7.25 11.16
C ARG A 12 -4.88 6.71 12.40
N ASP A 13 -5.57 7.60 13.14
CA ASP A 13 -6.48 7.26 14.23
C ASP A 13 -7.76 6.52 13.78
N GLU A 14 -8.25 6.80 12.57
CA GLU A 14 -9.39 6.09 11.96
C GLU A 14 -8.95 4.75 11.35
N LEU A 15 -7.75 4.72 10.76
CA LEU A 15 -7.08 3.54 10.21
C LEU A 15 -6.78 2.51 11.32
N ASP A 16 -6.49 2.96 12.55
CA ASP A 16 -6.26 2.10 13.73
C ASP A 16 -7.48 1.25 14.10
N ARG A 17 -8.67 1.63 13.62
CA ARG A 17 -9.94 0.94 13.84
C ARG A 17 -10.16 -0.25 12.87
N LEU A 18 -9.35 -0.37 11.81
CA LEU A 18 -9.48 -1.48 10.84
C LEU A 18 -9.17 -2.85 11.46
N ALA A 19 -9.53 -3.95 10.78
CA ALA A 19 -9.29 -5.32 11.25
C ALA A 19 -8.75 -6.29 10.17
N GLY A 20 -9.32 -6.29 8.96
CA GLY A 20 -8.92 -7.19 7.88
C GLY A 20 -7.60 -6.79 7.21
N PRO A 21 -7.01 -7.66 6.37
CA PRO A 21 -5.74 -7.37 5.70
C PRO A 21 -5.93 -6.21 4.73
N THR A 22 -5.29 -5.08 5.05
CA THR A 22 -5.41 -3.81 4.28
C THR A 22 -4.02 -3.27 3.96
N LEU A 23 -3.69 -3.16 2.68
CA LEU A 23 -2.47 -2.51 2.22
C LEU A 23 -2.71 -0.99 2.06
N VAL A 24 -1.80 -0.16 2.57
CA VAL A 24 -1.85 1.30 2.47
C VAL A 24 -0.64 1.78 1.66
N GLU A 25 -0.91 2.32 0.47
CA GLU A 25 0.07 2.68 -0.55
C GLU A 25 0.21 4.19 -0.71
N PHE A 26 1.45 4.68 -0.67
CA PHE A 26 1.79 6.09 -0.82
C PHE A 26 2.38 6.36 -2.21
N GLY A 27 1.85 7.36 -2.91
CA GLY A 27 2.22 7.67 -4.30
C GLY A 27 1.36 8.76 -4.95
N THR A 28 1.36 8.82 -6.28
CA THR A 28 0.49 9.65 -7.13
C THR A 28 0.23 8.92 -8.44
N ASP A 29 -0.73 9.40 -9.24
CA ASP A 29 -1.03 8.76 -10.54
C ASP A 29 -0.05 9.19 -11.66
N TRP A 30 0.93 10.03 -11.32
CA TRP A 30 1.78 10.76 -12.27
C TRP A 30 3.31 10.66 -12.02
N CYS A 31 3.77 10.23 -10.83
CA CYS A 31 5.20 9.99 -10.59
C CYS A 31 5.73 8.76 -11.34
N GLY A 32 6.95 8.82 -11.86
CA GLY A 32 7.63 7.73 -12.58
C GLY A 32 7.92 6.50 -11.71
N HIS A 33 8.06 6.67 -10.38
CA HIS A 33 8.07 5.54 -9.45
C HIS A 33 6.74 4.78 -9.50
N CYS A 34 5.64 5.53 -9.42
CA CYS A 34 4.29 4.98 -9.44
C CYS A 34 3.94 4.32 -10.75
N GLN A 35 4.42 4.82 -11.89
CA GLN A 35 4.09 4.23 -13.19
C GLN A 35 4.64 2.79 -13.31
N ALA A 36 5.67 2.47 -12.53
CA ALA A 36 6.26 1.14 -12.41
C ALA A 36 5.57 0.29 -11.32
N ALA A 37 5.23 0.87 -10.16
CA ALA A 37 4.67 0.13 -9.03
C ALA A 37 3.14 -0.10 -9.15
N GLN A 38 2.41 0.79 -9.80
CA GLN A 38 0.96 0.68 -10.00
C GLN A 38 0.55 -0.61 -10.74
N PRO A 39 1.10 -0.93 -11.93
CA PRO A 39 0.81 -2.19 -12.60
C PRO A 39 1.43 -3.40 -11.87
N LEU A 40 2.41 -3.18 -10.99
CA LEU A 40 2.99 -4.23 -10.14
C LEU A 40 1.94 -4.71 -9.14
N LEU A 41 1.40 -3.78 -8.34
CA LEU A 41 0.38 -4.06 -7.34
C LEU A 41 -0.85 -4.65 -8.02
N ALA A 42 -1.26 -4.12 -9.16
CA ALA A 42 -2.39 -4.64 -9.95
C ALA A 42 -2.20 -6.12 -10.36
N GLU A 43 -0.98 -6.52 -10.71
CA GLU A 43 -0.66 -7.91 -11.07
C GLU A 43 -0.67 -8.83 -9.84
N VAL A 44 -0.05 -8.44 -8.72
CA VAL A 44 -0.09 -9.26 -7.48
C VAL A 44 -1.50 -9.36 -6.89
N PHE A 45 -2.21 -8.23 -6.72
CA PHE A 45 -3.56 -8.16 -6.12
C PHE A 45 -4.59 -9.04 -6.85
N SER A 46 -4.38 -9.34 -8.14
CA SER A 46 -5.26 -10.24 -8.91
C SER A 46 -5.29 -11.68 -8.37
N ASP A 47 -4.28 -12.12 -7.59
CA ASP A 47 -4.25 -13.42 -6.92
C ASP A 47 -4.66 -13.35 -5.43
N TYR A 48 -4.76 -12.13 -4.86
CA TYR A 48 -5.15 -11.86 -3.47
C TYR A 48 -6.31 -10.84 -3.32
N PRO A 49 -7.43 -10.97 -4.07
CA PRO A 49 -8.51 -9.98 -4.08
C PRO A 49 -9.21 -9.81 -2.72
N GLU A 50 -9.06 -10.75 -1.78
CA GLU A 50 -9.54 -10.62 -0.40
C GLU A 50 -8.78 -9.58 0.45
N VAL A 51 -7.61 -9.11 -0.01
CA VAL A 51 -6.87 -7.99 0.60
C VAL A 51 -7.45 -6.66 0.08
N GLY A 52 -7.58 -5.65 0.94
CA GLY A 52 -8.00 -4.29 0.59
C GLY A 52 -6.80 -3.40 0.23
N HIS A 53 -7.02 -2.34 -0.57
CA HIS A 53 -5.98 -1.36 -0.91
C HIS A 53 -6.45 0.08 -0.65
N LEU A 54 -5.61 0.91 -0.02
CA LEU A 54 -5.83 2.35 0.16
C LEU A 54 -4.73 3.11 -0.60
N LYS A 55 -5.10 3.76 -1.71
CA LYS A 55 -4.21 4.62 -2.50
C LYS A 55 -4.14 6.05 -1.93
N VAL A 56 -3.11 6.33 -1.13
CA VAL A 56 -2.87 7.64 -0.52
C VAL A 56 -2.06 8.52 -1.47
N GLU A 57 -2.71 9.57 -1.94
CA GLU A 57 -2.06 10.60 -2.73
C GLU A 57 -1.14 11.45 -1.82
N ASP A 58 0.17 11.33 -2.01
CA ASP A 58 1.19 11.98 -1.18
C ASP A 58 1.65 13.32 -1.78
N GLY A 59 1.89 14.31 -0.92
CA GLY A 59 2.29 15.67 -1.28
C GLY A 59 2.23 16.66 -0.11
N PRO A 60 2.43 17.97 -0.35
CA PRO A 60 2.32 19.00 0.68
C PRO A 60 0.88 19.08 1.21
N GLY A 61 0.75 19.22 2.53
CA GLY A 61 -0.55 19.24 3.23
C GLY A 61 -1.13 17.86 3.53
N ARG A 62 -0.43 16.77 3.18
CA ARG A 62 -0.80 15.37 3.51
C ARG A 62 0.27 14.76 4.45
N ARG A 63 -0.18 14.16 5.56
CA ARG A 63 0.67 13.77 6.71
C ARG A 63 0.80 12.25 6.91
N LEU A 64 -0.07 11.43 6.31
CA LEU A 64 -0.18 9.99 6.63
C LEU A 64 1.15 9.24 6.42
N GLY A 65 1.82 9.41 5.28
CA GLY A 65 3.10 8.75 4.98
C GLY A 65 4.26 9.18 5.88
N ARG A 66 4.21 10.42 6.40
CA ARG A 66 5.14 10.90 7.43
C ARG A 66 4.87 10.22 8.78
N SER A 67 3.61 10.01 9.16
CA SER A 67 3.21 9.28 10.37
C SER A 67 3.34 7.75 10.25
N PHE A 68 3.55 7.24 9.02
CA PHE A 68 4.07 5.90 8.76
C PHE A 68 5.59 5.84 8.71
N GLN A 69 6.28 6.99 8.66
CA GLN A 69 7.73 7.10 8.56
C GLN A 69 8.23 6.34 7.31
N VAL A 70 7.58 6.59 6.17
CA VAL A 70 7.90 6.01 4.85
C VAL A 70 9.36 6.29 4.46
N LYS A 71 10.03 5.26 3.95
CA LYS A 71 11.47 5.26 3.63
C LYS A 71 11.73 5.89 2.25
N LEU A 72 11.89 5.07 1.20
CA LEU A 72 11.82 5.55 -0.18
C LEU A 72 10.35 5.84 -0.50
N TRP A 73 10.10 6.89 -1.28
CA TRP A 73 8.74 7.39 -1.50
C TRP A 73 7.72 6.35 -2.00
N PRO A 74 8.04 5.44 -2.96
CA PRO A 74 7.14 4.35 -3.35
C PRO A 74 7.19 3.20 -2.32
N THR A 75 6.40 3.33 -1.26
CA THR A 75 6.23 2.33 -0.19
C THR A 75 4.75 2.04 -0.02
N PHE A 76 4.46 0.80 0.37
CA PHE A 76 3.14 0.36 0.77
C PHE A 76 3.25 -0.52 2.03
N VAL A 77 2.48 -0.15 3.05
CA VAL A 77 2.49 -0.73 4.40
C VAL A 77 1.30 -1.66 4.55
N PHE A 78 1.56 -2.93 4.90
CA PHE A 78 0.53 -3.95 5.13
C PHE A 78 0.04 -3.86 6.57
N LEU A 79 -1.24 -3.52 6.73
CA LEU A 79 -1.93 -3.47 8.01
C LEU A 79 -2.83 -4.70 8.15
N ARG A 80 -3.09 -5.03 9.41
CA ARG A 80 -4.04 -6.05 9.86
C ARG A 80 -4.26 -5.89 11.36
N ASP A 81 -5.49 -6.03 11.84
CA ASP A 81 -5.86 -5.88 13.26
C ASP A 81 -5.61 -4.44 13.80
N GLY A 82 -5.63 -3.45 12.90
CA GLY A 82 -5.33 -2.04 13.19
C GLY A 82 -3.83 -1.71 13.27
N ARG A 83 -2.95 -2.67 12.92
CA ARG A 83 -1.53 -2.66 13.22
C ARG A 83 -0.69 -3.07 12.01
N GLU A 84 0.49 -2.48 11.84
CA GLU A 84 1.42 -2.84 10.77
C GLU A 84 1.93 -4.27 10.98
N VAL A 85 1.65 -5.15 10.01
CA VAL A 85 2.18 -6.52 9.97
C VAL A 85 3.45 -6.62 9.13
N ALA A 86 3.65 -5.68 8.19
CA ALA A 86 4.80 -5.59 7.28
C ALA A 86 4.74 -4.29 6.47
N ARG A 87 5.76 -4.09 5.63
CA ARG A 87 5.71 -3.17 4.50
C ARG A 87 6.67 -3.60 3.41
N VAL A 88 6.40 -3.17 2.19
CA VAL A 88 7.26 -3.36 1.01
C VAL A 88 7.56 -1.98 0.42
N VAL A 89 8.81 -1.79 -0.04
CA VAL A 89 9.34 -0.53 -0.58
C VAL A 89 10.18 -0.83 -1.81
N ARG A 90 10.01 -0.01 -2.87
CA ARG A 90 10.70 -0.11 -4.15
C ARG A 90 10.59 -1.53 -4.78
N PRO A 91 9.39 -1.98 -5.24
CA PRO A 91 9.16 -3.35 -5.71
C PRO A 91 10.05 -3.66 -6.93
N GLY A 92 10.87 -4.71 -6.81
CA GLY A 92 11.86 -5.08 -7.85
C GLY A 92 11.28 -5.93 -8.99
N SER A 93 10.25 -6.71 -8.68
CA SER A 93 9.48 -7.55 -9.60
C SER A 93 8.27 -8.16 -8.88
N ALA A 94 7.27 -8.65 -9.62
CA ALA A 94 6.07 -9.27 -9.09
C ALA A 94 6.39 -10.44 -8.15
N SER A 95 7.44 -11.22 -8.42
CA SER A 95 7.93 -12.26 -7.50
C SER A 95 8.19 -11.74 -6.07
N VAL A 96 8.80 -10.56 -5.93
CA VAL A 96 9.13 -9.93 -4.64
C VAL A 96 7.88 -9.35 -3.97
N LEU A 97 6.97 -8.75 -4.76
CA LEU A 97 5.71 -8.21 -4.24
C LEU A 97 4.75 -9.32 -3.80
N GLU A 98 4.52 -10.33 -4.66
CA GLU A 98 3.77 -11.54 -4.36
C GLU A 98 4.29 -12.29 -3.13
N GLU A 99 5.62 -12.41 -2.97
CA GLU A 99 6.27 -13.06 -1.80
C GLU A 99 5.88 -12.41 -0.46
N ALA A 100 5.67 -11.09 -0.46
CA ALA A 100 5.14 -10.38 0.70
C ALA A 100 3.62 -10.57 0.81
N PHE A 101 2.87 -10.47 -0.28
CA PHE A 101 1.42 -10.58 -0.26
C PHE A 101 0.96 -11.93 0.33
N GLU A 102 1.52 -13.04 -0.14
CA GLU A 102 1.24 -14.37 0.43
C GLU A 102 1.59 -14.50 1.92
N SER A 103 2.61 -13.77 2.37
CA SER A 103 3.02 -13.77 3.77
C SER A 103 2.04 -12.98 4.67
N LEU A 104 1.37 -11.94 4.13
CA LEU A 104 0.48 -11.06 4.90
C LEU A 104 -1.00 -11.35 4.70
N VAL A 105 -1.37 -11.97 3.59
CA VAL A 105 -2.71 -12.55 3.35
C VAL A 105 -2.95 -13.74 4.27
N GLY A 106 -1.88 -14.43 4.68
CA GLY A 106 -1.91 -15.61 5.55
C GLY A 106 -1.89 -16.93 4.78
N GLU A 107 -1.41 -16.92 3.53
CA GLU A 107 -1.15 -18.14 2.75
C GLU A 107 0.16 -18.82 3.21
N GLY A 108 1.13 -18.03 3.71
CA GLY A 108 2.28 -18.54 4.49
C GLY A 108 1.85 -19.02 5.88
N MET A 1 -13.99 7.43 -9.92
CA MET A 1 -12.91 7.90 -9.06
C MET A 1 -12.13 6.76 -8.38
N LYS A 2 -12.68 5.54 -8.36
CA LYS A 2 -12.12 4.36 -7.69
C LYS A 2 -10.88 3.75 -8.41
N THR A 3 -10.61 4.15 -9.66
CA THR A 3 -9.54 3.64 -10.53
C THR A 3 -8.16 4.10 -10.07
N ARG A 4 -7.90 5.41 -10.18
CA ARG A 4 -6.67 6.09 -9.76
C ARG A 4 -6.56 6.24 -8.23
N TYR A 5 -5.51 6.92 -7.75
CA TYR A 5 -5.30 7.24 -6.34
C TYR A 5 -6.38 8.16 -5.73
N SER A 6 -6.52 8.15 -4.40
CA SER A 6 -7.52 8.93 -3.66
C SER A 6 -6.89 9.89 -2.64
N ALA A 7 -7.21 11.19 -2.74
CA ALA A 7 -6.82 12.19 -1.74
C ALA A 7 -7.70 12.16 -0.47
N GLU A 8 -8.94 11.67 -0.58
CA GLU A 8 -9.93 11.54 0.50
C GLU A 8 -9.66 10.36 1.47
N ALA A 9 -8.39 10.03 1.69
CA ALA A 9 -7.95 8.99 2.62
C ALA A 9 -8.32 9.31 4.10
N PRO A 10 -8.39 8.27 4.97
CA PRO A 10 -8.62 8.43 6.40
C PRO A 10 -7.43 9.10 7.11
N ALA A 11 -7.71 9.67 8.29
CA ALA A 11 -6.70 10.09 9.26
C ALA A 11 -6.13 8.88 10.04
N ARG A 12 -5.00 9.07 10.72
CA ARG A 12 -4.31 8.03 11.50
C ARG A 12 -5.23 7.36 12.53
N ASP A 13 -6.07 8.15 13.22
CA ASP A 13 -7.00 7.68 14.25
C ASP A 13 -8.21 6.92 13.67
N GLU A 14 -8.63 7.27 12.46
CA GLU A 14 -9.71 6.58 11.72
C GLU A 14 -9.20 5.24 11.14
N LEU A 15 -7.94 5.22 10.68
CA LEU A 15 -7.24 4.02 10.23
C LEU A 15 -6.98 3.03 11.36
N ASP A 16 -6.62 3.50 12.56
CA ASP A 16 -6.29 2.66 13.73
C ASP A 16 -7.46 1.77 14.18
N ARG A 17 -8.68 2.16 13.81
CA ARG A 17 -9.95 1.47 14.10
C ARG A 17 -10.26 0.33 13.12
N LEU A 18 -9.51 0.19 12.01
CA LEU A 18 -9.70 -0.94 11.07
C LEU A 18 -9.33 -2.30 11.71
N ALA A 19 -9.69 -3.41 11.05
CA ALA A 19 -9.43 -4.76 11.57
C ALA A 19 -8.97 -5.80 10.53
N GLY A 20 -9.44 -5.72 9.28
CA GLY A 20 -9.21 -6.76 8.26
C GLY A 20 -7.82 -6.69 7.61
N PRO A 21 -7.44 -7.72 6.82
CA PRO A 21 -6.17 -7.78 6.09
C PRO A 21 -6.15 -6.69 5.01
N THR A 22 -5.34 -5.66 5.27
CA THR A 22 -5.30 -4.41 4.51
C THR A 22 -3.89 -4.17 3.94
N LEU A 23 -3.80 -3.45 2.84
CA LEU A 23 -2.55 -2.85 2.35
C LEU A 23 -2.78 -1.35 2.10
N VAL A 24 -1.99 -0.49 2.75
CA VAL A 24 -2.07 0.97 2.59
C VAL A 24 -0.90 1.43 1.74
N GLU A 25 -1.20 1.93 0.54
CA GLU A 25 -0.24 2.35 -0.48
C GLU A 25 -0.18 3.88 -0.59
N PHE A 26 1.04 4.44 -0.56
CA PHE A 26 1.32 5.86 -0.76
C PHE A 26 1.90 6.09 -2.17
N GLY A 27 1.39 7.10 -2.87
CA GLY A 27 1.86 7.44 -4.22
C GLY A 27 0.98 8.46 -4.95
N THR A 28 1.15 8.55 -6.27
CA THR A 28 0.30 9.31 -7.21
C THR A 28 0.14 8.53 -8.51
N ASP A 29 -0.69 9.01 -9.43
CA ASP A 29 -0.85 8.38 -10.75
C ASP A 29 0.22 8.86 -11.76
N TRP A 30 1.12 9.76 -11.35
CA TRP A 30 2.00 10.51 -12.24
C TRP A 30 3.50 10.48 -11.90
N CYS A 31 3.91 10.11 -10.68
CA CYS A 31 5.32 9.94 -10.33
C CYS A 31 5.96 8.75 -11.06
N GLY A 32 7.22 8.89 -11.49
CA GLY A 32 8.01 7.84 -12.16
C GLY A 32 8.29 6.63 -11.29
N HIS A 33 8.33 6.79 -9.97
CA HIS A 33 8.33 5.65 -9.04
C HIS A 33 7.02 4.84 -9.13
N CYS A 34 5.89 5.55 -9.12
CA CYS A 34 4.57 4.96 -9.23
C CYS A 34 4.34 4.26 -10.57
N GLN A 35 4.88 4.77 -11.67
CA GLN A 35 4.68 4.16 -12.99
C GLN A 35 5.28 2.73 -13.05
N ALA A 36 6.26 2.46 -12.18
CA ALA A 36 6.89 1.16 -12.00
C ALA A 36 6.18 0.28 -10.96
N ALA A 37 5.70 0.84 -9.86
CA ALA A 37 5.08 0.09 -8.76
C ALA A 37 3.58 -0.18 -8.96
N GLN A 38 2.86 0.70 -9.68
CA GLN A 38 1.44 0.54 -9.98
C GLN A 38 1.14 -0.76 -10.75
N PRO A 39 1.79 -1.05 -11.90
CA PRO A 39 1.59 -2.31 -12.61
C PRO A 39 2.17 -3.51 -11.84
N LEU A 40 3.06 -3.25 -10.86
CA LEU A 40 3.61 -4.30 -10.00
C LEU A 40 2.51 -4.83 -9.08
N LEU A 41 1.86 -3.93 -8.33
CA LEU A 41 0.73 -4.26 -7.45
C LEU A 41 -0.35 -4.92 -8.29
N ALA A 42 -0.69 -4.37 -9.46
CA ALA A 42 -1.71 -4.92 -10.36
C ALA A 42 -1.43 -6.39 -10.78
N GLU A 43 -0.16 -6.78 -10.92
CA GLU A 43 0.22 -8.17 -11.23
C GLU A 43 0.09 -9.08 -10.00
N VAL A 44 0.62 -8.68 -8.82
CA VAL A 44 0.51 -9.50 -7.58
C VAL A 44 -0.96 -9.63 -7.12
N PHE A 45 -1.71 -8.53 -7.06
CA PHE A 45 -3.07 -8.47 -6.53
C PHE A 45 -4.08 -9.36 -7.28
N SER A 46 -3.79 -9.71 -8.53
CA SER A 46 -4.62 -10.64 -9.32
C SER A 46 -4.78 -12.02 -8.65
N ASP A 47 -3.88 -12.42 -7.74
CA ASP A 47 -3.96 -13.67 -6.97
C ASP A 47 -4.45 -13.49 -5.51
N TYR A 48 -4.57 -12.24 -5.01
CA TYR A 48 -4.97 -11.91 -3.63
C TYR A 48 -6.11 -10.87 -3.52
N PRO A 49 -7.18 -10.93 -4.34
CA PRO A 49 -8.24 -9.92 -4.36
C PRO A 49 -9.00 -9.77 -3.02
N GLU A 50 -8.88 -10.74 -2.09
CA GLU A 50 -9.43 -10.66 -0.74
C GLU A 50 -8.71 -9.63 0.17
N VAL A 51 -7.50 -9.17 -0.18
CA VAL A 51 -6.80 -8.10 0.56
C VAL A 51 -7.43 -6.74 0.20
N GLY A 52 -7.59 -5.83 1.18
CA GLY A 52 -8.15 -4.49 0.94
C GLY A 52 -7.07 -3.46 0.63
N HIS A 53 -7.00 -2.96 -0.61
CA HIS A 53 -6.00 -1.93 -0.99
C HIS A 53 -6.55 -0.52 -0.76
N LEU A 54 -5.76 0.35 -0.10
CA LEU A 54 -6.04 1.77 0.10
C LEU A 54 -5.00 2.62 -0.62
N LYS A 55 -5.39 3.22 -1.75
CA LYS A 55 -4.55 4.10 -2.56
C LYS A 55 -4.54 5.54 -2.01
N VAL A 56 -3.58 5.90 -1.17
CA VAL A 56 -3.45 7.25 -0.58
C VAL A 56 -2.62 8.14 -1.49
N GLU A 57 -3.27 9.20 -1.97
CA GLU A 57 -2.64 10.20 -2.81
C GLU A 57 -1.76 11.15 -1.98
N ASP A 58 -0.45 11.16 -2.27
CA ASP A 58 0.54 12.00 -1.60
C ASP A 58 0.90 13.26 -2.43
N GLY A 59 1.66 14.20 -1.85
CA GLY A 59 2.02 15.48 -2.48
C GLY A 59 3.19 16.20 -1.80
N PRO A 60 3.46 17.47 -2.18
CA PRO A 60 4.57 18.27 -1.63
C PRO A 60 4.55 18.36 -0.10
N GLY A 61 3.35 18.53 0.50
CA GLY A 61 3.11 18.26 1.91
C GLY A 61 2.58 16.83 2.06
N ARG A 62 3.35 15.96 2.71
CA ARG A 62 3.08 14.50 2.68
C ARG A 62 1.94 14.11 3.63
N ARG A 63 1.02 13.27 3.13
CA ARG A 63 -0.26 12.93 3.75
C ARG A 63 -0.11 11.90 4.87
N LEU A 64 -0.10 10.60 4.54
CA LEU A 64 -0.17 9.49 5.52
C LEU A 64 1.17 8.76 5.71
N GLY A 65 2.00 8.62 4.67
CA GLY A 65 3.33 7.96 4.76
C GLY A 65 4.30 8.69 5.70
N ARG A 66 4.05 9.99 5.93
CA ARG A 66 4.62 10.80 7.02
C ARG A 66 4.42 10.14 8.39
N SER A 67 3.21 9.71 8.72
CA SER A 67 2.81 9.11 10.01
C SER A 67 3.03 7.59 10.06
N PHE A 68 3.46 6.97 8.95
CA PHE A 68 4.12 5.65 8.91
C PHE A 68 5.64 5.76 8.93
N GLN A 69 6.21 6.97 8.93
CA GLN A 69 7.65 7.24 8.97
C GLN A 69 8.36 6.52 7.80
N VAL A 70 7.77 6.62 6.60
CA VAL A 70 8.25 5.98 5.36
C VAL A 70 9.65 6.49 4.95
N LYS A 71 10.53 5.57 4.55
CA LYS A 71 11.90 5.86 4.07
C LYS A 71 11.88 6.31 2.59
N LEU A 72 11.92 5.37 1.63
CA LEU A 72 11.74 5.69 0.20
C LEU A 72 10.25 5.82 -0.12
N TRP A 73 9.90 6.83 -0.93
CA TRP A 73 8.52 7.24 -1.16
C TRP A 73 7.58 6.14 -1.71
N PRO A 74 7.95 5.31 -2.72
CA PRO A 74 7.11 4.22 -3.19
C PRO A 74 7.11 3.08 -2.17
N THR A 75 6.16 3.12 -1.24
CA THR A 75 6.01 2.20 -0.11
C THR A 75 4.55 1.90 0.12
N PHE A 76 4.29 0.67 0.54
CA PHE A 76 2.98 0.19 0.92
C PHE A 76 3.11 -0.70 2.16
N VAL A 77 2.29 -0.39 3.16
CA VAL A 77 2.32 -0.97 4.52
C VAL A 77 1.16 -1.95 4.66
N PHE A 78 1.48 -3.20 4.96
CA PHE A 78 0.50 -4.28 5.15
C PHE A 78 -0.02 -4.21 6.60
N LEU A 79 -1.33 -4.06 6.77
CA LEU A 79 -2.02 -3.88 8.05
C LEU A 79 -2.94 -5.09 8.35
N ARG A 80 -3.19 -5.28 9.64
CA ARG A 80 -4.14 -6.26 10.21
C ARG A 80 -4.40 -5.91 11.67
N ASP A 81 -5.65 -6.00 12.12
CA ASP A 81 -6.10 -5.65 13.49
C ASP A 81 -5.89 -4.15 13.81
N GLY A 82 -5.78 -3.30 12.77
CA GLY A 82 -5.52 -1.86 12.90
C GLY A 82 -4.04 -1.48 12.99
N ARG A 83 -3.14 -2.48 13.06
CA ARG A 83 -1.70 -2.32 13.22
C ARG A 83 -0.96 -2.82 11.99
N GLU A 84 0.25 -2.33 11.77
CA GLU A 84 1.18 -2.83 10.75
C GLU A 84 1.63 -4.27 11.09
N VAL A 85 1.54 -5.17 10.11
CA VAL A 85 2.12 -6.53 10.14
C VAL A 85 3.41 -6.63 9.32
N ALA A 86 3.60 -5.75 8.33
CA ALA A 86 4.76 -5.66 7.46
C ALA A 86 4.70 -4.39 6.59
N ARG A 87 5.73 -4.18 5.76
CA ARG A 87 5.66 -3.25 4.63
C ARG A 87 6.63 -3.66 3.53
N VAL A 88 6.37 -3.20 2.32
CA VAL A 88 7.29 -3.34 1.18
C VAL A 88 7.69 -1.93 0.73
N VAL A 89 9.00 -1.65 0.75
CA VAL A 89 9.63 -0.40 0.29
C VAL A 89 10.39 -0.72 -0.99
N ARG A 90 10.14 0.01 -2.09
CA ARG A 90 10.80 -0.14 -3.40
C ARG A 90 10.69 -1.60 -3.96
N PRO A 91 9.55 -1.99 -4.56
CA PRO A 91 9.37 -3.34 -5.10
C PRO A 91 10.36 -3.58 -6.26
N GLY A 92 11.23 -4.59 -6.13
CA GLY A 92 12.26 -4.89 -7.13
C GLY A 92 11.78 -5.73 -8.31
N SER A 93 10.71 -6.50 -8.11
CA SER A 93 10.06 -7.40 -9.07
C SER A 93 8.81 -8.03 -8.44
N ALA A 94 7.91 -8.58 -9.24
CA ALA A 94 6.75 -9.34 -8.77
C ALA A 94 7.17 -10.47 -7.82
N SER A 95 8.33 -11.09 -8.05
CA SER A 95 8.89 -12.12 -7.16
C SER A 95 9.18 -11.62 -5.72
N VAL A 96 9.37 -10.30 -5.52
CA VAL A 96 9.54 -9.66 -4.20
C VAL A 96 8.17 -9.26 -3.63
N LEU A 97 7.30 -8.68 -4.46
CA LEU A 97 5.97 -8.21 -4.05
C LEU A 97 5.03 -9.37 -3.70
N GLU A 98 4.91 -10.36 -4.59
CA GLU A 98 4.14 -11.59 -4.35
C GLU A 98 4.60 -12.32 -3.08
N GLU A 99 5.91 -12.46 -2.87
CA GLU A 99 6.50 -13.09 -1.67
C GLU A 99 6.02 -12.44 -0.37
N ALA A 100 5.89 -11.12 -0.34
CA ALA A 100 5.32 -10.43 0.82
C ALA A 100 3.79 -10.60 0.88
N PHE A 101 3.08 -10.60 -0.25
CA PHE A 101 1.62 -10.74 -0.27
C PHE A 101 1.20 -12.08 0.34
N GLU A 102 1.78 -13.18 -0.15
CA GLU A 102 1.51 -14.51 0.40
C GLU A 102 1.89 -14.63 1.88
N SER A 103 2.96 -13.95 2.30
CA SER A 103 3.42 -13.96 3.67
C SER A 103 2.48 -13.23 4.65
N LEU A 104 1.71 -12.23 4.17
CA LEU A 104 0.78 -11.44 4.98
C LEU A 104 -0.68 -11.86 4.79
N VAL A 105 -1.04 -12.45 3.65
CA VAL A 105 -2.36 -13.06 3.42
C VAL A 105 -2.52 -14.39 4.19
N GLY A 106 -1.39 -15.02 4.57
CA GLY A 106 -1.34 -16.29 5.31
C GLY A 106 -1.15 -17.54 4.45
N GLU A 107 -0.84 -17.40 3.15
CA GLU A 107 -0.61 -18.50 2.22
C GLU A 107 0.87 -18.95 2.16
N GLY A 108 1.80 -18.13 2.67
CA GLY A 108 3.25 -18.37 2.67
C GLY A 108 3.72 -19.38 3.72
#